data_6S4G
#
_entry.id   6S4G
#
_cell.length_a   60.909
_cell.length_b   61.973
_cell.length_c   118.810
_cell.angle_alpha   75.070
_cell.angle_beta   81.310
_cell.angle_gamma   75.300
#
_symmetry.space_group_name_H-M   'P 1'
#
loop_
_entity.id
_entity.type
_entity.pdbx_description
1 polymer 'Probable aminotransferase'
2 non-polymer "4'-DEOXY-4'-AMINOPYRIDOXAL-5'-PHOSPHATE"
3 non-polymer 1,2-ETHANEDIOL
4 non-polymer DI(HYDROXYETHYL)ETHER
5 water water
#
_entity_poly.entity_id   1
_entity_poly.type   'polypeptide(L)'
_entity_poly.pdbx_seq_one_letter_code
;HHHHHHMQKQRTTSQWRELDAAHHLHPFTDTASLNQAGARVMTRGEGVYLWDSEGNKIIDGMAGLWCVNVGYGRKDFAEA
ARRQMEELPFYNTFFKTTHPAVVELSSLLAEVTPAGFDRVFYTNSGSESVDTMIRMVRRYWDVQGKPEKKTLIGRWNGYH
GSTIGGASLGGMKYMHEQGDLPIPGMAHIEQPWWYKHGKDMTPDEFGVVAARWLEEKILEIGADKVAAFVGEPIQGAGGV
IVPPATYWPEIERICRKYDVLLVADEVICGFGRTGEWFGHQHFGFQPDLFTAAKGLSSGYLPIGAVFVGKRVAEGLIAGG
DFNHGFTYSGHPVCAAVAHANVAALRDEGIVQRVKDDIGPYMQKRWRETFSRFEHVDDVRGVGMVQAFTLVKNKAKRELF
PDFGEIGTLCRDIFFRNNLIMRACGDHIVSAPPLVMTRAEVDEMLAVAERCLEEFEQTLKARGLA
;
_entity_poly.pdbx_strand_id   A,B,C,D
#
# COMPACT_ATOMS: atom_id res chain seq x y z
N THR A 12 -15.88 -14.59 -22.04
CA THR A 12 -17.35 -14.65 -22.22
C THR A 12 -17.97 -13.28 -21.94
N THR A 13 -19.23 -13.09 -22.34
CA THR A 13 -20.04 -11.89 -21.97
C THR A 13 -19.99 -11.70 -20.45
N SER A 14 -20.27 -12.76 -19.69
CA SER A 14 -20.29 -12.76 -18.20
C SER A 14 -18.96 -12.25 -17.63
N GLN A 15 -17.83 -12.76 -18.12
CA GLN A 15 -16.48 -12.40 -17.61
C GLN A 15 -16.22 -10.92 -17.93
N TRP A 16 -16.51 -10.49 -19.16
CA TRP A 16 -16.32 -9.06 -19.54
C TRP A 16 -17.16 -8.17 -18.63
N ARG A 17 -18.42 -8.53 -18.37
CA ARG A 17 -19.35 -7.70 -17.53
C ARG A 17 -18.81 -7.64 -16.10
N GLU A 18 -18.34 -8.75 -15.56
CA GLU A 18 -17.83 -8.80 -14.17
C GLU A 18 -16.60 -7.89 -14.04
N LEU A 19 -15.66 -7.98 -14.99
CA LEU A 19 -14.43 -7.14 -14.98
C LEU A 19 -14.82 -5.68 -15.15
N ASP A 20 -15.77 -5.38 -16.06
CA ASP A 20 -16.21 -3.98 -16.26
C ASP A 20 -16.79 -3.44 -14.94
N ALA A 21 -17.68 -4.18 -14.29
CA ALA A 21 -18.31 -3.78 -13.02
C ALA A 21 -17.22 -3.58 -11.94
N ALA A 22 -16.23 -4.47 -11.89
CA ALA A 22 -15.21 -4.42 -10.82
C ALA A 22 -14.27 -3.20 -11.03
N HIS A 23 -13.97 -2.80 -12.27
CA HIS A 23 -12.77 -1.95 -12.57
C HIS A 23 -13.05 -0.64 -13.31
N HIS A 24 -14.22 -0.44 -13.95
CA HIS A 24 -14.39 0.65 -14.94
C HIS A 24 -15.49 1.60 -14.45
N LEU A 25 -15.19 2.89 -14.30
CA LEU A 25 -16.20 3.96 -14.04
C LEU A 25 -16.51 4.65 -15.35
N HIS A 26 -17.78 4.64 -15.76
CA HIS A 26 -18.19 5.13 -17.10
C HIS A 26 -18.61 6.59 -17.08
N PRO A 27 -18.47 7.31 -18.20
CA PRO A 27 -19.05 8.65 -18.35
C PRO A 27 -20.57 8.65 -18.20
N PHE A 28 -21.12 9.69 -17.53
CA PHE A 28 -22.56 10.01 -17.48
C PHE A 28 -23.35 8.74 -17.16
N THR A 29 -22.96 8.04 -16.11
CA THR A 29 -23.55 6.74 -15.75
C THR A 29 -23.84 6.70 -14.27
N ASP A 30 -24.92 6.01 -13.92
CA ASP A 30 -25.20 5.56 -12.54
C ASP A 30 -24.47 4.22 -12.40
N THR A 31 -23.27 4.22 -11.81
CA THR A 31 -22.43 3.01 -11.76
C THR A 31 -23.19 1.84 -11.10
N ALA A 32 -23.81 2.04 -9.94
CA ALA A 32 -24.46 0.95 -9.18
C ALA A 32 -25.54 0.33 -10.08
N SER A 33 -26.35 1.13 -10.78
CA SER A 33 -27.43 0.65 -11.69
C SER A 33 -26.83 -0.11 -12.88
N LEU A 34 -25.80 0.44 -13.53
CA LEU A 34 -25.16 -0.24 -14.69
C LEU A 34 -24.57 -1.59 -14.23
N ASN A 35 -23.88 -1.63 -13.09
CA ASN A 35 -23.20 -2.86 -12.62
C ASN A 35 -24.26 -3.92 -12.28
N GLN A 36 -25.43 -3.50 -11.80
CA GLN A 36 -26.55 -4.44 -11.51
C GLN A 36 -27.14 -4.93 -12.84
N ALA A 37 -27.30 -4.09 -13.85
CA ALA A 37 -27.92 -4.42 -15.16
C ALA A 37 -26.98 -5.30 -16.01
N GLY A 38 -25.66 -5.06 -15.99
CA GLY A 38 -24.66 -5.66 -16.88
C GLY A 38 -24.47 -4.76 -18.10
N ALA A 39 -23.23 -4.38 -18.41
CA ALA A 39 -22.90 -3.53 -19.58
C ALA A 39 -23.07 -4.35 -20.87
N ARG A 40 -23.57 -3.70 -21.93
CA ARG A 40 -23.57 -4.28 -23.30
C ARG A 40 -22.15 -4.17 -23.88
N VAL A 41 -21.54 -5.28 -24.24
CA VAL A 41 -20.12 -5.31 -24.71
C VAL A 41 -20.12 -5.29 -26.25
N MET A 42 -19.68 -4.17 -26.83
CA MET A 42 -19.56 -3.98 -28.31
C MET A 42 -18.17 -4.48 -28.71
N THR A 43 -18.10 -5.35 -29.72
CA THR A 43 -16.82 -6.04 -30.07
C THR A 43 -16.29 -5.60 -31.44
N ARG A 44 -17.15 -5.36 -32.44
CA ARG A 44 -16.64 -5.03 -33.81
C ARG A 44 -17.63 -4.13 -34.55
N GLY A 45 -17.12 -3.39 -35.52
CA GLY A 45 -17.92 -2.45 -36.33
C GLY A 45 -17.60 -2.65 -37.78
N GLU A 46 -18.59 -2.56 -38.65
CA GLU A 46 -18.37 -2.51 -40.10
C GLU A 46 -19.43 -1.63 -40.72
N GLY A 47 -19.02 -0.59 -41.44
CA GLY A 47 -19.96 0.32 -42.14
C GLY A 47 -20.84 1.01 -41.12
N VAL A 48 -22.14 0.74 -41.16
CA VAL A 48 -23.09 1.37 -40.21
C VAL A 48 -23.44 0.40 -39.08
N TYR A 49 -22.85 -0.80 -39.07
CA TYR A 49 -23.25 -1.88 -38.16
C TYR A 49 -22.22 -2.11 -37.06
N LEU A 50 -22.72 -2.57 -35.92
CA LEU A 50 -21.93 -3.07 -34.76
C LEU A 50 -22.33 -4.52 -34.49
N TRP A 51 -21.44 -5.26 -33.85
CA TRP A 51 -21.75 -6.58 -33.24
C TRP A 51 -21.39 -6.50 -31.75
N ASP A 52 -22.21 -7.12 -30.90
CA ASP A 52 -21.93 -7.22 -29.43
C ASP A 52 -21.44 -8.64 -29.13
N SER A 53 -21.06 -8.85 -27.87
CA SER A 53 -20.44 -10.13 -27.41
C SER A 53 -21.43 -11.30 -27.51
N GLU A 54 -22.74 -11.05 -27.68
CA GLU A 54 -23.77 -12.12 -27.82
C GLU A 54 -24.06 -12.39 -29.31
N GLY A 55 -23.33 -11.75 -30.24
CA GLY A 55 -23.50 -11.99 -31.70
C GLY A 55 -24.67 -11.19 -32.32
N ASN A 56 -25.26 -10.25 -31.60
CA ASN A 56 -26.32 -9.39 -32.21
C ASN A 56 -25.67 -8.45 -33.23
N LYS A 57 -26.23 -8.34 -34.43
CA LYS A 57 -25.87 -7.24 -35.37
C LYS A 57 -26.77 -6.03 -35.11
N ILE A 58 -26.16 -4.87 -34.95
CA ILE A 58 -26.84 -3.65 -34.45
C ILE A 58 -26.70 -2.56 -35.52
N ILE A 59 -27.79 -1.87 -35.82
CA ILE A 59 -27.72 -0.64 -36.66
C ILE A 59 -27.28 0.52 -35.77
N ASP A 60 -26.14 1.14 -36.05
CA ASP A 60 -25.66 2.27 -35.23
C ASP A 60 -26.22 3.59 -35.77
N GLY A 61 -27.42 3.93 -35.34
CA GLY A 61 -28.04 5.18 -35.75
C GLY A 61 -27.48 6.38 -35.05
N MET A 62 -26.43 6.22 -34.25
CA MET A 62 -25.76 7.36 -33.57
C MET A 62 -24.28 7.51 -33.97
N ALA A 63 -23.75 6.68 -34.89
CA ALA A 63 -22.35 6.83 -35.37
C ALA A 63 -21.42 6.94 -34.16
N GLY A 64 -21.47 5.97 -33.27
CA GLY A 64 -20.60 5.96 -32.09
C GLY A 64 -21.15 6.89 -31.06
N LEU A 65 -20.77 8.16 -31.13
CA LEU A 65 -21.42 9.23 -30.37
C LEU A 65 -21.39 10.49 -31.25
N TRP A 66 -22.25 10.51 -32.26
CA TRP A 66 -22.39 11.58 -33.28
C TRP A 66 -21.06 11.81 -34.04
N CYS A 67 -20.16 10.84 -34.11
CA CYS A 67 -18.79 11.14 -34.54
C CYS A 67 -18.22 10.21 -35.61
N VAL A 68 -18.71 8.97 -35.79
CA VAL A 68 -18.05 8.03 -36.73
C VAL A 68 -18.59 8.34 -38.13
N ASN A 69 -18.17 9.47 -38.70
CA ASN A 69 -18.85 10.07 -39.86
C ASN A 69 -18.59 9.23 -41.11
N VAL A 70 -17.42 8.60 -41.25
CA VAL A 70 -17.09 7.79 -42.45
C VAL A 70 -17.48 6.32 -42.19
N GLY A 71 -18.12 6.01 -41.06
CA GLY A 71 -18.47 4.62 -40.75
C GLY A 71 -17.27 3.82 -40.25
N TYR A 72 -17.55 2.63 -39.75
CA TYR A 72 -16.56 1.67 -39.21
C TYR A 72 -15.83 0.96 -40.34
N GLY A 73 -14.65 0.43 -40.07
CA GLY A 73 -13.94 -0.51 -40.97
C GLY A 73 -13.01 0.17 -41.96
N ARG A 74 -12.54 1.41 -41.71
CA ARG A 74 -11.54 2.07 -42.59
C ARG A 74 -10.16 1.47 -42.30
N LYS A 75 -9.76 0.46 -43.06
CA LYS A 75 -8.43 -0.15 -42.90
C LYS A 75 -7.34 0.84 -43.29
N ASP A 76 -7.63 1.76 -44.22
CA ASP A 76 -6.66 2.77 -44.67
C ASP A 76 -6.33 3.69 -43.48
N PHE A 77 -7.31 3.99 -42.62
CA PHE A 77 -7.03 4.86 -41.46
C PHE A 77 -6.10 4.11 -40.50
N ALA A 78 -6.34 2.82 -40.29
CA ALA A 78 -5.50 2.00 -39.40
C ALA A 78 -4.07 1.94 -39.94
N GLU A 79 -3.91 1.84 -41.25
CA GLU A 79 -2.58 1.85 -41.90
C GLU A 79 -1.89 3.20 -41.68
N ALA A 80 -2.61 4.32 -41.82
CA ALA A 80 -2.03 5.67 -41.63
C ALA A 80 -1.54 5.79 -40.17
N ALA A 81 -2.31 5.24 -39.24
CA ALA A 81 -1.98 5.27 -37.79
C ALA A 81 -0.71 4.43 -37.56
N ARG A 82 -0.69 3.22 -38.08
CA ARG A 82 0.43 2.28 -37.91
C ARG A 82 1.71 2.95 -38.42
N ARG A 83 1.67 3.46 -39.65
CA ARG A 83 2.87 4.05 -40.30
C ARG A 83 3.37 5.22 -39.45
N GLN A 84 2.48 6.12 -39.02
CA GLN A 84 2.93 7.31 -38.25
C GLN A 84 3.45 6.86 -36.89
N MET A 85 2.80 5.88 -36.28
CA MET A 85 3.21 5.43 -34.92
C MET A 85 4.61 4.80 -35.00
N GLU A 86 4.93 4.07 -36.07
CA GLU A 86 6.30 3.49 -36.22
C GLU A 86 7.32 4.61 -36.42
N GLU A 87 7.01 5.65 -37.18
CA GLU A 87 7.99 6.67 -37.60
C GLU A 87 8.28 7.60 -36.44
N LEU A 88 7.22 8.21 -35.88
CA LEU A 88 7.35 9.16 -34.76
C LEU A 88 6.01 9.19 -34.05
N PRO A 89 5.89 8.38 -32.97
CA PRO A 89 4.59 8.18 -32.33
C PRO A 89 4.14 9.47 -31.64
N PHE A 90 5.11 10.23 -31.17
CA PHE A 90 4.89 11.45 -30.40
C PHE A 90 6.09 12.37 -30.51
N TYR A 91 5.80 13.63 -30.73
CA TYR A 91 6.71 14.70 -30.31
C TYR A 91 5.83 15.89 -29.97
N ASN A 92 6.34 16.71 -29.06
CA ASN A 92 5.56 17.81 -28.46
C ASN A 92 5.70 19.02 -29.40
N THR A 93 4.71 19.91 -29.33
CA THR A 93 4.71 21.19 -30.09
C THR A 93 4.98 22.36 -29.15
N PHE A 94 5.59 22.08 -27.98
CA PHE A 94 5.87 23.10 -26.92
C PHE A 94 7.28 23.72 -27.07
N PHE A 95 8.28 22.98 -27.56
CA PHE A 95 9.69 23.40 -27.43
C PHE A 95 10.17 24.20 -28.65
N LYS A 96 9.32 25.07 -29.23
CA LYS A 96 9.56 25.70 -30.56
C LYS A 96 9.77 24.59 -31.61
N THR A 97 9.00 23.51 -31.43
CA THR A 97 9.06 22.28 -32.22
C THR A 97 7.74 22.02 -32.94
N THR A 98 7.82 21.38 -34.10
CA THR A 98 6.63 20.88 -34.81
C THR A 98 7.01 19.53 -35.45
N HIS A 99 6.06 18.91 -36.16
CA HIS A 99 6.29 17.65 -36.88
C HIS A 99 5.38 17.65 -38.12
N PRO A 100 5.79 16.89 -39.15
CA PRO A 100 5.13 16.93 -40.45
C PRO A 100 3.63 16.64 -40.41
N ALA A 101 3.18 15.68 -39.61
CA ALA A 101 1.76 15.28 -39.61
C ALA A 101 0.90 16.48 -39.16
N VAL A 102 1.31 17.20 -38.12
CA VAL A 102 0.46 18.33 -37.63
C VAL A 102 0.54 19.48 -38.64
N VAL A 103 1.68 19.71 -39.28
CA VAL A 103 1.78 20.75 -40.33
C VAL A 103 0.85 20.40 -41.50
N GLU A 104 0.90 19.17 -41.99
CA GLU A 104 0.08 18.74 -43.16
C GLU A 104 -1.41 18.82 -42.81
N LEU A 105 -1.80 18.41 -41.60
CA LEU A 105 -3.24 18.52 -41.20
C LEU A 105 -3.64 20.01 -41.14
N SER A 106 -2.78 20.89 -40.61
CA SER A 106 -3.13 22.31 -40.44
C SER A 106 -3.39 22.88 -41.83
N SER A 107 -2.57 22.50 -42.82
CA SER A 107 -2.69 23.00 -44.21
C SER A 107 -4.00 22.48 -44.83
N LEU A 108 -4.32 21.20 -44.63
CA LEU A 108 -5.55 20.62 -45.24
C LEU A 108 -6.79 21.25 -44.59
N LEU A 109 -6.77 21.48 -43.28
CA LEU A 109 -7.94 22.06 -42.55
C LEU A 109 -8.20 23.49 -43.05
N ALA A 110 -7.17 24.29 -43.34
CA ALA A 110 -7.36 25.63 -43.91
C ALA A 110 -8.12 25.52 -45.25
N GLU A 111 -7.89 24.48 -46.04
CA GLU A 111 -8.56 24.30 -47.35
C GLU A 111 -10.05 23.97 -47.19
N VAL A 112 -10.50 23.27 -46.15
CA VAL A 112 -11.91 22.81 -46.09
C VAL A 112 -12.72 23.78 -45.20
N THR A 113 -12.06 24.65 -44.45
CA THR A 113 -12.78 25.61 -43.58
C THR A 113 -13.05 26.86 -44.39
N PRO A 114 -14.01 27.72 -43.97
CA PRO A 114 -14.26 28.97 -44.68
C PRO A 114 -13.02 29.88 -44.70
N ALA A 115 -13.07 30.84 -45.62
CA ALA A 115 -12.05 31.89 -45.78
C ALA A 115 -11.86 32.59 -44.43
N GLY A 116 -10.64 32.93 -44.07
CA GLY A 116 -10.39 33.68 -42.82
C GLY A 116 -10.14 32.76 -41.64
N PHE A 117 -10.27 31.45 -41.78
CA PHE A 117 -9.92 30.48 -40.72
C PHE A 117 -8.67 29.78 -41.21
N ASP A 118 -7.53 30.41 -40.94
CA ASP A 118 -6.22 29.86 -41.38
C ASP A 118 -5.55 29.16 -40.22
N ARG A 119 -5.81 29.62 -39.00
CA ARG A 119 -5.04 29.18 -37.82
C ARG A 119 -5.85 28.23 -36.93
N VAL A 120 -5.18 27.14 -36.54
CA VAL A 120 -5.87 26.11 -35.73
C VAL A 120 -5.04 25.82 -34.51
N PHE A 121 -5.69 25.66 -33.38
CA PHE A 121 -5.10 25.21 -32.12
C PHE A 121 -5.65 23.82 -31.82
N TYR A 122 -4.77 22.87 -31.54
CA TYR A 122 -5.15 21.47 -31.34
C TYR A 122 -5.30 21.12 -29.87
N THR A 123 -6.28 20.22 -29.70
CA THR A 123 -6.61 19.61 -28.41
C THR A 123 -6.84 18.11 -28.60
N ASN A 124 -7.18 17.42 -27.53
CA ASN A 124 -7.52 15.98 -27.52
C ASN A 124 -9.03 15.78 -27.59
N SER A 125 -9.84 16.76 -27.32
CA SER A 125 -11.29 16.53 -27.12
C SER A 125 -12.06 17.80 -27.43
N GLY A 126 -13.34 17.64 -27.65
CA GLY A 126 -14.28 18.80 -27.72
C GLY A 126 -14.26 19.63 -26.46
N SER A 127 -14.19 18.99 -25.30
CA SER A 127 -14.21 19.65 -23.97
C SER A 127 -12.96 20.56 -23.88
N GLU A 128 -11.80 20.03 -24.25
CA GLU A 128 -10.54 20.81 -24.21
C GLU A 128 -10.64 21.95 -25.22
N SER A 129 -11.26 21.76 -26.38
CA SER A 129 -11.41 22.83 -27.40
C SER A 129 -12.25 23.95 -26.75
N VAL A 130 -13.30 23.58 -26.02
CA VAL A 130 -14.16 24.61 -25.37
C VAL A 130 -13.36 25.35 -24.29
N ASP A 131 -12.59 24.67 -23.46
CA ASP A 131 -11.79 25.38 -22.43
C ASP A 131 -10.80 26.30 -23.16
N THR A 132 -10.16 25.81 -24.22
CA THR A 132 -9.20 26.60 -25.00
C THR A 132 -9.88 27.90 -25.48
N MET A 133 -11.06 27.74 -26.07
CA MET A 133 -11.85 28.87 -26.62
C MET A 133 -12.17 29.85 -25.50
N ILE A 134 -12.54 29.39 -24.32
CA ILE A 134 -12.85 30.34 -23.20
C ILE A 134 -11.60 31.14 -22.84
N ARG A 135 -10.44 30.47 -22.69
CA ARG A 135 -9.21 31.21 -22.33
C ARG A 135 -8.80 32.14 -23.49
N MET A 136 -8.97 31.71 -24.76
CA MET A 136 -8.66 32.56 -25.93
C MET A 136 -9.59 33.79 -25.92
N VAL A 137 -10.88 33.64 -25.69
CA VAL A 137 -11.76 34.83 -25.83
C VAL A 137 -11.43 35.80 -24.70
N ARG A 138 -11.15 35.31 -23.51
CA ARG A 138 -10.79 36.23 -22.38
C ARG A 138 -9.43 36.91 -22.67
N ARG A 139 -8.47 36.14 -23.18
CA ARG A 139 -7.14 36.67 -23.50
C ARG A 139 -7.27 37.74 -24.59
N TYR A 140 -8.11 37.46 -25.60
CA TYR A 140 -8.35 38.42 -26.69
C TYR A 140 -8.76 39.77 -26.10
N TRP A 141 -9.77 39.77 -25.24
CA TRP A 141 -10.28 41.06 -24.71
C TRP A 141 -9.24 41.73 -23.79
N ASP A 142 -8.41 40.96 -23.07
CA ASP A 142 -7.29 41.57 -22.32
C ASP A 142 -6.35 42.31 -23.29
N VAL A 143 -6.04 41.69 -24.40
CA VAL A 143 -5.08 42.27 -25.40
C VAL A 143 -5.70 43.55 -25.99
N GLN A 144 -7.01 43.59 -26.17
CA GLN A 144 -7.74 44.78 -26.66
C GLN A 144 -7.83 45.86 -25.59
N GLY A 145 -7.36 45.60 -24.36
CA GLY A 145 -7.42 46.58 -23.27
C GLY A 145 -8.85 46.68 -22.71
N LYS A 146 -9.62 45.59 -22.75
CA LYS A 146 -10.99 45.55 -22.16
C LYS A 146 -11.06 44.44 -21.13
N PRO A 147 -10.37 44.57 -19.99
CA PRO A 147 -10.19 43.44 -19.07
C PRO A 147 -11.49 43.07 -18.34
N GLU A 148 -12.53 43.89 -18.46
CA GLU A 148 -13.82 43.59 -17.84
C GLU A 148 -14.63 42.69 -18.78
N LYS A 149 -14.24 42.55 -20.05
CA LYS A 149 -15.10 41.88 -21.06
C LYS A 149 -14.76 40.40 -21.00
N LYS A 150 -15.39 39.68 -20.05
CA LYS A 150 -14.98 38.32 -19.66
C LYS A 150 -16.14 37.36 -19.54
N THR A 151 -17.39 37.81 -19.59
CA THR A 151 -18.53 36.89 -19.39
C THR A 151 -18.89 36.23 -20.74
N LEU A 152 -19.02 34.92 -20.74
CA LEU A 152 -19.53 34.16 -21.90
C LEU A 152 -20.97 33.78 -21.63
N ILE A 153 -21.80 33.90 -22.66
CA ILE A 153 -23.23 33.57 -22.54
C ILE A 153 -23.47 32.30 -23.35
N GLY A 154 -24.04 31.31 -22.71
CA GLY A 154 -24.58 30.11 -23.37
C GLY A 154 -26.07 29.99 -23.19
N ARG A 155 -26.57 28.78 -23.29
CA ARG A 155 -28.03 28.50 -23.26
C ARG A 155 -28.34 27.37 -22.31
N TRP A 156 -29.45 27.48 -21.64
CA TRP A 156 -30.07 26.31 -20.96
C TRP A 156 -30.25 25.22 -22.00
N ASN A 157 -29.89 24.01 -21.62
CA ASN A 157 -29.95 22.79 -22.48
C ASN A 157 -28.93 22.87 -23.60
N GLY A 158 -27.98 23.80 -23.59
CA GLY A 158 -26.79 23.73 -24.44
C GLY A 158 -25.76 22.79 -23.84
N TYR A 159 -24.97 22.11 -24.66
CA TYR A 159 -23.90 21.20 -24.18
C TYR A 159 -22.60 21.61 -24.84
N HIS A 160 -21.57 21.87 -24.03
CA HIS A 160 -20.25 22.34 -24.49
C HIS A 160 -19.17 21.54 -23.76
N GLY A 161 -19.47 20.29 -23.41
CA GLY A 161 -18.43 19.39 -22.90
C GLY A 161 -18.45 19.29 -21.40
N SER A 162 -17.37 18.69 -20.86
CA SER A 162 -17.41 18.11 -19.50
C SER A 162 -16.18 18.52 -18.69
N THR A 163 -15.36 19.39 -19.22
CA THR A 163 -14.36 20.11 -18.39
C THR A 163 -15.16 21.03 -17.45
N ILE A 164 -14.52 21.55 -16.42
CA ILE A 164 -15.17 22.57 -15.56
C ILE A 164 -15.63 23.78 -16.40
N GLY A 165 -14.81 24.26 -17.32
CA GLY A 165 -15.17 25.37 -18.20
C GLY A 165 -16.34 25.02 -19.10
N GLY A 166 -16.26 23.89 -19.78
CA GLY A 166 -17.30 23.46 -20.71
C GLY A 166 -18.60 23.11 -20.02
N ALA A 167 -18.56 22.49 -18.88
CA ALA A 167 -19.77 22.16 -18.09
C ALA A 167 -20.42 23.47 -17.62
N SER A 168 -19.62 24.50 -17.30
CA SER A 168 -20.17 25.81 -16.79
C SER A 168 -20.87 26.55 -17.95
N LEU A 169 -20.29 26.51 -19.14
CA LEU A 169 -20.84 27.21 -20.34
C LEU A 169 -22.06 26.47 -20.86
N GLY A 170 -22.01 25.16 -20.79
CA GLY A 170 -23.19 24.33 -21.07
C GLY A 170 -24.30 24.72 -20.12
N GLY A 171 -25.51 24.25 -20.42
CA GLY A 171 -26.69 24.66 -19.68
C GLY A 171 -27.41 23.47 -19.09
N MET A 172 -26.67 22.44 -18.66
CA MET A 172 -27.32 21.25 -18.04
C MET A 172 -27.20 21.42 -16.53
N LYS A 173 -28.30 21.71 -15.89
CA LYS A 173 -28.31 21.90 -14.41
C LYS A 173 -27.75 20.65 -13.74
N TYR A 174 -27.99 19.46 -14.30
CA TYR A 174 -27.57 18.19 -13.66
C TYR A 174 -26.03 18.11 -13.70
N MET A 175 -25.36 18.86 -14.57
CA MET A 175 -23.87 18.96 -14.56
C MET A 175 -23.48 20.08 -13.60
N HIS A 176 -24.17 21.20 -13.63
CA HIS A 176 -23.83 22.35 -12.73
C HIS A 176 -23.80 21.90 -11.28
N GLU A 177 -24.71 21.01 -10.89
CA GLU A 177 -24.90 20.59 -9.49
C GLU A 177 -23.76 19.68 -9.03
N GLN A 178 -22.85 19.28 -9.91
CA GLN A 178 -21.72 18.38 -9.55
C GLN A 178 -20.42 19.13 -9.88
N GLY A 179 -19.84 19.79 -8.87
CA GLY A 179 -18.64 20.61 -9.11
C GLY A 179 -18.79 22.08 -8.72
N ASP A 180 -19.97 22.52 -8.30
CA ASP A 180 -20.25 23.91 -7.86
C ASP A 180 -20.10 24.83 -9.06
N LEU A 181 -20.81 24.54 -10.12
CA LEU A 181 -20.69 25.27 -11.41
C LEU A 181 -22.00 26.02 -11.59
N PRO A 182 -22.05 27.06 -12.42
CA PRO A 182 -20.97 27.51 -13.27
C PRO A 182 -19.92 28.34 -12.53
N ILE A 183 -18.69 28.30 -13.06
CA ILE A 183 -17.62 29.22 -12.64
C ILE A 183 -18.04 30.65 -13.01
N PRO A 184 -17.34 31.65 -12.46
CA PRO A 184 -17.69 33.05 -12.72
C PRO A 184 -17.52 33.46 -14.16
N GLY A 185 -18.29 34.49 -14.54
CA GLY A 185 -18.19 35.03 -15.91
C GLY A 185 -18.90 34.12 -16.91
N MET A 186 -19.96 33.46 -16.46
CA MET A 186 -20.81 32.61 -17.32
C MET A 186 -22.27 33.02 -17.09
N ALA A 187 -23.05 33.08 -18.15
CA ALA A 187 -24.48 33.39 -18.08
C ALA A 187 -25.21 32.53 -19.08
N HIS A 188 -26.51 32.42 -18.91
CA HIS A 188 -27.33 31.50 -19.75
C HIS A 188 -28.65 32.15 -20.14
N ILE A 189 -29.03 31.96 -21.37
CA ILE A 189 -30.37 32.36 -21.86
C ILE A 189 -31.16 31.10 -22.24
N GLU A 190 -32.47 31.25 -22.36
CA GLU A 190 -33.35 30.15 -22.73
C GLU A 190 -33.04 29.69 -24.17
N GLN A 191 -33.33 28.42 -24.43
CA GLN A 191 -33.08 27.75 -25.71
C GLN A 191 -34.22 28.03 -26.68
N PRO A 192 -33.90 28.06 -27.97
CA PRO A 192 -34.90 28.26 -29.02
C PRO A 192 -35.72 27.00 -29.39
N TRP A 193 -36.45 26.52 -28.39
CA TRP A 193 -37.28 25.29 -28.45
C TRP A 193 -38.73 25.70 -28.67
N TRP A 194 -39.12 25.77 -29.93
CA TRP A 194 -40.46 26.30 -30.32
C TRP A 194 -41.55 25.47 -29.67
N TYR A 195 -41.44 24.14 -29.69
CA TYR A 195 -42.56 23.26 -29.25
C TYR A 195 -43.00 23.65 -27.84
N LYS A 196 -42.03 24.00 -26.99
CA LYS A 196 -42.31 24.37 -25.59
C LYS A 196 -42.61 25.87 -25.46
N HIS A 197 -41.78 26.73 -26.03
CA HIS A 197 -41.78 28.19 -25.75
C HIS A 197 -42.44 29.02 -26.85
N GLY A 198 -42.93 28.42 -27.93
CA GLY A 198 -43.42 29.19 -29.07
C GLY A 198 -44.83 29.74 -28.91
N LYS A 199 -45.57 29.28 -27.91
CA LYS A 199 -46.94 29.80 -27.60
C LYS A 199 -47.72 29.89 -28.90
N ASP A 200 -48.22 31.06 -29.25
CA ASP A 200 -49.07 31.26 -30.45
C ASP A 200 -48.26 31.86 -31.60
N MET A 201 -46.94 31.88 -31.52
CA MET A 201 -46.12 32.41 -32.62
C MET A 201 -45.96 31.33 -33.72
N THR A 202 -45.66 31.78 -34.94
CA THR A 202 -44.99 30.94 -35.95
C THR A 202 -43.54 30.71 -35.53
N PRO A 203 -42.88 29.60 -35.99
CA PRO A 203 -41.46 29.40 -35.74
C PRO A 203 -40.62 30.65 -36.09
N ASP A 204 -40.83 31.24 -37.26
CA ASP A 204 -40.05 32.44 -37.67
C ASP A 204 -40.24 33.60 -36.68
N GLU A 205 -41.45 33.87 -36.17
CA GLU A 205 -41.65 34.94 -35.17
C GLU A 205 -40.87 34.57 -33.91
N PHE A 206 -41.00 33.31 -33.51
CA PHE A 206 -40.35 32.80 -32.28
C PHE A 206 -38.84 32.90 -32.42
N GLY A 207 -38.27 32.64 -33.60
CA GLY A 207 -36.81 32.73 -33.77
C GLY A 207 -36.26 34.11 -33.42
N VAL A 208 -36.98 35.16 -33.77
CA VAL A 208 -36.55 36.55 -33.47
C VAL A 208 -36.68 36.78 -31.96
N VAL A 209 -37.81 36.38 -31.36
CA VAL A 209 -38.01 36.55 -29.90
C VAL A 209 -36.93 35.77 -29.13
N ALA A 210 -36.66 34.53 -29.52
CA ALA A 210 -35.66 33.68 -28.80
C ALA A 210 -34.27 34.28 -28.97
N ALA A 211 -33.92 34.84 -30.10
CA ALA A 211 -32.61 35.51 -30.29
C ALA A 211 -32.55 36.78 -29.42
N ARG A 212 -33.65 37.51 -29.28
CA ARG A 212 -33.66 38.78 -28.50
C ARG A 212 -33.47 38.52 -27.02
N TRP A 213 -33.71 37.29 -26.53
CA TRP A 213 -33.30 36.90 -25.16
C TRP A 213 -31.82 37.22 -24.97
N LEU A 214 -31.02 37.07 -26.02
CA LEU A 214 -29.55 37.37 -25.90
C LEU A 214 -29.37 38.88 -25.67
N GLU A 215 -30.12 39.70 -26.39
CA GLU A 215 -30.02 41.15 -26.21
C GLU A 215 -30.40 41.49 -24.78
N GLU A 216 -31.51 40.93 -24.29
CA GLU A 216 -31.96 41.20 -22.89
C GLU A 216 -30.85 40.86 -21.90
N LYS A 217 -30.19 39.73 -22.09
CA LYS A 217 -29.17 39.27 -21.14
C LYS A 217 -27.96 40.22 -21.22
N ILE A 218 -27.55 40.60 -22.41
CA ILE A 218 -26.41 41.53 -22.61
C ILE A 218 -26.69 42.85 -21.90
N LEU A 219 -27.90 43.36 -22.05
CA LEU A 219 -28.24 44.67 -21.43
C LEU A 219 -28.28 44.52 -19.91
N GLU A 220 -28.74 43.37 -19.40
CA GLU A 220 -28.83 43.13 -17.94
C GLU A 220 -27.41 43.12 -17.36
N ILE A 221 -26.49 42.40 -18.01
CA ILE A 221 -25.09 42.26 -17.51
C ILE A 221 -24.34 43.58 -17.75
N GLY A 222 -24.57 44.21 -18.89
CA GLY A 222 -23.73 45.31 -19.42
C GLY A 222 -22.84 44.79 -20.53
N ALA A 223 -22.96 45.35 -21.74
CA ALA A 223 -22.18 44.87 -22.89
C ALA A 223 -20.68 44.91 -22.62
N ASP A 224 -20.23 45.91 -21.84
CA ASP A 224 -18.79 46.10 -21.52
C ASP A 224 -18.27 44.92 -20.70
N LYS A 225 -19.14 44.04 -20.18
CA LYS A 225 -18.69 42.87 -19.37
C LYS A 225 -18.86 41.58 -20.16
N VAL A 226 -19.44 41.65 -21.37
CA VAL A 226 -19.73 40.42 -22.13
C VAL A 226 -18.66 40.20 -23.20
N ALA A 227 -18.00 39.03 -23.14
CA ALA A 227 -16.92 38.64 -24.07
C ALA A 227 -17.48 37.92 -25.29
N ALA A 228 -18.45 37.02 -25.14
CA ALA A 228 -18.85 36.13 -26.24
C ALA A 228 -20.23 35.54 -25.97
N PHE A 229 -20.89 35.17 -27.06
CA PHE A 229 -22.04 34.25 -27.05
C PHE A 229 -21.59 32.97 -27.75
N VAL A 230 -21.85 31.85 -27.10
CA VAL A 230 -21.44 30.51 -27.64
C VAL A 230 -22.69 29.65 -27.84
N GLY A 231 -22.80 29.02 -29.02
CA GLY A 231 -23.91 28.12 -29.27
C GLY A 231 -23.56 27.03 -30.28
N GLU A 232 -24.12 25.87 -30.03
CA GLU A 232 -24.22 24.79 -31.07
C GLU A 232 -25.20 25.23 -32.17
N PRO A 233 -24.85 25.15 -33.49
CA PRO A 233 -25.80 25.52 -34.54
C PRO A 233 -27.17 24.81 -34.33
N ILE A 234 -27.09 23.51 -34.08
CA ILE A 234 -28.20 22.63 -33.60
C ILE A 234 -27.74 22.06 -32.28
N GLN A 235 -28.58 22.18 -31.26
CA GLN A 235 -28.28 21.64 -29.92
C GLN A 235 -28.34 20.11 -30.04
N GLY A 236 -27.24 19.42 -29.71
CA GLY A 236 -27.20 17.97 -29.92
C GLY A 236 -27.71 17.21 -28.73
N ALA A 237 -26.91 17.17 -27.66
CA ALA A 237 -27.24 16.43 -26.43
C ALA A 237 -28.55 16.95 -25.84
N GLY A 238 -28.90 18.20 -26.12
CA GLY A 238 -30.19 18.75 -25.64
C GLY A 238 -31.38 18.23 -26.38
N GLY A 239 -31.16 17.49 -27.48
CA GLY A 239 -32.25 16.80 -28.21
C GLY A 239 -32.43 17.23 -29.65
N VAL A 240 -31.38 17.64 -30.36
CA VAL A 240 -31.47 18.07 -31.80
C VAL A 240 -32.55 19.17 -31.87
N ILE A 241 -32.30 20.21 -31.09
CA ILE A 241 -33.15 21.42 -31.08
C ILE A 241 -32.69 22.24 -32.27
N VAL A 242 -33.52 22.27 -33.31
CA VAL A 242 -33.22 22.91 -34.60
C VAL A 242 -33.88 24.28 -34.49
N PRO A 243 -33.11 25.37 -34.49
CA PRO A 243 -33.71 26.66 -34.29
C PRO A 243 -34.43 27.09 -35.57
N PRO A 244 -35.41 28.01 -35.48
CA PRO A 244 -36.00 28.59 -36.67
C PRO A 244 -34.95 29.29 -37.55
N ALA A 245 -35.29 29.50 -38.82
CA ALA A 245 -34.40 30.14 -39.84
C ALA A 245 -34.04 31.59 -39.44
N THR A 246 -34.88 32.25 -38.68
CA THR A 246 -34.68 33.66 -38.27
C THR A 246 -33.73 33.79 -37.08
N TYR A 247 -33.45 32.71 -36.36
CA TYR A 247 -32.73 32.75 -35.06
C TYR A 247 -31.28 33.21 -35.25
N TRP A 248 -30.45 32.43 -35.93
CA TRP A 248 -28.98 32.72 -35.97
C TRP A 248 -28.69 34.10 -36.60
N PRO A 249 -29.38 34.55 -37.67
CA PRO A 249 -29.13 35.91 -38.20
C PRO A 249 -29.37 36.98 -37.13
N GLU A 250 -30.38 36.78 -36.27
CA GLU A 250 -30.74 37.77 -35.23
C GLU A 250 -29.68 37.69 -34.12
N ILE A 251 -29.29 36.47 -33.74
CA ILE A 251 -28.18 36.32 -32.77
C ILE A 251 -26.97 37.12 -33.29
N GLU A 252 -26.59 36.92 -34.55
CA GLU A 252 -25.37 37.54 -35.11
C GLU A 252 -25.55 39.05 -35.10
N ARG A 253 -26.73 39.56 -35.48
CA ARG A 253 -26.95 41.00 -35.48
C ARG A 253 -26.72 41.56 -34.07
N ILE A 254 -27.24 40.84 -33.05
CA ILE A 254 -27.15 41.30 -31.65
C ILE A 254 -25.68 41.24 -31.22
N CYS A 255 -24.95 40.19 -31.57
CA CYS A 255 -23.54 40.08 -31.09
C CYS A 255 -22.74 41.24 -31.71
N ARG A 256 -22.94 41.52 -32.99
CA ARG A 256 -22.20 42.61 -33.66
C ARG A 256 -22.58 43.95 -33.04
N LYS A 257 -23.86 44.16 -32.75
CA LYS A 257 -24.32 45.45 -32.18
C LYS A 257 -23.58 45.77 -30.88
N TYR A 258 -23.35 44.77 -30.03
CA TYR A 258 -22.84 44.99 -28.66
C TYR A 258 -21.34 44.65 -28.58
N ASP A 259 -20.68 44.37 -29.70
CA ASP A 259 -19.22 44.12 -29.73
C ASP A 259 -18.96 42.85 -28.88
N VAL A 260 -19.70 41.81 -29.14
CA VAL A 260 -19.59 40.50 -28.45
C VAL A 260 -19.09 39.48 -29.48
N LEU A 261 -18.08 38.69 -29.16
CA LEU A 261 -17.63 37.64 -30.10
C LEU A 261 -18.76 36.61 -30.27
N LEU A 262 -18.83 36.01 -31.44
CA LEU A 262 -19.80 34.97 -31.78
C LEU A 262 -19.03 33.65 -31.98
N VAL A 263 -19.35 32.65 -31.19
CA VAL A 263 -18.62 31.34 -31.23
C VAL A 263 -19.61 30.23 -31.55
N ALA A 264 -19.33 29.46 -32.60
CA ALA A 264 -20.08 28.25 -32.94
C ALA A 264 -19.38 27.06 -32.28
N ASP A 265 -20.13 26.23 -31.56
CA ASP A 265 -19.62 24.93 -31.11
C ASP A 265 -20.00 23.90 -32.18
N GLU A 266 -19.02 23.53 -33.00
CA GLU A 266 -19.21 22.64 -34.18
C GLU A 266 -18.82 21.23 -33.81
N VAL A 267 -18.71 20.93 -32.52
CA VAL A 267 -18.21 19.58 -32.16
C VAL A 267 -19.09 18.49 -32.80
N ILE A 268 -20.39 18.69 -32.90
CA ILE A 268 -21.27 17.68 -33.59
C ILE A 268 -21.53 18.11 -35.03
N CYS A 269 -21.92 19.36 -35.28
CA CYS A 269 -22.38 19.78 -36.62
C CYS A 269 -21.21 19.77 -37.58
N GLY A 270 -19.97 19.75 -37.08
CA GLY A 270 -18.78 19.91 -37.91
C GLY A 270 -18.53 18.67 -38.75
N PHE A 271 -17.82 18.86 -39.85
CA PHE A 271 -17.33 17.77 -40.71
C PHE A 271 -18.51 17.03 -41.33
N GLY A 272 -19.48 17.80 -41.80
CA GLY A 272 -20.42 17.34 -42.82
C GLY A 272 -21.82 16.99 -42.32
N ARG A 273 -22.10 17.06 -41.03
CA ARG A 273 -23.32 16.47 -40.41
C ARG A 273 -24.58 17.11 -41.01
N THR A 274 -24.55 18.40 -41.32
CA THR A 274 -25.72 19.15 -41.87
C THR A 274 -25.75 19.12 -43.40
N GLY A 275 -24.72 18.58 -44.06
CA GLY A 275 -24.56 18.70 -45.50
C GLY A 275 -23.62 19.81 -45.89
N GLU A 276 -23.46 20.81 -45.04
CA GLU A 276 -22.36 21.78 -45.21
C GLU A 276 -21.18 21.24 -44.42
N TRP A 277 -19.99 21.73 -44.68
CA TRP A 277 -18.83 21.33 -43.83
C TRP A 277 -19.13 21.65 -42.34
N PHE A 278 -19.72 22.78 -42.04
CA PHE A 278 -19.98 23.22 -40.65
C PHE A 278 -21.40 23.75 -40.53
N GLY A 279 -22.01 23.50 -39.36
CA GLY A 279 -23.39 23.90 -39.11
C GLY A 279 -23.60 25.41 -39.31
N HIS A 280 -22.66 26.25 -38.93
CA HIS A 280 -22.84 27.72 -39.08
C HIS A 280 -22.99 28.10 -40.55
N GLN A 281 -22.47 27.29 -41.48
CA GLN A 281 -22.64 27.59 -42.91
C GLN A 281 -24.09 27.26 -43.30
N HIS A 282 -24.67 26.22 -42.73
CA HIS A 282 -26.07 25.88 -43.07
C HIS A 282 -26.98 27.01 -42.59
N PHE A 283 -26.78 27.50 -41.38
CA PHE A 283 -27.68 28.51 -40.75
C PHE A 283 -27.26 29.93 -41.11
N GLY A 284 -26.14 30.10 -41.81
CA GLY A 284 -25.78 31.39 -42.45
C GLY A 284 -25.28 32.41 -41.46
N PHE A 285 -24.47 32.06 -40.47
CA PHE A 285 -23.80 33.07 -39.63
C PHE A 285 -22.29 32.84 -39.70
N GLN A 286 -21.54 33.87 -39.34
CA GLN A 286 -20.04 33.85 -39.46
C GLN A 286 -19.45 34.00 -38.07
N PRO A 287 -19.06 32.93 -37.40
CA PRO A 287 -18.48 33.05 -36.06
C PRO A 287 -17.02 33.55 -36.14
N ASP A 288 -16.58 34.15 -35.05
CA ASP A 288 -15.19 34.65 -34.86
C ASP A 288 -14.24 33.49 -34.56
N LEU A 289 -14.75 32.41 -33.96
CA LEU A 289 -14.01 31.18 -33.67
C LEU A 289 -15.02 30.04 -33.63
N PHE A 290 -14.58 28.82 -33.86
CA PHE A 290 -15.45 27.67 -33.59
C PHE A 290 -14.63 26.47 -33.11
N THR A 291 -15.27 25.65 -32.33
CA THR A 291 -14.70 24.45 -31.66
C THR A 291 -15.11 23.19 -32.42
N ALA A 292 -14.22 22.21 -32.47
CA ALA A 292 -14.45 20.98 -33.25
C ALA A 292 -13.86 19.80 -32.51
N ALA A 293 -14.36 18.62 -32.83
CA ALA A 293 -13.76 17.33 -32.48
C ALA A 293 -14.51 16.26 -33.25
N LYS A 294 -14.87 15.14 -32.63
CA LYS A 294 -15.75 14.10 -33.26
C LYS A 294 -15.41 13.82 -34.73
N GLY A 295 -16.20 14.34 -35.66
CA GLY A 295 -16.08 14.06 -37.09
C GLY A 295 -14.71 14.48 -37.59
N LEU A 296 -13.93 15.30 -36.86
CA LEU A 296 -12.56 15.70 -37.32
C LEU A 296 -11.72 14.46 -37.63
N SER A 297 -11.84 13.40 -36.87
CA SER A 297 -11.14 12.10 -37.11
C SER A 297 -12.14 10.94 -37.21
N SER A 298 -13.44 11.24 -37.40
CA SER A 298 -14.52 10.23 -37.34
C SER A 298 -14.44 9.39 -36.08
N GLY A 299 -13.86 9.97 -35.01
CA GLY A 299 -13.72 9.25 -33.75
C GLY A 299 -12.65 8.18 -33.79
N TYR A 300 -11.90 8.02 -34.88
CA TYR A 300 -10.93 6.92 -35.02
C TYR A 300 -9.77 7.13 -34.04
N LEU A 301 -9.44 8.36 -33.69
CA LEU A 301 -8.46 8.69 -32.61
C LEU A 301 -8.88 10.03 -31.98
N PRO A 302 -8.49 10.28 -30.72
CA PRO A 302 -8.93 11.52 -30.09
C PRO A 302 -8.14 12.73 -30.61
N ILE A 303 -8.88 13.74 -31.05
CA ILE A 303 -8.33 15.04 -31.49
C ILE A 303 -9.47 16.05 -31.49
N GLY A 304 -9.19 17.26 -31.10
CA GLY A 304 -10.10 18.38 -31.28
C GLY A 304 -9.36 19.58 -31.76
N ALA A 305 -10.07 20.67 -31.96
CA ALA A 305 -9.42 21.88 -32.48
C ALA A 305 -10.28 23.08 -32.17
N VAL A 306 -9.62 24.21 -32.09
CA VAL A 306 -10.23 25.54 -32.14
C VAL A 306 -9.76 26.18 -33.43
N PHE A 307 -10.71 26.52 -34.28
CA PHE A 307 -10.49 27.26 -35.51
C PHE A 307 -10.63 28.74 -35.17
N VAL A 308 -9.54 29.49 -35.38
CA VAL A 308 -9.52 30.90 -34.93
C VAL A 308 -9.59 31.82 -36.15
N GLY A 309 -10.64 32.66 -36.23
CA GLY A 309 -10.78 33.64 -37.32
C GLY A 309 -9.68 34.69 -37.28
N LYS A 310 -9.52 35.45 -38.35
CA LYS A 310 -8.41 36.40 -38.55
C LYS A 310 -8.31 37.43 -37.41
N ARG A 311 -9.46 38.03 -37.03
CA ARG A 311 -9.45 39.14 -36.04
C ARG A 311 -8.98 38.59 -34.70
N VAL A 312 -9.54 37.49 -34.22
CA VAL A 312 -9.16 36.95 -32.89
C VAL A 312 -7.72 36.42 -33.00
N ALA A 313 -7.34 35.76 -34.09
CA ALA A 313 -5.96 35.25 -34.24
C ALA A 313 -4.94 36.40 -34.10
N GLU A 314 -5.21 37.53 -34.74
CA GLU A 314 -4.27 38.69 -34.69
C GLU A 314 -4.14 39.18 -33.24
N GLY A 315 -5.27 39.22 -32.50
CA GLY A 315 -5.26 39.65 -31.09
C GLY A 315 -4.44 38.68 -30.24
N LEU A 316 -4.61 37.38 -30.44
CA LEU A 316 -3.86 36.39 -29.63
C LEU A 316 -2.36 36.49 -29.96
N ILE A 317 -2.04 36.62 -31.24
CA ILE A 317 -0.62 36.72 -31.69
C ILE A 317 0.00 38.01 -31.12
N ALA A 318 -0.73 39.12 -31.09
CA ALA A 318 -0.24 40.40 -30.54
C ALA A 318 -0.05 40.29 -29.02
N GLY A 319 -0.60 39.27 -28.36
CA GLY A 319 -0.47 39.10 -26.91
C GLY A 319 0.78 38.34 -26.47
N GLY A 320 1.68 37.95 -27.36
CA GLY A 320 2.92 37.27 -26.94
C GLY A 320 2.64 35.85 -26.50
N ASP A 321 3.17 35.41 -25.36
CA ASP A 321 3.00 34.02 -24.85
C ASP A 321 1.51 33.74 -24.59
N PHE A 322 0.98 32.62 -25.12
CA PHE A 322 -0.35 32.07 -24.78
C PHE A 322 -0.09 30.83 -23.91
N ASN A 323 -0.29 30.99 -22.59
CA ASN A 323 0.19 30.00 -21.58
C ASN A 323 -0.90 28.94 -21.41
N HIS A 324 -1.06 28.14 -22.46
CA HIS A 324 -2.13 27.16 -22.60
C HIS A 324 -1.73 26.06 -23.60
N GLY A 325 -2.16 24.85 -23.31
CA GLY A 325 -2.04 23.70 -24.22
C GLY A 325 -1.86 22.38 -23.50
N PHE A 326 -1.89 21.29 -24.25
CA PHE A 326 -1.94 19.90 -23.73
C PHE A 326 -0.75 19.14 -24.29
N THR A 327 -0.19 18.24 -23.47
CA THR A 327 0.94 17.41 -23.88
C THR A 327 0.69 16.84 -25.30
N TYR A 328 -0.51 16.31 -25.55
CA TYR A 328 -0.80 15.56 -26.80
C TYR A 328 -1.38 16.52 -27.84
N SER A 329 -1.45 17.83 -27.58
CA SER A 329 -1.80 18.82 -28.65
C SER A 329 -0.96 18.51 -29.91
N GLY A 330 -1.69 18.29 -31.03
CA GLY A 330 -1.09 18.05 -32.36
C GLY A 330 -0.52 16.67 -32.50
N HIS A 331 -0.91 15.73 -31.63
CA HIS A 331 -0.34 14.38 -31.58
C HIS A 331 -0.15 13.81 -32.99
N PRO A 332 1.06 13.39 -33.36
CA PRO A 332 1.29 12.98 -34.75
C PRO A 332 0.38 11.89 -35.30
N VAL A 333 0.14 10.86 -34.49
CA VAL A 333 -0.71 9.72 -34.96
C VAL A 333 -2.13 10.21 -35.15
N CYS A 334 -2.68 10.94 -34.15
CA CYS A 334 -4.05 11.52 -34.25
C CYS A 334 -4.14 12.42 -35.48
N ALA A 335 -3.11 13.25 -35.74
CA ALA A 335 -3.09 14.21 -36.86
C ALA A 335 -3.08 13.41 -38.16
N ALA A 336 -2.32 12.32 -38.26
CA ALA A 336 -2.25 11.53 -39.50
C ALA A 336 -3.63 10.94 -39.80
N VAL A 337 -4.31 10.45 -38.77
CA VAL A 337 -5.65 9.83 -38.95
C VAL A 337 -6.64 10.95 -39.31
N ALA A 338 -6.61 12.08 -38.62
CA ALA A 338 -7.51 13.19 -38.94
C ALA A 338 -7.29 13.62 -40.40
N HIS A 339 -6.05 13.61 -40.85
CA HIS A 339 -5.70 14.06 -42.22
C HIS A 339 -6.40 13.08 -43.21
N ALA A 340 -6.24 11.78 -42.97
CA ALA A 340 -6.83 10.75 -43.86
C ALA A 340 -8.34 10.93 -43.83
N ASN A 341 -8.91 11.20 -42.66
CA ASN A 341 -10.37 11.33 -42.50
C ASN A 341 -10.89 12.56 -43.29
N VAL A 342 -10.27 13.73 -43.11
CA VAL A 342 -10.74 14.97 -43.78
C VAL A 342 -10.55 14.82 -45.29
N ALA A 343 -9.41 14.27 -45.71
CA ALA A 343 -9.16 13.97 -47.12
C ALA A 343 -10.28 13.09 -47.67
N ALA A 344 -10.70 12.05 -46.93
CA ALA A 344 -11.76 11.13 -47.43
C ALA A 344 -13.10 11.89 -47.50
N LEU A 345 -13.44 12.69 -46.48
CA LEU A 345 -14.70 13.46 -46.47
C LEU A 345 -14.79 14.32 -47.73
N ARG A 346 -13.72 14.99 -48.11
CA ARG A 346 -13.69 15.85 -49.32
C ARG A 346 -13.54 14.98 -50.57
N ASP A 347 -12.48 14.20 -50.66
CA ASP A 347 -12.07 13.58 -51.96
C ASP A 347 -13.04 12.46 -52.35
N GLU A 348 -13.66 11.77 -51.41
CA GLU A 348 -14.62 10.70 -51.73
C GLU A 348 -16.04 11.30 -51.85
N GLY A 349 -16.19 12.61 -51.76
CA GLY A 349 -17.49 13.26 -52.00
C GLY A 349 -18.51 12.98 -50.87
N ILE A 350 -18.05 12.62 -49.67
CA ILE A 350 -18.96 12.18 -48.58
C ILE A 350 -19.81 13.37 -48.11
N VAL A 351 -19.19 14.53 -47.86
CA VAL A 351 -19.93 15.75 -47.42
C VAL A 351 -20.89 16.16 -48.52
N GLN A 352 -20.38 16.21 -49.75
CA GLN A 352 -21.21 16.67 -50.90
C GLN A 352 -22.43 15.74 -51.00
N ARG A 353 -22.24 14.44 -50.79
CA ARG A 353 -23.34 13.45 -50.89
C ARG A 353 -24.38 13.73 -49.79
N VAL A 354 -23.96 14.15 -48.60
CA VAL A 354 -24.97 14.51 -47.56
C VAL A 354 -25.82 15.66 -48.12
N LYS A 355 -25.20 16.69 -48.66
CA LYS A 355 -25.92 17.89 -49.12
C LYS A 355 -26.89 17.51 -50.23
N ASP A 356 -26.42 16.72 -51.20
CA ASP A 356 -27.13 16.57 -52.51
C ASP A 356 -28.05 15.36 -52.54
N ASP A 357 -27.75 14.32 -51.79
CA ASP A 357 -28.30 12.99 -52.03
C ASP A 357 -28.86 12.41 -50.74
N ILE A 358 -28.00 11.94 -49.81
CA ILE A 358 -28.49 11.14 -48.67
C ILE A 358 -29.21 12.05 -47.67
N GLY A 359 -28.81 13.32 -47.51
CA GLY A 359 -29.43 14.24 -46.53
C GLY A 359 -30.90 14.47 -46.89
N PRO A 360 -31.16 14.97 -48.10
CA PRO A 360 -32.55 15.13 -48.56
C PRO A 360 -33.39 13.84 -48.48
N TYR A 361 -32.79 12.70 -48.85
CA TYR A 361 -33.47 11.39 -48.78
C TYR A 361 -33.81 11.06 -47.31
N MET A 362 -32.84 11.18 -46.40
CA MET A 362 -33.08 10.89 -44.98
C MET A 362 -34.19 11.83 -44.47
N GLN A 363 -34.13 13.09 -44.80
CA GLN A 363 -35.06 14.07 -44.18
C GLN A 363 -36.49 13.76 -44.66
N LYS A 364 -36.62 13.42 -45.93
CA LYS A 364 -37.95 13.04 -46.49
C LYS A 364 -38.46 11.75 -45.83
N ARG A 365 -37.63 10.71 -45.79
CA ARG A 365 -38.05 9.39 -45.27
C ARG A 365 -38.29 9.46 -43.76
N TRP A 366 -37.49 10.25 -43.04
CA TRP A 366 -37.67 10.44 -41.58
C TRP A 366 -39.07 11.01 -41.31
N ARG A 367 -39.41 12.08 -42.01
CA ARG A 367 -40.75 12.72 -41.91
C ARG A 367 -41.86 11.76 -42.35
N GLU A 368 -41.64 10.99 -43.43
CA GLU A 368 -42.68 10.03 -43.92
C GLU A 368 -42.87 8.94 -42.85
N THR A 369 -41.82 8.54 -42.15
CA THR A 369 -41.88 7.38 -41.22
C THR A 369 -42.59 7.81 -39.92
N PHE A 370 -42.26 8.96 -39.33
CA PHE A 370 -42.65 9.22 -37.92
C PHE A 370 -43.92 10.08 -37.83
N SER A 371 -44.25 10.84 -38.86
CA SER A 371 -45.24 11.95 -38.72
C SER A 371 -46.61 11.37 -38.36
N ARG A 372 -46.88 10.11 -38.66
CA ARG A 372 -48.18 9.46 -38.46
C ARG A 372 -48.43 9.01 -37.02
N PHE A 373 -47.44 8.86 -36.17
CA PHE A 373 -47.63 8.27 -34.81
C PHE A 373 -48.31 9.27 -33.89
N GLU A 374 -49.31 8.77 -33.13
CA GLU A 374 -50.18 9.54 -32.22
C GLU A 374 -49.36 10.28 -31.15
N HIS A 375 -48.27 9.71 -30.66
CA HIS A 375 -47.50 10.28 -29.51
C HIS A 375 -46.13 10.74 -29.99
N VAL A 376 -46.00 11.04 -31.29
CA VAL A 376 -44.77 11.60 -31.89
C VAL A 376 -45.09 12.99 -32.45
N ASP A 377 -44.25 13.99 -32.14
CA ASP A 377 -44.46 15.34 -32.73
C ASP A 377 -43.11 16.03 -32.93
N ASP A 378 -43.14 17.16 -33.63
CA ASP A 378 -41.98 18.01 -33.91
C ASP A 378 -40.91 17.15 -34.62
N VAL A 379 -41.34 16.39 -35.64
CA VAL A 379 -40.38 15.59 -36.47
C VAL A 379 -39.51 16.58 -37.23
N ARG A 380 -38.19 16.44 -37.16
CA ARG A 380 -37.27 17.54 -37.53
C ARG A 380 -35.92 16.97 -37.94
N GLY A 381 -35.06 17.80 -38.50
CA GLY A 381 -33.69 17.43 -38.83
C GLY A 381 -33.21 18.14 -40.07
N VAL A 382 -31.91 18.06 -40.30
CA VAL A 382 -31.21 18.68 -41.45
C VAL A 382 -30.11 17.69 -41.80
N GLY A 383 -29.85 17.41 -43.08
CA GLY A 383 -28.67 16.62 -43.47
C GLY A 383 -28.76 15.21 -42.94
N MET A 384 -27.88 14.84 -42.02
CA MET A 384 -27.88 13.51 -41.38
C MET A 384 -27.98 13.63 -39.86
N VAL A 385 -28.62 14.70 -39.35
CA VAL A 385 -29.06 14.72 -37.93
C VAL A 385 -30.58 14.94 -37.92
N GLN A 386 -31.30 14.12 -37.18
CA GLN A 386 -32.77 14.18 -37.19
C GLN A 386 -33.32 13.68 -35.86
N ALA A 387 -34.56 14.04 -35.56
CA ALA A 387 -35.13 13.78 -34.22
C ALA A 387 -36.65 13.89 -34.26
N PHE A 388 -37.26 13.51 -33.16
CA PHE A 388 -38.68 13.83 -32.88
C PHE A 388 -38.84 13.84 -31.36
N THR A 389 -40.02 14.27 -30.90
CA THR A 389 -40.34 14.31 -29.46
C THR A 389 -41.51 13.38 -29.19
N LEU A 390 -41.40 12.59 -28.14
CA LEU A 390 -42.52 11.77 -27.63
C LEU A 390 -43.40 12.68 -26.77
N VAL A 391 -44.68 12.77 -27.11
CA VAL A 391 -45.59 13.73 -26.43
C VAL A 391 -46.84 13.02 -25.93
N LYS A 392 -47.44 13.56 -24.87
CA LYS A 392 -48.65 13.01 -24.25
C LYS A 392 -49.84 13.35 -25.17
N ASN A 393 -49.93 14.59 -25.67
CA ASN A 393 -51.11 15.03 -26.49
C ASN A 393 -50.61 16.06 -27.51
N LYS A 394 -50.50 15.64 -28.78
CA LYS A 394 -49.98 16.47 -29.89
C LYS A 394 -50.82 17.74 -30.06
N ALA A 395 -52.15 17.59 -29.98
CA ALA A 395 -53.06 18.71 -30.16
C ALA A 395 -52.64 19.83 -29.19
N LYS A 396 -52.36 19.50 -27.93
CA LYS A 396 -52.14 20.52 -26.86
C LYS A 396 -50.65 20.85 -26.80
N ARG A 397 -49.82 20.15 -27.56
CA ARG A 397 -48.34 20.14 -27.40
C ARG A 397 -48.01 19.89 -25.93
N GLU A 398 -48.70 18.91 -25.32
CA GLU A 398 -48.49 18.56 -23.91
C GLU A 398 -47.43 17.48 -23.85
N LEU A 399 -46.35 17.75 -23.10
CA LEU A 399 -45.25 16.79 -22.88
C LEU A 399 -45.65 15.85 -21.75
N PHE A 400 -45.02 14.69 -21.69
CA PHE A 400 -45.16 13.76 -20.54
C PHE A 400 -44.54 14.41 -19.32
N PRO A 401 -45.06 14.09 -18.12
CA PRO A 401 -44.44 14.55 -16.89
C PRO A 401 -43.12 13.79 -16.73
N ASP A 402 -42.25 14.25 -15.84
CA ASP A 402 -40.97 13.55 -15.51
C ASP A 402 -40.19 13.34 -16.82
N PHE A 403 -40.11 14.40 -17.64
CA PHE A 403 -39.48 14.41 -18.99
C PHE A 403 -38.23 13.53 -18.95
N GLY A 404 -38.18 12.49 -19.76
CA GLY A 404 -37.07 11.54 -19.75
C GLY A 404 -37.51 10.13 -19.44
N GLU A 405 -38.52 9.94 -18.60
CA GLU A 405 -39.00 8.58 -18.25
C GLU A 405 -39.57 7.90 -19.49
N ILE A 406 -40.37 8.62 -20.28
CA ILE A 406 -40.98 7.99 -21.49
C ILE A 406 -39.90 7.78 -22.55
N GLY A 407 -38.94 8.71 -22.68
CA GLY A 407 -37.81 8.56 -23.62
C GLY A 407 -37.01 7.31 -23.28
N THR A 408 -36.80 7.04 -22.00
CA THR A 408 -36.06 5.82 -21.53
C THR A 408 -36.81 4.55 -21.97
N LEU A 409 -38.13 4.51 -21.80
CA LEU A 409 -38.96 3.36 -22.22
C LEU A 409 -38.72 3.13 -23.72
N CYS A 410 -38.73 4.20 -24.52
CA CYS A 410 -38.66 4.09 -25.99
C CYS A 410 -37.25 3.65 -26.39
N ARG A 411 -36.24 4.22 -25.76
CA ARG A 411 -34.84 3.90 -26.09
C ARG A 411 -34.56 2.43 -25.77
N ASP A 412 -35.08 1.92 -24.67
CA ASP A 412 -34.94 0.49 -24.26
C ASP A 412 -35.56 -0.43 -25.34
N ILE A 413 -36.68 -0.06 -25.93
CA ILE A 413 -37.28 -0.86 -27.03
C ILE A 413 -36.33 -0.89 -28.22
N PHE A 414 -35.80 0.25 -28.62
CA PHE A 414 -34.80 0.32 -29.73
C PHE A 414 -33.64 -0.64 -29.44
N PHE A 415 -33.06 -0.54 -28.26
CA PHE A 415 -31.83 -1.27 -27.88
C PHE A 415 -32.09 -2.78 -27.91
N ARG A 416 -33.25 -3.21 -27.38
CA ARG A 416 -33.69 -4.62 -27.41
C ARG A 416 -33.89 -5.09 -28.86
N ASN A 417 -34.20 -4.18 -29.79
CA ASN A 417 -34.40 -4.50 -31.23
C ASN A 417 -33.13 -4.19 -32.03
N ASN A 418 -31.96 -4.06 -31.37
CA ASN A 418 -30.64 -3.97 -32.07
C ASN A 418 -30.58 -2.70 -32.94
N LEU A 419 -31.19 -1.62 -32.45
CA LEU A 419 -31.15 -0.29 -33.12
C LEU A 419 -30.67 0.72 -32.08
N ILE A 420 -29.62 1.48 -32.41
CA ILE A 420 -29.13 2.55 -31.48
C ILE A 420 -29.67 3.91 -31.94
N MET A 421 -30.64 4.44 -31.18
CA MET A 421 -31.04 5.86 -31.24
C MET A 421 -31.09 6.27 -29.78
N ARG A 422 -30.75 7.53 -29.50
CA ARG A 422 -30.55 8.03 -28.13
C ARG A 422 -31.79 8.82 -27.72
N ALA A 423 -32.12 8.73 -26.43
CA ALA A 423 -33.18 9.56 -25.82
C ALA A 423 -32.48 10.73 -25.10
N CYS A 424 -32.90 11.95 -25.40
CA CYS A 424 -32.44 13.15 -24.66
C CYS A 424 -33.71 13.69 -24.00
N GLY A 425 -33.93 13.37 -22.73
CA GLY A 425 -35.27 13.47 -22.14
C GLY A 425 -36.25 12.65 -22.98
N ASP A 426 -37.34 13.27 -23.46
CA ASP A 426 -38.32 12.55 -24.29
C ASP A 426 -38.09 12.86 -25.77
N HIS A 427 -36.99 13.53 -26.13
CA HIS A 427 -36.57 13.61 -27.55
C HIS A 427 -35.87 12.30 -27.95
N ILE A 428 -36.12 11.83 -29.13
CA ILE A 428 -35.38 10.70 -29.75
C ILE A 428 -34.57 11.27 -30.89
N VAL A 429 -33.29 10.93 -30.94
CA VAL A 429 -32.36 11.58 -31.88
C VAL A 429 -31.60 10.47 -32.61
N SER A 430 -31.14 10.81 -33.79
CA SER A 430 -30.32 9.95 -34.66
C SER A 430 -29.31 10.79 -35.39
N ALA A 431 -28.11 10.23 -35.56
CA ALA A 431 -27.00 10.83 -36.29
C ALA A 431 -26.13 9.69 -36.82
N PRO A 432 -26.56 8.97 -37.87
CA PRO A 432 -25.83 7.80 -38.34
C PRO A 432 -24.59 8.18 -39.13
N PRO A 433 -23.70 7.23 -39.45
CA PRO A 433 -22.58 7.57 -40.31
C PRO A 433 -23.07 8.27 -41.59
N LEU A 434 -22.29 9.24 -42.09
CA LEU A 434 -22.69 10.02 -43.27
C LEU A 434 -22.69 9.17 -44.56
N VAL A 435 -21.96 8.06 -44.53
CA VAL A 435 -21.82 7.11 -45.67
C VAL A 435 -23.02 6.16 -45.73
N MET A 436 -23.95 6.19 -44.78
CA MET A 436 -25.13 5.30 -44.82
C MET A 436 -25.77 5.39 -46.23
N THR A 437 -26.13 4.23 -46.80
CA THR A 437 -26.80 4.15 -48.12
C THR A 437 -28.28 4.44 -47.98
N ARG A 438 -28.93 4.72 -49.08
CA ARG A 438 -30.41 4.88 -49.07
C ARG A 438 -31.02 3.61 -48.49
N ALA A 439 -30.54 2.44 -48.93
CA ALA A 439 -31.06 1.14 -48.50
C ALA A 439 -30.88 0.99 -46.99
N GLU A 440 -29.70 1.36 -46.50
CA GLU A 440 -29.50 1.30 -45.05
C GLU A 440 -30.55 2.23 -44.38
N VAL A 441 -30.79 3.41 -44.94
CA VAL A 441 -31.69 4.41 -44.27
C VAL A 441 -33.06 3.74 -44.15
N ASP A 442 -33.51 3.09 -45.21
CA ASP A 442 -34.83 2.42 -45.18
C ASP A 442 -34.78 1.26 -44.16
N GLU A 443 -33.67 0.50 -44.10
CA GLU A 443 -33.55 -0.63 -43.14
C GLU A 443 -33.70 -0.07 -41.71
N MET A 444 -32.94 0.98 -41.39
CA MET A 444 -33.01 1.64 -40.07
C MET A 444 -34.45 2.11 -39.76
N LEU A 445 -35.08 2.77 -40.71
CA LEU A 445 -36.46 3.34 -40.50
C LEU A 445 -37.49 2.22 -40.35
N ALA A 446 -37.33 1.09 -41.02
CA ALA A 446 -38.27 -0.05 -40.90
C ALA A 446 -38.18 -0.60 -39.47
N VAL A 447 -36.97 -0.74 -38.91
CA VAL A 447 -36.81 -1.22 -37.52
C VAL A 447 -37.39 -0.16 -36.56
N ALA A 448 -37.09 1.10 -36.79
CA ALA A 448 -37.57 2.20 -35.92
C ALA A 448 -39.11 2.22 -35.91
N GLU A 449 -39.73 2.06 -37.08
CA GLU A 449 -41.20 2.10 -37.21
C GLU A 449 -41.82 0.99 -36.35
N ARG A 450 -41.29 -0.24 -36.45
CA ARG A 450 -41.79 -1.39 -35.67
C ARG A 450 -41.61 -1.08 -34.17
N CYS A 451 -40.50 -0.48 -33.77
CA CYS A 451 -40.24 -0.12 -32.36
C CYS A 451 -41.28 0.90 -31.88
N LEU A 452 -41.63 1.88 -32.71
CA LEU A 452 -42.63 2.89 -32.30
C LEU A 452 -44.02 2.28 -32.18
N GLU A 453 -44.36 1.33 -33.05
CA GLU A 453 -45.66 0.60 -32.94
C GLU A 453 -45.70 -0.10 -31.58
N GLU A 454 -44.60 -0.76 -31.20
CA GLU A 454 -44.49 -1.43 -29.89
C GLU A 454 -44.63 -0.37 -28.78
N PHE A 455 -43.97 0.76 -28.94
CA PHE A 455 -44.01 1.87 -27.96
C PHE A 455 -45.46 2.34 -27.76
N GLU A 456 -46.19 2.59 -28.85
CA GLU A 456 -47.60 3.05 -28.75
C GLU A 456 -48.45 1.96 -28.05
N GLN A 457 -48.23 0.68 -28.39
CA GLN A 457 -48.98 -0.42 -27.74
C GLN A 457 -48.65 -0.44 -26.24
N THR A 458 -47.39 -0.22 -25.85
CA THR A 458 -46.93 -0.28 -24.43
C THR A 458 -47.50 0.89 -23.63
N LEU A 459 -47.51 2.10 -24.23
CA LEU A 459 -48.12 3.31 -23.63
C LEU A 459 -49.55 3.01 -23.24
N LYS A 460 -50.33 2.51 -24.20
CA LYS A 460 -51.76 2.22 -24.04
C LYS A 460 -51.91 1.14 -22.97
N ALA A 461 -51.16 0.04 -23.09
CA ALA A 461 -51.21 -1.10 -22.15
C ALA A 461 -51.00 -0.60 -20.71
N ARG A 462 -50.11 0.38 -20.51
CA ARG A 462 -49.71 0.87 -19.16
C ARG A 462 -50.58 2.04 -18.69
N GLY A 463 -51.55 2.49 -19.48
CA GLY A 463 -52.45 3.61 -19.12
C GLY A 463 -51.82 4.99 -19.18
N LEU A 464 -50.82 5.24 -20.04
CA LEU A 464 -50.15 6.56 -20.21
C LEU A 464 -50.45 7.14 -21.60
N THR B 12 10.40 20.24 -47.75
CA THR B 12 11.72 20.74 -47.23
C THR B 12 11.49 21.35 -45.84
N THR B 13 12.58 21.58 -45.09
CA THR B 13 12.54 22.33 -43.81
C THR B 13 11.80 23.66 -44.02
N SER B 14 12.19 24.42 -45.04
CA SER B 14 11.62 25.74 -45.40
C SER B 14 10.10 25.66 -45.54
N GLN B 15 9.61 24.70 -46.34
CA GLN B 15 8.17 24.56 -46.67
C GLN B 15 7.41 24.18 -45.37
N TRP B 16 7.95 23.25 -44.58
CA TRP B 16 7.28 22.82 -43.33
C TRP B 16 7.20 24.03 -42.38
N ARG B 17 8.26 24.85 -42.27
CA ARG B 17 8.26 26.04 -41.37
C ARG B 17 7.23 27.06 -41.86
N GLU B 18 7.15 27.27 -43.16
CA GLU B 18 6.21 28.27 -43.74
C GLU B 18 4.75 27.84 -43.44
N LEU B 19 4.45 26.56 -43.63
CA LEU B 19 3.08 26.02 -43.40
C LEU B 19 2.77 26.08 -41.90
N ASP B 20 3.75 25.75 -41.07
CA ASP B 20 3.54 25.78 -39.60
C ASP B 20 3.22 27.23 -39.16
N ALA B 21 3.99 28.21 -39.65
CA ALA B 21 3.81 29.62 -39.28
C ALA B 21 2.44 30.08 -39.81
N ALA B 22 2.05 29.65 -41.01
CA ALA B 22 0.80 30.13 -41.62
C ALA B 22 -0.43 29.58 -40.85
N HIS B 23 -0.39 28.36 -40.31
CA HIS B 23 -1.63 27.61 -39.97
C HIS B 23 -1.69 27.08 -38.54
N HIS B 24 -0.59 27.02 -37.77
CA HIS B 24 -0.56 26.22 -36.51
C HIS B 24 -0.30 27.14 -35.31
N LEU B 25 -1.15 27.08 -34.28
CA LEU B 25 -0.95 27.81 -33.00
C LEU B 25 -0.50 26.79 -31.98
N HIS B 26 0.66 26.99 -31.38
CA HIS B 26 1.32 25.98 -30.51
C HIS B 26 0.96 26.20 -29.05
N PRO B 27 1.01 25.14 -28.22
CA PRO B 27 0.91 25.30 -26.78
C PRO B 27 2.07 26.13 -26.18
N PHE B 28 1.77 26.95 -25.18
CA PHE B 28 2.76 27.66 -24.31
C PHE B 28 3.83 28.31 -25.18
N THR B 29 3.41 29.07 -26.18
CA THR B 29 4.35 29.63 -27.19
C THR B 29 4.03 31.09 -27.43
N ASP B 30 5.05 31.88 -27.72
CA ASP B 30 4.88 33.22 -28.33
C ASP B 30 4.84 32.99 -29.83
N THR B 31 3.64 32.97 -30.42
CA THR B 31 3.48 32.66 -31.86
C THR B 31 4.35 33.58 -32.74
N ALA B 32 4.27 34.90 -32.55
CA ALA B 32 4.96 35.85 -33.46
C ALA B 32 6.47 35.56 -33.40
N SER B 33 7.03 35.32 -32.23
CA SER B 33 8.49 34.99 -32.05
C SER B 33 8.83 33.66 -32.74
N LEU B 34 8.03 32.60 -32.49
CA LEU B 34 8.30 31.28 -33.12
C LEU B 34 8.22 31.40 -34.65
N ASN B 35 7.21 32.10 -35.19
CA ASN B 35 7.01 32.20 -36.66
C ASN B 35 8.21 32.95 -37.29
N GLN B 36 8.77 33.93 -36.59
CA GLN B 36 9.95 34.68 -37.11
C GLN B 36 11.20 33.78 -37.00
N ALA B 37 11.35 32.99 -35.93
CA ALA B 37 12.54 32.13 -35.70
C ALA B 37 12.54 30.89 -36.62
N GLY B 38 11.38 30.31 -36.92
CA GLY B 38 11.26 29.00 -37.59
C GLY B 38 11.15 27.89 -36.57
N ALA B 39 10.13 27.03 -36.67
CA ALA B 39 9.96 25.84 -35.81
C ALA B 39 11.01 24.78 -36.17
N ARG B 40 11.54 24.07 -35.16
CA ARG B 40 12.39 22.87 -35.39
C ARG B 40 11.48 21.69 -35.75
N VAL B 41 11.64 21.09 -36.93
CA VAL B 41 10.72 20.01 -37.40
C VAL B 41 11.28 18.63 -37.04
N MET B 42 10.67 17.96 -36.06
CA MET B 42 11.09 16.58 -35.65
C MET B 42 10.38 15.56 -36.55
N THR B 43 11.12 14.65 -37.18
CA THR B 43 10.56 13.73 -38.20
C THR B 43 10.53 12.26 -37.74
N ARG B 44 11.49 11.78 -36.94
CA ARG B 44 11.60 10.32 -36.65
C ARG B 44 12.19 10.09 -35.25
N GLY B 45 11.85 8.96 -34.64
CA GLY B 45 12.34 8.62 -33.29
C GLY B 45 12.72 7.17 -33.25
N GLU B 46 13.78 6.82 -32.52
CA GLU B 46 14.16 5.43 -32.30
C GLU B 46 14.90 5.36 -30.97
N GLY B 47 14.41 4.53 -30.05
CA GLY B 47 14.96 4.36 -28.70
C GLY B 47 14.96 5.67 -27.99
N VAL B 48 16.15 6.20 -27.68
CA VAL B 48 16.24 7.51 -26.95
C VAL B 48 16.49 8.65 -27.92
N TYR B 49 16.57 8.39 -29.22
CA TYR B 49 17.00 9.39 -30.21
C TYR B 49 15.86 9.90 -31.08
N LEU B 50 16.00 11.15 -31.53
CA LEU B 50 15.14 11.84 -32.51
C LEU B 50 16.02 12.28 -33.68
N TRP B 51 15.40 12.45 -34.86
CA TRP B 51 15.97 13.16 -36.00
C TRP B 51 15.07 14.34 -36.36
N ASP B 52 15.67 15.47 -36.74
CA ASP B 52 14.91 16.62 -37.29
C ASP B 52 15.04 16.65 -38.81
N SER B 53 14.32 17.54 -39.44
CA SER B 53 14.24 17.68 -40.92
C SER B 53 15.59 18.06 -41.52
N GLU B 54 16.57 18.52 -40.73
CA GLU B 54 17.93 18.87 -41.24
C GLU B 54 18.89 17.69 -41.04
N GLY B 55 18.40 16.54 -40.54
CA GLY B 55 19.20 15.31 -40.40
C GLY B 55 19.98 15.26 -39.09
N ASN B 56 19.73 16.17 -38.14
CA ASN B 56 20.44 16.11 -36.83
C ASN B 56 19.93 14.87 -36.07
N LYS B 57 20.82 14.07 -35.50
CA LYS B 57 20.45 13.02 -34.52
C LYS B 57 20.51 13.64 -33.12
N ILE B 58 19.45 13.50 -32.35
CA ILE B 58 19.22 14.30 -31.12
C ILE B 58 19.02 13.30 -29.99
N ILE B 59 19.65 13.54 -28.84
CA ILE B 59 19.37 12.77 -27.61
C ILE B 59 18.13 13.37 -26.96
N ASP B 60 17.09 12.58 -26.81
CA ASP B 60 15.84 13.10 -26.16
C ASP B 60 15.92 12.87 -24.64
N GLY B 61 16.57 13.78 -23.95
CA GLY B 61 16.66 13.72 -22.50
C GLY B 61 15.38 14.09 -21.81
N MET B 62 14.30 14.34 -22.57
CA MET B 62 12.99 14.65 -21.96
C MET B 62 11.92 13.60 -22.32
N ALA B 63 12.22 12.55 -23.08
CA ALA B 63 11.22 11.49 -23.42
C ALA B 63 9.96 12.17 -23.95
N GLY B 64 10.08 12.97 -24.97
CA GLY B 64 8.93 13.68 -25.59
C GLY B 64 8.56 14.85 -24.73
N LEU B 65 7.72 14.60 -23.75
CA LEU B 65 7.43 15.58 -22.69
C LEU B 65 7.19 14.79 -21.42
N TRP B 66 8.27 14.27 -20.82
CA TRP B 66 8.24 13.40 -19.61
C TRP B 66 7.41 12.13 -19.81
N CYS B 67 7.15 11.67 -21.03
CA CYS B 67 6.07 10.69 -21.26
C CYS B 67 6.45 9.48 -22.10
N VAL B 68 7.47 9.53 -22.96
CA VAL B 68 7.76 8.39 -23.87
C VAL B 68 8.61 7.36 -23.10
N ASN B 69 8.00 6.70 -22.14
CA ASN B 69 8.77 5.98 -21.07
C ASN B 69 9.44 4.75 -21.64
N VAL B 70 8.85 4.08 -22.64
CA VAL B 70 9.46 2.85 -23.24
C VAL B 70 10.32 3.24 -24.45
N GLY B 71 10.49 4.53 -24.72
CA GLY B 71 11.26 4.98 -25.87
C GLY B 71 10.48 4.87 -27.16
N TYR B 72 11.06 5.42 -28.22
CA TYR B 72 10.51 5.45 -29.58
C TYR B 72 10.72 4.08 -30.25
N GLY B 73 9.91 3.77 -31.24
CA GLY B 73 10.18 2.66 -32.18
C GLY B 73 9.50 1.37 -31.76
N ARG B 74 8.46 1.39 -30.92
CA ARG B 74 7.73 0.15 -30.55
C ARG B 74 6.79 -0.22 -31.70
N LYS B 75 7.25 -1.07 -32.60
CA LYS B 75 6.40 -1.55 -33.70
C LYS B 75 5.25 -2.41 -33.18
N ASP B 76 5.45 -3.10 -32.06
CA ASP B 76 4.39 -3.91 -31.42
C ASP B 76 3.24 -3.00 -31.00
N PHE B 77 3.53 -1.79 -30.54
CA PHE B 77 2.43 -0.86 -30.15
C PHE B 77 1.64 -0.43 -31.39
N ALA B 78 2.37 -0.14 -32.48
CA ALA B 78 1.73 0.24 -33.78
C ALA B 78 0.82 -0.89 -34.28
N GLU B 79 1.24 -2.13 -34.10
CA GLU B 79 0.44 -3.31 -34.51
C GLU B 79 -0.80 -3.41 -33.62
N ALA B 80 -0.66 -3.23 -32.30
CA ALA B 80 -1.83 -3.24 -31.38
C ALA B 80 -2.85 -2.17 -31.80
N ALA B 81 -2.37 -0.99 -32.21
CA ALA B 81 -3.24 0.12 -32.64
C ALA B 81 -3.95 -0.28 -33.94
N ARG B 82 -3.18 -0.77 -34.92
CA ARG B 82 -3.72 -1.15 -36.24
C ARG B 82 -4.82 -2.19 -36.04
N ARG B 83 -4.51 -3.26 -35.29
CA ARG B 83 -5.47 -4.38 -35.11
C ARG B 83 -6.75 -3.83 -34.45
N GLN B 84 -6.61 -3.04 -33.38
CA GLN B 84 -7.82 -2.55 -32.67
C GLN B 84 -8.60 -1.61 -33.60
N MET B 85 -7.89 -0.76 -34.33
CA MET B 85 -8.55 0.25 -35.18
C MET B 85 -9.33 -0.45 -36.29
N GLU B 86 -8.82 -1.55 -36.84
CA GLU B 86 -9.59 -2.30 -37.88
C GLU B 86 -10.82 -2.96 -37.25
N GLU B 87 -10.72 -3.51 -36.03
CA GLU B 87 -11.83 -4.31 -35.43
C GLU B 87 -12.93 -3.38 -34.96
N LEU B 88 -12.59 -2.42 -34.09
CA LEU B 88 -13.57 -1.46 -33.54
C LEU B 88 -12.83 -0.21 -33.15
N PRO B 89 -12.80 0.80 -34.06
CA PRO B 89 -11.95 1.96 -33.88
C PRO B 89 -12.44 2.80 -32.72
N PHE B 90 -13.74 2.82 -32.55
CA PHE B 90 -14.40 3.58 -31.49
C PHE B 90 -15.74 2.96 -31.15
N TYR B 91 -16.01 2.88 -29.85
CA TYR B 91 -17.39 2.82 -29.37
C TYR B 91 -17.40 3.52 -28.02
N ASN B 92 -18.56 4.10 -27.70
CA ASN B 92 -18.67 4.96 -26.50
C ASN B 92 -18.95 4.09 -25.27
N THR B 93 -18.59 4.60 -24.08
CA THR B 93 -18.84 3.94 -22.79
C THR B 93 -19.97 4.68 -22.05
N PHE B 94 -20.78 5.43 -22.79
CA PHE B 94 -21.91 6.24 -22.26
C PHE B 94 -23.22 5.46 -22.22
N PHE B 95 -23.51 4.57 -23.18
CA PHE B 95 -24.88 4.06 -23.39
C PHE B 95 -25.12 2.76 -22.61
N LYS B 96 -24.62 2.64 -21.37
CA LYS B 96 -24.61 1.33 -20.63
C LYS B 96 -23.83 0.31 -21.48
N THR B 97 -22.79 0.80 -22.16
CA THR B 97 -21.96 0.04 -23.13
C THR B 97 -20.51 0.01 -22.65
N THR B 98 -19.81 -1.05 -23.05
CA THR B 98 -18.34 -1.14 -22.86
C THR B 98 -17.77 -1.83 -24.10
N HIS B 99 -16.46 -2.04 -24.10
CA HIS B 99 -15.80 -2.81 -25.16
C HIS B 99 -14.59 -3.51 -24.56
N PRO B 100 -14.12 -4.60 -25.19
CA PRO B 100 -13.10 -5.45 -24.59
C PRO B 100 -11.80 -4.73 -24.27
N ALA B 101 -11.34 -3.80 -25.12
CA ALA B 101 -10.04 -3.13 -24.89
C ALA B 101 -10.09 -2.36 -23.57
N VAL B 102 -11.16 -1.63 -23.30
CA VAL B 102 -11.20 -0.81 -22.06
C VAL B 102 -11.36 -1.75 -20.86
N VAL B 103 -12.12 -2.83 -20.98
CA VAL B 103 -12.27 -3.81 -19.86
C VAL B 103 -10.90 -4.41 -19.55
N GLU B 104 -10.17 -4.88 -20.58
CA GLU B 104 -8.86 -5.54 -20.37
C GLU B 104 -7.88 -4.55 -19.79
N LEU B 105 -7.85 -3.31 -20.28
CA LEU B 105 -6.95 -2.30 -19.67
C LEU B 105 -7.30 -2.06 -18.18
N SER B 106 -8.58 -1.97 -17.86
CA SER B 106 -9.01 -1.65 -16.47
C SER B 106 -8.53 -2.80 -15.59
N SER B 107 -8.62 -4.04 -16.06
CA SER B 107 -8.23 -5.23 -15.28
C SER B 107 -6.71 -5.23 -15.10
N LEU B 108 -5.94 -4.90 -16.15
CA LEU B 108 -4.46 -4.88 -16.03
C LEU B 108 -4.01 -3.76 -15.08
N LEU B 109 -4.65 -2.61 -15.15
CA LEU B 109 -4.30 -1.44 -14.32
C LEU B 109 -4.55 -1.75 -12.83
N ALA B 110 -5.61 -2.49 -12.50
CA ALA B 110 -5.83 -2.92 -11.09
C ALA B 110 -4.65 -3.78 -10.61
N GLU B 111 -4.03 -4.59 -11.47
CA GLU B 111 -2.88 -5.43 -11.07
C GLU B 111 -1.62 -4.61 -10.78
N VAL B 112 -1.36 -3.47 -11.43
CA VAL B 112 -0.05 -2.77 -11.29
C VAL B 112 -0.20 -1.63 -10.27
N THR B 113 -1.43 -1.26 -9.93
CA THR B 113 -1.67 -0.17 -8.96
C THR B 113 -1.71 -0.77 -7.56
N PRO B 114 -1.54 0.04 -6.50
CA PRO B 114 -1.66 -0.47 -5.13
C PRO B 114 -3.06 -1.03 -4.83
N ALA B 115 -3.12 -1.82 -3.77
CA ALA B 115 -4.37 -2.44 -3.29
C ALA B 115 -5.37 -1.32 -3.02
N GLY B 116 -6.63 -1.51 -3.34
CA GLY B 116 -7.65 -0.49 -3.03
C GLY B 116 -7.86 0.48 -4.17
N PHE B 117 -7.05 0.42 -5.23
CA PHE B 117 -7.33 1.13 -6.50
C PHE B 117 -7.75 0.05 -7.47
N ASP B 118 -9.04 -0.22 -7.49
CA ASP B 118 -9.63 -1.21 -8.40
C ASP B 118 -10.29 -0.46 -9.55
N ARG B 119 -10.72 0.78 -9.30
CA ARG B 119 -11.66 1.47 -10.22
C ARG B 119 -10.99 2.67 -10.89
N VAL B 120 -11.15 2.75 -12.21
CA VAL B 120 -10.49 3.80 -13.02
C VAL B 120 -11.55 4.50 -13.87
N PHE B 121 -11.38 5.81 -14.00
CA PHE B 121 -12.17 6.65 -14.93
C PHE B 121 -11.19 7.16 -15.98
N TYR B 122 -11.56 7.07 -17.25
CA TYR B 122 -10.63 7.39 -18.35
C TYR B 122 -10.95 8.76 -18.93
N THR B 123 -9.88 9.37 -19.40
CA THR B 123 -9.90 10.72 -20.06
C THR B 123 -8.94 10.64 -21.24
N ASN B 124 -8.75 11.76 -21.91
CA ASN B 124 -7.84 11.89 -23.07
C ASN B 124 -6.53 12.50 -22.63
N SER B 125 -6.42 13.13 -21.47
CA SER B 125 -5.22 13.91 -21.13
C SER B 125 -5.06 13.99 -19.63
N GLY B 126 -3.88 14.42 -19.19
CA GLY B 126 -3.69 14.74 -17.77
C GLY B 126 -4.53 15.90 -17.29
N SER B 127 -4.77 16.90 -18.13
CA SER B 127 -5.61 18.07 -17.80
C SER B 127 -7.06 17.64 -17.57
N GLU B 128 -7.56 16.75 -18.45
CA GLU B 128 -8.94 16.25 -18.28
C GLU B 128 -9.00 15.38 -17.01
N SER B 129 -7.92 14.63 -16.67
CA SER B 129 -7.92 13.78 -15.45
C SER B 129 -8.01 14.73 -14.25
N VAL B 130 -7.31 15.84 -14.30
CA VAL B 130 -7.34 16.81 -13.16
C VAL B 130 -8.77 17.40 -13.05
N ASP B 131 -9.40 17.81 -14.14
CA ASP B 131 -10.76 18.37 -14.04
C ASP B 131 -11.70 17.29 -13.50
N THR B 132 -11.55 16.05 -13.95
CA THR B 132 -12.35 14.90 -13.47
C THR B 132 -12.19 14.79 -11.97
N MET B 133 -10.93 14.76 -11.53
CA MET B 133 -10.65 14.63 -10.08
C MET B 133 -11.31 15.79 -9.31
N ILE B 134 -11.24 17.02 -9.78
CA ILE B 134 -11.87 18.18 -9.08
C ILE B 134 -13.37 17.93 -8.94
N ARG B 135 -14.03 17.57 -10.05
CA ARG B 135 -15.48 17.29 -9.96
C ARG B 135 -15.78 16.08 -9.05
N MET B 136 -14.98 15.02 -9.13
CA MET B 136 -15.14 13.84 -8.24
C MET B 136 -14.99 14.25 -6.78
N VAL B 137 -13.98 15.05 -6.43
CA VAL B 137 -13.73 15.44 -5.02
C VAL B 137 -14.95 16.22 -4.52
N ARG B 138 -15.44 17.15 -5.31
CA ARG B 138 -16.57 18.00 -4.88
C ARG B 138 -17.84 17.15 -4.79
N ARG B 139 -18.05 16.27 -5.74
CA ARG B 139 -19.23 15.37 -5.73
C ARG B 139 -19.17 14.46 -4.47
N TYR B 140 -18.00 13.95 -4.16
CA TYR B 140 -17.81 13.06 -3.01
C TYR B 140 -18.33 13.78 -1.76
N TRP B 141 -17.87 15.01 -1.53
CA TRP B 141 -18.27 15.73 -0.29
C TRP B 141 -19.76 16.08 -0.32
N ASP B 142 -20.35 16.36 -1.48
CA ASP B 142 -21.82 16.52 -1.55
C ASP B 142 -22.51 15.24 -1.08
N VAL B 143 -22.07 14.09 -1.54
CA VAL B 143 -22.70 12.79 -1.17
C VAL B 143 -22.57 12.57 0.34
N GLN B 144 -21.46 12.99 0.94
CA GLN B 144 -21.25 12.95 2.42
C GLN B 144 -22.14 13.96 3.16
N GLY B 145 -22.83 14.84 2.47
CA GLY B 145 -23.68 15.87 3.10
C GLY B 145 -22.86 17.05 3.59
N LYS B 146 -21.69 17.32 2.96
CA LYS B 146 -20.82 18.46 3.35
C LYS B 146 -20.64 19.38 2.16
N PRO B 147 -21.69 20.12 1.74
CA PRO B 147 -21.64 20.92 0.54
C PRO B 147 -20.69 22.11 0.67
N GLU B 148 -20.21 22.43 1.88
CA GLU B 148 -19.24 23.53 2.06
C GLU B 148 -17.83 23.03 1.78
N LYS B 149 -17.61 21.72 1.80
CA LYS B 149 -16.23 21.16 1.74
C LYS B 149 -15.83 21.03 0.27
N LYS B 150 -15.36 22.13 -0.32
CA LYS B 150 -15.25 22.30 -1.77
C LYS B 150 -13.90 22.91 -2.18
N THR B 151 -13.13 23.47 -1.24
CA THR B 151 -11.85 24.12 -1.61
C THR B 151 -10.77 23.08 -1.80
N LEU B 152 -10.08 23.14 -2.93
CA LEU B 152 -8.90 22.27 -3.13
C LEU B 152 -7.67 23.17 -2.95
N ILE B 153 -6.65 22.64 -2.29
CA ILE B 153 -5.42 23.38 -2.03
C ILE B 153 -4.31 22.79 -2.92
N GLY B 154 -3.65 23.66 -3.66
CA GLY B 154 -2.43 23.33 -4.40
C GLY B 154 -1.25 24.12 -3.89
N ARG B 155 -0.23 24.24 -4.74
CA ARG B 155 1.01 24.93 -4.39
C ARG B 155 1.41 25.92 -5.48
N TRP B 156 1.98 27.04 -5.08
CA TRP B 156 2.71 27.93 -5.97
C TRP B 156 3.78 27.10 -6.65
N ASN B 157 3.90 27.25 -7.97
CA ASN B 157 4.84 26.51 -8.82
C ASN B 157 4.43 25.05 -8.96
N GLY B 158 3.23 24.61 -8.48
CA GLY B 158 2.71 23.29 -8.92
C GLY B 158 2.08 23.39 -10.29
N TYR B 159 2.03 22.29 -11.02
CA TYR B 159 1.45 22.25 -12.38
C TYR B 159 0.49 21.09 -12.45
N HIS B 160 -0.78 21.37 -12.82
CA HIS B 160 -1.85 20.34 -12.84
C HIS B 160 -2.63 20.50 -14.16
N GLY B 161 -1.95 20.95 -15.20
CA GLY B 161 -2.52 20.99 -16.55
C GLY B 161 -3.06 22.34 -16.93
N SER B 162 -3.84 22.34 -18.05
CA SER B 162 -4.11 23.59 -18.79
C SER B 162 -5.59 23.73 -19.11
N THR B 163 -6.43 22.88 -18.54
CA THR B 163 -7.90 23.21 -18.51
C THR B 163 -8.04 24.41 -17.58
N ILE B 164 -9.20 25.07 -17.60
CA ILE B 164 -9.47 26.14 -16.59
C ILE B 164 -9.33 25.56 -15.18
N GLY B 165 -9.89 24.36 -14.90
CA GLY B 165 -9.74 23.69 -13.60
C GLY B 165 -8.31 23.43 -13.22
N GLY B 166 -7.58 22.80 -14.11
CA GLY B 166 -6.17 22.44 -13.85
C GLY B 166 -5.29 23.64 -13.74
N ALA B 167 -5.47 24.65 -14.56
CA ALA B 167 -4.68 25.91 -14.48
C ALA B 167 -4.94 26.60 -13.14
N SER B 168 -6.20 26.56 -12.64
CA SER B 168 -6.57 27.18 -11.35
C SER B 168 -5.88 26.47 -10.18
N LEU B 169 -5.86 25.15 -10.20
CA LEU B 169 -5.26 24.33 -9.12
C LEU B 169 -3.74 24.42 -9.16
N GLY B 170 -3.20 24.42 -10.37
CA GLY B 170 -1.79 24.77 -10.52
C GLY B 170 -1.46 26.14 -9.98
N GLY B 171 -0.19 26.39 -9.70
CA GLY B 171 0.27 27.62 -9.09
C GLY B 171 1.19 28.43 -9.97
N MET B 172 0.93 28.43 -11.28
CA MET B 172 1.69 29.26 -12.23
C MET B 172 0.92 30.58 -12.44
N LYS B 173 1.40 31.64 -11.86
CA LYS B 173 0.73 32.96 -11.97
C LYS B 173 0.63 33.36 -13.45
N TYR B 174 1.60 32.97 -14.28
CA TYR B 174 1.57 33.31 -15.73
C TYR B 174 0.37 32.61 -16.40
N MET B 175 -0.14 31.51 -15.84
CA MET B 175 -1.38 30.89 -16.40
C MET B 175 -2.59 31.54 -15.75
N HIS B 176 -2.55 31.86 -14.46
CA HIS B 176 -3.70 32.50 -13.76
C HIS B 176 -4.12 33.78 -14.49
N GLU B 177 -3.14 34.55 -14.95
CA GLU B 177 -3.33 35.87 -15.59
C GLU B 177 -3.98 35.74 -16.95
N GLN B 178 -4.17 34.54 -17.51
CA GLN B 178 -4.83 34.36 -18.83
C GLN B 178 -6.08 33.51 -18.62
N GLY B 179 -7.23 34.18 -18.52
CA GLY B 179 -8.50 33.47 -18.25
C GLY B 179 -9.20 33.85 -16.94
N ASP B 180 -8.62 34.76 -16.13
CA ASP B 180 -9.19 35.29 -14.86
C ASP B 180 -9.26 34.13 -13.87
N LEU B 181 -8.16 33.46 -13.63
CA LEU B 181 -8.07 32.27 -12.76
C LEU B 181 -7.30 32.69 -11.50
N PRO B 182 -7.37 31.96 -10.40
CA PRO B 182 -8.13 30.72 -10.30
C PRO B 182 -9.64 30.93 -10.12
N ILE B 183 -10.36 29.90 -10.51
CA ILE B 183 -11.80 29.75 -10.21
C ILE B 183 -11.97 29.64 -8.69
N PRO B 184 -13.19 29.85 -8.19
CA PRO B 184 -13.45 29.77 -6.76
C PRO B 184 -13.19 28.38 -6.17
N GLY B 185 -12.86 28.37 -4.87
CA GLY B 185 -12.65 27.10 -4.15
C GLY B 185 -11.30 26.48 -4.47
N MET B 186 -10.33 27.35 -4.72
CA MET B 186 -8.92 26.98 -5.00
C MET B 186 -8.05 27.83 -4.09
N ALA B 187 -7.09 27.25 -3.43
CA ALA B 187 -6.16 27.98 -2.58
C ALA B 187 -4.76 27.39 -2.81
N HIS B 188 -3.76 28.11 -2.38
CA HIS B 188 -2.35 27.74 -2.68
C HIS B 188 -1.47 28.02 -1.47
N ILE B 189 -0.56 27.08 -1.29
CA ILE B 189 0.52 27.24 -0.28
C ILE B 189 1.86 27.27 -1.00
N GLU B 190 2.88 27.74 -0.29
CA GLU B 190 4.24 27.78 -0.87
C GLU B 190 4.73 26.35 -1.14
N GLN B 191 5.66 26.23 -2.09
CA GLN B 191 6.24 24.96 -2.50
C GLN B 191 7.41 24.58 -1.57
N PRO B 192 7.63 23.28 -1.40
CA PRO B 192 8.76 22.80 -0.58
C PRO B 192 10.13 22.82 -1.30
N TRP B 193 10.55 24.02 -1.66
CA TRP B 193 11.82 24.35 -2.36
C TRP B 193 12.83 24.79 -1.33
N TRP B 194 13.62 23.85 -0.85
CA TRP B 194 14.55 24.09 0.27
C TRP B 194 15.59 25.16 -0.12
N TYR B 195 16.14 25.08 -1.33
CA TYR B 195 17.24 25.96 -1.76
C TYR B 195 16.84 27.41 -1.56
N LYS B 196 15.57 27.75 -1.79
CA LYS B 196 15.06 29.14 -1.64
C LYS B 196 14.56 29.37 -0.22
N HIS B 197 13.71 28.48 0.30
CA HIS B 197 12.91 28.74 1.53
C HIS B 197 13.44 28.04 2.77
N GLY B 198 14.57 27.34 2.70
CA GLY B 198 15.01 26.50 3.84
C GLY B 198 15.66 27.29 4.98
N LYS B 199 15.91 28.60 4.82
CA LYS B 199 16.45 29.44 5.92
C LYS B 199 17.69 28.73 6.45
N ASP B 200 17.73 28.49 7.75
CA ASP B 200 18.91 27.89 8.44
C ASP B 200 18.65 26.41 8.74
N MET B 201 17.69 25.79 8.08
CA MET B 201 17.24 24.42 8.40
C MET B 201 17.98 23.39 7.53
N THR B 202 18.03 22.14 8.01
CA THR B 202 18.29 20.97 7.20
C THR B 202 17.06 20.70 6.33
N PRO B 203 17.21 19.97 5.21
CA PRO B 203 16.06 19.63 4.37
C PRO B 203 15.00 18.92 5.24
N ASP B 204 15.37 17.95 6.07
CA ASP B 204 14.38 17.22 6.89
C ASP B 204 13.61 18.18 7.81
N GLU B 205 14.26 19.15 8.49
CA GLU B 205 13.54 20.11 9.33
C GLU B 205 12.56 20.91 8.45
N PHE B 206 13.07 21.34 7.29
CA PHE B 206 12.29 22.19 6.38
C PHE B 206 11.08 21.39 5.88
N GLY B 207 11.23 20.09 5.63
CA GLY B 207 10.10 19.29 5.11
C GLY B 207 8.90 19.37 6.03
N VAL B 208 9.14 19.39 7.34
CA VAL B 208 8.04 19.45 8.32
C VAL B 208 7.43 20.86 8.27
N VAL B 209 8.27 21.91 8.25
CA VAL B 209 7.76 23.30 8.17
C VAL B 209 6.90 23.50 6.90
N ALA B 210 7.40 23.01 5.76
CA ALA B 210 6.74 23.22 4.47
C ALA B 210 5.44 22.44 4.45
N ALA B 211 5.40 21.24 5.03
CA ALA B 211 4.15 20.47 5.13
C ALA B 211 3.16 21.22 6.03
N ARG B 212 3.62 21.79 7.11
CA ARG B 212 2.69 22.46 8.06
C ARG B 212 2.11 23.76 7.48
N TRP B 213 2.70 24.31 6.42
CA TRP B 213 2.01 25.39 5.66
C TRP B 213 0.61 24.91 5.24
N LEU B 214 0.47 23.63 4.95
CA LEU B 214 -0.87 23.10 4.59
C LEU B 214 -1.82 23.22 5.79
N GLU B 215 -1.36 22.79 6.97
CA GLU B 215 -2.22 22.85 8.14
C GLU B 215 -2.61 24.31 8.42
N GLU B 216 -1.65 25.23 8.33
CA GLU B 216 -1.92 26.65 8.64
C GLU B 216 -2.92 27.19 7.64
N LYS B 217 -2.83 26.80 6.38
CA LYS B 217 -3.80 27.28 5.37
C LYS B 217 -5.18 26.67 5.64
N ILE B 218 -5.25 25.40 5.99
CA ILE B 218 -6.55 24.72 6.33
C ILE B 218 -7.21 25.50 7.47
N LEU B 219 -6.43 25.88 8.48
CA LEU B 219 -7.01 26.56 9.66
C LEU B 219 -7.40 27.99 9.34
N GLU B 220 -6.69 28.64 8.41
CA GLU B 220 -7.03 30.01 7.98
C GLU B 220 -8.36 29.97 7.23
N ILE B 221 -8.55 29.00 6.33
CA ILE B 221 -9.79 28.87 5.53
C ILE B 221 -10.92 28.31 6.42
N GLY B 222 -10.60 27.36 7.28
CA GLY B 222 -11.62 26.54 7.98
C GLY B 222 -11.68 25.13 7.42
N ALA B 223 -11.37 24.13 8.26
CA ALA B 223 -11.24 22.73 7.76
C ALA B 223 -12.54 22.27 7.11
N ASP B 224 -13.68 22.71 7.63
CA ASP B 224 -14.99 22.27 7.07
C ASP B 224 -15.19 22.79 5.63
N LYS B 225 -14.34 23.68 5.15
CA LYS B 225 -14.43 24.25 3.79
C LYS B 225 -13.43 23.55 2.87
N VAL B 226 -12.53 22.72 3.41
CA VAL B 226 -11.41 22.20 2.57
C VAL B 226 -11.71 20.76 2.13
N ALA B 227 -11.77 20.56 0.82
CA ALA B 227 -12.07 19.24 0.21
C ALA B 227 -10.84 18.36 0.06
N ALA B 228 -9.74 18.91 -0.38
CA ALA B 228 -8.58 18.11 -0.81
C ALA B 228 -7.32 18.97 -0.86
N PHE B 229 -6.19 18.30 -0.67
CA PHE B 229 -4.88 18.84 -1.05
C PHE B 229 -4.38 18.00 -2.21
N VAL B 230 -3.84 18.67 -3.23
CA VAL B 230 -3.37 18.01 -4.47
C VAL B 230 -1.92 18.40 -4.65
N GLY B 231 -1.09 17.38 -4.95
CA GLY B 231 0.31 17.67 -5.27
C GLY B 231 0.91 16.61 -6.18
N GLU B 232 1.80 17.07 -7.02
CA GLU B 232 2.79 16.23 -7.72
C GLU B 232 3.77 15.69 -6.68
N PRO B 233 4.09 14.37 -6.65
CA PRO B 233 5.08 13.86 -5.68
C PRO B 233 6.41 14.63 -5.79
N ILE B 234 6.87 14.82 -7.01
CA ILE B 234 7.96 15.74 -7.45
C ILE B 234 7.31 16.74 -8.41
N GLN B 235 7.52 18.02 -8.19
CA GLN B 235 7.03 19.09 -9.07
C GLN B 235 7.82 18.99 -10.37
N GLY B 236 7.17 18.78 -11.49
CA GLY B 236 7.85 18.61 -12.78
C GLY B 236 8.09 19.91 -13.48
N ALA B 237 7.04 20.54 -14.04
CA ALA B 237 7.16 21.78 -14.82
C ALA B 237 7.76 22.90 -13.97
N GLY B 238 7.59 22.82 -12.65
CA GLY B 238 8.13 23.79 -11.72
C GLY B 238 9.66 23.66 -11.57
N GLY B 239 10.24 22.58 -12.07
CA GLY B 239 11.70 22.40 -12.02
C GLY B 239 12.22 21.19 -11.31
N VAL B 240 11.46 20.09 -11.20
CA VAL B 240 11.95 18.85 -10.51
C VAL B 240 12.30 19.25 -9.09
N ILE B 241 11.29 19.82 -8.42
CA ILE B 241 11.43 20.22 -6.99
C ILE B 241 11.15 18.93 -6.21
N VAL B 242 12.19 18.35 -5.64
CA VAL B 242 12.16 17.07 -4.91
C VAL B 242 12.00 17.46 -3.44
N PRO B 243 10.90 17.10 -2.81
CA PRO B 243 10.68 17.52 -1.43
C PRO B 243 11.54 16.67 -0.51
N PRO B 244 11.85 17.18 0.71
CA PRO B 244 12.56 16.38 1.68
C PRO B 244 11.73 15.15 2.05
N ALA B 245 12.42 14.13 2.60
CA ALA B 245 11.82 12.84 3.00
C ALA B 245 10.76 13.02 4.06
N THR B 246 10.80 14.09 4.85
CA THR B 246 9.83 14.34 5.94
C THR B 246 8.51 14.95 5.42
N TYR B 247 8.49 15.45 4.21
CA TYR B 247 7.39 16.31 3.71
C TYR B 247 6.11 15.50 3.53
N TRP B 248 6.12 14.49 2.66
CA TRP B 248 4.82 13.83 2.31
C TRP B 248 4.19 13.09 3.51
N PRO B 249 4.96 12.41 4.41
CA PRO B 249 4.34 11.79 5.58
C PRO B 249 3.60 12.83 6.44
N GLU B 250 4.14 14.05 6.52
CA GLU B 250 3.54 15.13 7.32
C GLU B 250 2.31 15.64 6.59
N ILE B 251 2.40 15.87 5.27
CA ILE B 251 1.20 16.28 4.51
C ILE B 251 0.09 15.23 4.83
N GLU B 252 0.40 13.94 4.69
CA GLU B 252 -0.61 12.87 4.90
C GLU B 252 -1.20 12.95 6.30
N ARG B 253 -0.36 13.13 7.34
CA ARG B 253 -0.89 13.21 8.69
C ARG B 253 -1.86 14.40 8.84
N ILE B 254 -1.53 15.51 8.19
CA ILE B 254 -2.35 16.75 8.28
C ILE B 254 -3.66 16.48 7.53
N CYS B 255 -3.61 15.83 6.39
CA CYS B 255 -4.86 15.57 5.64
C CYS B 255 -5.79 14.68 6.47
N ARG B 256 -5.25 13.65 7.08
CA ARG B 256 -6.08 12.72 7.91
C ARG B 256 -6.64 13.47 9.12
N LYS B 257 -5.85 14.35 9.73
CA LYS B 257 -6.29 15.10 10.93
C LYS B 257 -7.54 15.93 10.62
N TYR B 258 -7.62 16.55 9.46
CA TYR B 258 -8.68 17.50 9.10
C TYR B 258 -9.73 16.85 8.18
N ASP B 259 -9.65 15.55 7.93
CA ASP B 259 -10.61 14.85 7.02
C ASP B 259 -10.59 15.54 5.63
N VAL B 260 -9.38 15.74 5.11
CA VAL B 260 -9.13 16.34 3.80
C VAL B 260 -8.62 15.24 2.86
N LEU B 261 -9.23 15.12 1.68
CA LEU B 261 -8.72 14.06 0.74
C LEU B 261 -7.32 14.43 0.28
N LEU B 262 -6.53 13.39 0.05
CA LEU B 262 -5.13 13.54 -0.38
C LEU B 262 -5.05 13.03 -1.82
N VAL B 263 -4.61 13.88 -2.74
CA VAL B 263 -4.58 13.54 -4.17
C VAL B 263 -3.15 13.69 -4.67
N ALA B 264 -2.63 12.63 -5.30
CA ALA B 264 -1.33 12.70 -5.97
C ALA B 264 -1.58 12.95 -7.44
N ASP B 265 -0.89 13.93 -8.00
CA ASP B 265 -0.90 14.13 -9.46
C ASP B 265 0.29 13.35 -10.00
N GLU B 266 0.02 12.19 -10.60
CA GLU B 266 1.09 11.22 -11.03
C GLU B 266 1.27 11.34 -12.51
N VAL B 267 0.85 12.46 -13.09
CA VAL B 267 0.85 12.52 -14.58
C VAL B 267 2.30 12.33 -15.02
N ILE B 268 3.27 12.86 -14.32
CA ILE B 268 4.69 12.65 -14.65
C ILE B 268 5.28 11.44 -13.87
N CYS B 269 5.16 11.42 -12.55
CA CYS B 269 5.89 10.41 -11.72
C CYS B 269 5.31 9.04 -12.02
N GLY B 270 4.15 8.95 -12.73
CA GLY B 270 3.48 7.67 -12.86
C GLY B 270 4.20 6.77 -13.87
N PHE B 271 4.00 5.48 -13.77
CA PHE B 271 4.44 4.49 -14.77
C PHE B 271 5.97 4.43 -14.79
N GLY B 272 6.55 4.49 -13.58
CA GLY B 272 7.93 3.98 -13.37
C GLY B 272 8.99 5.07 -13.24
N ARG B 273 8.66 6.36 -13.33
CA ARG B 273 9.64 7.46 -13.47
C ARG B 273 10.57 7.50 -12.24
N THR B 274 10.07 7.17 -11.04
CA THR B 274 10.87 7.22 -9.80
C THR B 274 11.50 5.87 -9.48
N GLY B 275 11.23 4.81 -10.25
CA GLY B 275 11.58 3.42 -9.94
C GLY B 275 10.50 2.68 -9.22
N GLU B 276 9.55 3.36 -8.62
CA GLU B 276 8.29 2.71 -8.17
C GLU B 276 7.31 2.87 -9.31
N TRP B 277 6.23 2.13 -9.31
CA TRP B 277 5.16 2.36 -10.32
C TRP B 277 4.67 3.83 -10.25
N PHE B 278 4.52 4.39 -9.04
CA PHE B 278 3.96 5.74 -8.81
C PHE B 278 4.83 6.49 -7.81
N GLY B 279 4.96 7.81 -8.02
CA GLY B 279 5.75 8.69 -7.14
C GLY B 279 5.30 8.60 -5.69
N HIS B 280 4.00 8.50 -5.42
CA HIS B 280 3.55 8.44 -4.02
C HIS B 280 4.08 7.20 -3.30
N GLN B 281 4.41 6.12 -4.03
CA GLN B 281 4.97 4.91 -3.40
C GLN B 281 6.41 5.20 -2.99
N HIS B 282 7.12 5.95 -3.81
CA HIS B 282 8.53 6.28 -3.48
C HIS B 282 8.55 7.10 -2.19
N PHE B 283 7.71 8.11 -2.11
CA PHE B 283 7.72 9.10 -0.98
C PHE B 283 6.91 8.55 0.20
N GLY B 284 6.19 7.46 0.05
CA GLY B 284 5.53 6.74 1.15
C GLY B 284 4.30 7.45 1.65
N PHE B 285 3.41 7.89 0.78
CA PHE B 285 2.06 8.37 1.21
C PHE B 285 1.02 7.63 0.40
N GLN B 286 -0.21 7.63 0.91
CA GLN B 286 -1.33 6.83 0.40
C GLN B 286 -2.43 7.79 0.02
N PRO B 287 -2.49 8.26 -1.25
CA PRO B 287 -3.56 9.15 -1.66
C PRO B 287 -4.90 8.40 -1.80
N ASP B 288 -5.96 9.21 -1.72
CA ASP B 288 -7.36 8.74 -1.89
C ASP B 288 -7.67 8.60 -3.38
N LEU B 289 -7.01 9.40 -4.24
CA LEU B 289 -7.17 9.32 -5.70
C LEU B 289 -5.86 9.77 -6.30
N PHE B 290 -5.57 9.36 -7.53
CA PHE B 290 -4.43 9.96 -8.24
C PHE B 290 -4.72 10.06 -9.74
N THR B 291 -4.14 11.09 -10.35
CA THR B 291 -4.36 11.43 -11.77
C THR B 291 -3.15 10.93 -12.59
N ALA B 292 -3.40 10.49 -13.80
CA ALA B 292 -2.37 9.88 -14.67
C ALA B 292 -2.60 10.33 -16.11
N ALA B 293 -1.53 10.27 -16.89
CA ALA B 293 -1.56 10.28 -18.36
C ALA B 293 -0.18 9.92 -18.83
N LYS B 294 0.40 10.67 -19.79
CA LYS B 294 1.83 10.47 -20.19
C LYS B 294 2.23 8.97 -20.27
N GLY B 295 3.00 8.51 -19.29
CA GLY B 295 3.61 7.17 -19.29
C GLY B 295 2.52 6.10 -19.42
N LEU B 296 1.24 6.39 -19.14
CA LEU B 296 0.15 5.38 -19.24
C LEU B 296 0.20 4.69 -20.63
N SER B 297 0.44 5.43 -21.68
CA SER B 297 0.62 4.89 -23.05
C SER B 297 1.99 5.25 -23.63
N SER B 298 2.93 5.68 -22.81
CA SER B 298 4.24 6.22 -23.22
C SER B 298 4.05 7.29 -24.28
N GLY B 299 2.91 8.01 -24.23
CA GLY B 299 2.67 9.06 -25.21
C GLY B 299 2.29 8.55 -26.60
N TYR B 300 2.20 7.26 -26.83
CA TYR B 300 1.99 6.68 -28.19
C TYR B 300 0.59 7.06 -28.69
N LEU B 301 -0.39 7.21 -27.78
CA LEU B 301 -1.74 7.77 -28.10
C LEU B 301 -2.22 8.53 -26.87
N PRO B 302 -3.11 9.53 -27.08
CA PRO B 302 -3.61 10.29 -25.94
C PRO B 302 -4.56 9.43 -25.08
N ILE B 303 -4.26 9.36 -23.79
CA ILE B 303 -5.14 8.71 -22.78
C ILE B 303 -4.73 9.25 -21.41
N GLY B 304 -5.69 9.45 -20.54
CA GLY B 304 -5.40 9.71 -19.13
C GLY B 304 -6.34 8.93 -18.26
N ALA B 305 -6.18 9.04 -16.95
CA ALA B 305 -7.03 8.29 -16.04
C ALA B 305 -7.04 9.00 -14.69
N VAL B 306 -8.11 8.74 -13.96
CA VAL B 306 -8.18 8.98 -12.52
C VAL B 306 -8.32 7.60 -11.90
N PHE B 307 -7.39 7.29 -11.01
CA PHE B 307 -7.43 6.06 -10.21
C PHE B 307 -8.14 6.43 -8.92
N VAL B 308 -9.24 5.76 -8.66
CA VAL B 308 -10.15 6.14 -7.55
C VAL B 308 -10.05 5.09 -6.44
N GLY B 309 -9.59 5.50 -5.25
CA GLY B 309 -9.47 4.58 -4.11
C GLY B 309 -10.84 4.15 -3.64
N LYS B 310 -10.87 3.15 -2.76
CA LYS B 310 -12.10 2.50 -2.31
C LYS B 310 -13.08 3.48 -1.65
N ARG B 311 -12.60 4.34 -0.78
CA ARG B 311 -13.46 5.27 0.00
C ARG B 311 -14.18 6.22 -0.97
N VAL B 312 -13.44 6.88 -1.86
CA VAL B 312 -14.04 7.88 -2.77
C VAL B 312 -14.90 7.13 -3.78
N ALA B 313 -14.47 5.96 -4.26
CA ALA B 313 -15.30 5.17 -5.20
C ALA B 313 -16.65 4.85 -4.60
N GLU B 314 -16.68 4.40 -3.36
CA GLU B 314 -17.95 4.05 -2.67
C GLU B 314 -18.85 5.30 -2.59
N GLY B 315 -18.28 6.46 -2.28
CA GLY B 315 -19.07 7.72 -2.22
C GLY B 315 -19.63 8.08 -3.58
N LEU B 316 -18.84 7.98 -4.65
CA LEU B 316 -19.34 8.33 -6.01
C LEU B 316 -20.44 7.33 -6.39
N ILE B 317 -20.23 6.06 -6.10
CA ILE B 317 -21.22 4.99 -6.45
C ILE B 317 -22.51 5.22 -5.66
N ALA B 318 -22.42 5.63 -4.39
CA ALA B 318 -23.59 5.92 -3.53
C ALA B 318 -24.34 7.15 -4.06
N GLY B 319 -23.74 7.96 -4.93
CA GLY B 319 -24.36 9.21 -5.39
C GLY B 319 -25.17 9.05 -6.68
N GLY B 320 -25.37 7.84 -7.20
CA GLY B 320 -26.14 7.70 -8.44
C GLY B 320 -25.38 8.25 -9.66
N ASP B 321 -26.02 9.03 -10.52
CA ASP B 321 -25.41 9.53 -11.78
C ASP B 321 -24.16 10.37 -11.50
N PHE B 322 -23.03 10.08 -12.17
CA PHE B 322 -21.86 11.01 -12.22
C PHE B 322 -21.87 11.69 -13.59
N ASN B 323 -22.31 12.95 -13.63
CA ASN B 323 -22.67 13.67 -14.89
C ASN B 323 -21.39 14.28 -15.50
N HIS B 324 -20.49 13.40 -15.94
CA HIS B 324 -19.11 13.79 -16.27
C HIS B 324 -18.56 12.74 -17.24
N GLY B 325 -17.76 13.19 -18.18
CA GLY B 325 -16.91 12.34 -19.03
C GLY B 325 -16.79 12.88 -20.45
N PHE B 326 -15.96 12.24 -21.25
CA PHE B 326 -15.53 12.70 -22.58
C PHE B 326 -15.90 11.65 -23.62
N THR B 327 -16.32 12.10 -24.80
CA THR B 327 -16.65 11.20 -25.93
C THR B 327 -15.62 10.07 -26.06
N TYR B 328 -14.34 10.39 -26.03
CA TYR B 328 -13.23 9.44 -26.29
C TYR B 328 -12.76 8.79 -24.98
N SER B 329 -13.44 9.01 -23.85
CA SER B 329 -13.15 8.26 -22.60
C SER B 329 -13.19 6.76 -22.93
N GLY B 330 -12.09 6.06 -22.67
CA GLY B 330 -11.95 4.61 -22.82
C GLY B 330 -11.70 4.23 -24.26
N HIS B 331 -11.29 5.17 -25.10
CA HIS B 331 -11.17 4.95 -26.56
C HIS B 331 -10.53 3.60 -26.84
N PRO B 332 -11.12 2.71 -27.63
CA PRO B 332 -10.57 1.37 -27.79
C PRO B 332 -9.13 1.31 -28.28
N VAL B 333 -8.79 2.14 -29.27
CA VAL B 333 -7.41 2.10 -29.85
C VAL B 333 -6.42 2.60 -28.78
N CYS B 334 -6.78 3.71 -28.11
CA CYS B 334 -5.90 4.23 -27.03
C CYS B 334 -5.75 3.18 -25.93
N ALA B 335 -6.84 2.51 -25.56
CA ALA B 335 -6.84 1.50 -24.47
C ALA B 335 -5.95 0.33 -24.91
N ALA B 336 -5.99 -0.09 -26.17
CA ALA B 336 -5.20 -1.25 -26.63
C ALA B 336 -3.70 -0.90 -26.55
N VAL B 337 -3.34 0.32 -26.93
CA VAL B 337 -1.93 0.78 -26.87
C VAL B 337 -1.51 0.91 -25.41
N ALA B 338 -2.35 1.51 -24.55
CA ALA B 338 -1.98 1.62 -23.13
C ALA B 338 -1.78 0.22 -22.55
N HIS B 339 -2.61 -0.75 -22.95
CA HIS B 339 -2.51 -2.12 -22.40
C HIS B 339 -1.15 -2.69 -22.81
N ALA B 340 -0.79 -2.56 -24.10
CA ALA B 340 0.53 -3.05 -24.58
C ALA B 340 1.63 -2.36 -23.76
N ASN B 341 1.50 -1.06 -23.53
CA ASN B 341 2.53 -0.26 -22.85
C ASN B 341 2.70 -0.72 -21.40
N VAL B 342 1.60 -0.86 -20.66
CA VAL B 342 1.68 -1.26 -19.22
C VAL B 342 2.20 -2.69 -19.11
N ALA B 343 1.73 -3.58 -20.00
CA ALA B 343 2.21 -4.96 -20.06
C ALA B 343 3.71 -4.96 -20.32
N ALA B 344 4.21 -4.10 -21.19
CA ALA B 344 5.69 -4.07 -21.46
C ALA B 344 6.41 -3.53 -20.23
N LEU B 345 5.92 -2.44 -19.62
CA LEU B 345 6.57 -1.89 -18.40
C LEU B 345 6.73 -2.97 -17.33
N ARG B 346 5.70 -3.81 -17.12
CA ARG B 346 5.75 -4.88 -16.12
C ARG B 346 6.55 -6.08 -16.66
N ASP B 347 6.15 -6.64 -17.81
CA ASP B 347 6.60 -7.98 -18.22
C ASP B 347 8.05 -7.90 -18.73
N GLU B 348 8.47 -6.76 -19.28
CA GLU B 348 9.86 -6.59 -19.74
C GLU B 348 10.72 -6.05 -18.60
N GLY B 349 10.19 -5.89 -17.38
CA GLY B 349 11.01 -5.50 -16.22
C GLY B 349 11.55 -4.08 -16.31
N ILE B 350 10.89 -3.20 -17.04
CA ILE B 350 11.39 -1.81 -17.29
C ILE B 350 11.29 -1.01 -15.98
N VAL B 351 10.19 -1.12 -15.23
CA VAL B 351 10.04 -0.36 -13.96
C VAL B 351 11.06 -0.90 -12.95
N GLN B 352 11.15 -2.23 -12.84
CA GLN B 352 12.06 -2.87 -11.88
C GLN B 352 13.50 -2.43 -12.21
N ARG B 353 13.83 -2.30 -13.48
CA ARG B 353 15.20 -1.93 -13.93
C ARG B 353 15.46 -0.49 -13.47
N VAL B 354 14.46 0.37 -13.47
CA VAL B 354 14.69 1.75 -12.98
C VAL B 354 15.08 1.65 -11.50
N LYS B 355 14.33 0.89 -10.73
CA LYS B 355 14.54 0.84 -9.26
C LYS B 355 15.93 0.25 -9.00
N ASP B 356 16.27 -0.82 -9.67
CA ASP B 356 17.44 -1.70 -9.28
C ASP B 356 18.71 -1.34 -10.00
N ASP B 357 18.65 -0.77 -11.20
CA ASP B 357 19.82 -0.75 -12.11
C ASP B 357 20.02 0.66 -12.66
N ILE B 358 19.20 1.09 -13.59
CA ILE B 358 19.48 2.35 -14.34
C ILE B 358 19.19 3.59 -13.46
N GLY B 359 18.25 3.54 -12.53
CA GLY B 359 17.94 4.69 -11.67
C GLY B 359 19.15 5.02 -10.79
N PRO B 360 19.62 4.05 -10.00
CA PRO B 360 20.79 4.29 -9.15
C PRO B 360 22.04 4.73 -9.97
N TYR B 361 22.24 4.14 -11.15
CA TYR B 361 23.36 4.51 -12.04
C TYR B 361 23.20 5.95 -12.48
N MET B 362 22.01 6.32 -12.98
CA MET B 362 21.77 7.72 -13.45
C MET B 362 22.03 8.67 -12.27
N GLN B 363 21.52 8.33 -11.09
CA GLN B 363 21.59 9.29 -9.96
C GLN B 363 23.04 9.50 -9.56
N LYS B 364 23.82 8.43 -9.56
CA LYS B 364 25.25 8.52 -9.20
C LYS B 364 25.95 9.35 -10.27
N ARG B 365 25.76 9.01 -11.55
CA ARG B 365 26.50 9.65 -12.65
C ARG B 365 26.09 11.13 -12.76
N TRP B 366 24.81 11.43 -12.54
CA TRP B 366 24.28 12.82 -12.61
C TRP B 366 25.03 13.68 -11.58
N ARG B 367 25.10 13.19 -10.34
CA ARG B 367 25.85 13.89 -9.26
C ARG B 367 27.33 13.97 -9.57
N GLU B 368 27.93 12.91 -10.12
CA GLU B 368 29.37 12.94 -10.48
C GLU B 368 29.60 14.01 -11.57
N THR B 369 28.66 14.18 -12.49
CA THR B 369 28.87 15.04 -13.66
C THR B 369 28.72 16.51 -13.26
N PHE B 370 27.68 16.88 -12.50
CA PHE B 370 27.33 18.32 -12.39
C PHE B 370 27.96 19.01 -11.14
N SER B 371 28.35 18.22 -10.13
CA SER B 371 28.60 18.79 -8.78
C SER B 371 29.77 19.79 -8.86
N ARG B 372 30.65 19.69 -9.86
CA ARG B 372 31.90 20.49 -9.88
C ARG B 372 31.69 21.92 -10.40
N PHE B 373 30.60 22.19 -11.13
CA PHE B 373 30.48 23.46 -11.86
C PHE B 373 30.20 24.60 -10.86
N GLU B 374 30.90 25.72 -11.08
CA GLU B 374 30.84 26.94 -10.22
C GLU B 374 29.41 27.50 -10.13
N HIS B 375 28.61 27.39 -11.19
CA HIS B 375 27.28 28.05 -11.24
C HIS B 375 26.16 26.99 -11.29
N VAL B 376 26.45 25.79 -10.78
CA VAL B 376 25.46 24.69 -10.66
C VAL B 376 25.33 24.31 -9.19
N ASP B 377 24.09 24.22 -8.67
CA ASP B 377 23.90 23.74 -7.29
C ASP B 377 22.58 22.96 -7.21
N ASP B 378 22.35 22.38 -6.06
CA ASP B 378 21.13 21.62 -5.73
C ASP B 378 20.99 20.50 -6.74
N VAL B 379 22.06 19.76 -7.01
CA VAL B 379 22.03 18.60 -7.94
C VAL B 379 21.16 17.53 -7.27
N ARG B 380 20.13 17.01 -7.94
CA ARG B 380 19.06 16.24 -7.30
C ARG B 380 18.39 15.32 -8.33
N GLY B 381 17.58 14.38 -7.83
CA GLY B 381 16.85 13.45 -8.65
C GLY B 381 16.63 12.14 -7.95
N VAL B 382 15.74 11.32 -8.51
CA VAL B 382 15.38 9.97 -8.03
C VAL B 382 15.06 9.19 -9.29
N GLY B 383 15.48 7.95 -9.37
CA GLY B 383 15.09 7.08 -10.49
C GLY B 383 15.56 7.64 -11.82
N MET B 384 14.65 8.03 -12.69
CA MET B 384 15.01 8.62 -14.00
C MET B 384 14.44 10.04 -14.16
N VAL B 385 14.22 10.77 -13.06
CA VAL B 385 14.04 12.23 -13.12
C VAL B 385 15.13 12.92 -12.29
N GLN B 386 15.79 13.89 -12.88
CA GLN B 386 16.93 14.56 -12.22
C GLN B 386 17.05 15.99 -12.73
N ALA B 387 17.74 16.82 -11.97
CA ALA B 387 17.80 18.26 -12.19
C ALA B 387 18.97 18.89 -11.43
N PHE B 388 19.18 20.16 -11.74
CA PHE B 388 20.06 21.05 -10.98
C PHE B 388 19.58 22.48 -11.23
N THR B 389 20.09 23.41 -10.48
CA THR B 389 19.74 24.84 -10.60
C THR B 389 21.00 25.62 -10.97
N LEU B 390 20.86 26.53 -11.92
CA LEU B 390 21.92 27.50 -12.28
C LEU B 390 21.86 28.65 -11.28
N VAL B 391 22.99 28.90 -10.62
CA VAL B 391 23.04 29.90 -9.54
C VAL B 391 24.14 30.93 -9.79
N LYS B 392 23.94 32.12 -9.24
CA LYS B 392 24.89 33.25 -9.38
C LYS B 392 26.08 33.00 -8.48
N ASN B 393 25.86 32.56 -7.25
CA ASN B 393 26.99 32.32 -6.30
C ASN B 393 26.69 31.06 -5.50
N LYS B 394 27.40 29.97 -5.81
CA LYS B 394 27.14 28.64 -5.22
C LYS B 394 27.38 28.71 -3.71
N ALA B 395 28.49 29.35 -3.31
CA ALA B 395 28.87 29.38 -1.90
C ALA B 395 27.64 29.94 -1.11
N LYS B 396 27.16 31.09 -1.56
CA LYS B 396 26.16 31.86 -0.78
C LYS B 396 24.75 31.42 -1.17
N ARG B 397 24.63 30.44 -2.08
CA ARG B 397 23.32 29.93 -2.54
C ARG B 397 22.48 31.11 -3.06
N GLU B 398 23.10 32.00 -3.82
CA GLU B 398 22.41 33.16 -4.43
C GLU B 398 21.89 32.78 -5.84
N LEU B 399 20.62 32.99 -6.14
CA LEU B 399 20.01 32.83 -7.48
C LEU B 399 20.26 34.07 -8.36
N PHE B 400 20.27 33.89 -9.68
CA PHE B 400 20.25 35.00 -10.66
C PHE B 400 18.95 35.77 -10.52
N PRO B 401 18.96 37.09 -10.75
CA PRO B 401 17.71 37.86 -10.84
C PRO B 401 17.01 37.51 -12.16
N ASP B 402 15.74 37.87 -12.31
CA ASP B 402 14.95 37.58 -13.52
C ASP B 402 15.00 36.06 -13.81
N PHE B 403 14.79 35.27 -12.76
CA PHE B 403 14.86 33.79 -12.78
C PHE B 403 14.27 33.29 -14.10
N GLY B 404 15.04 32.58 -14.92
CA GLY B 404 14.58 32.11 -16.24
C GLY B 404 15.45 32.60 -17.37
N GLU B 405 16.02 33.81 -17.25
CA GLU B 405 16.88 34.37 -18.32
C GLU B 405 18.13 33.49 -18.49
N ILE B 406 18.76 33.10 -17.39
CA ILE B 406 20.00 32.30 -17.46
C ILE B 406 19.66 30.87 -17.88
N GLY B 407 18.55 30.32 -17.44
CA GLY B 407 18.05 29.01 -17.87
C GLY B 407 17.86 28.94 -19.38
N THR B 408 17.35 30.03 -19.95
CA THR B 408 17.14 30.13 -21.43
C THR B 408 18.48 30.06 -22.17
N LEU B 409 19.48 30.79 -21.69
CA LEU B 409 20.84 30.78 -22.30
C LEU B 409 21.33 29.32 -22.34
N CYS B 410 21.20 28.60 -21.23
CA CYS B 410 21.76 27.23 -21.08
C CYS B 410 20.97 26.27 -21.96
N ARG B 411 19.64 26.38 -21.97
CA ARG B 411 18.82 25.44 -22.78
C ARG B 411 19.12 25.64 -24.27
N ASP B 412 19.36 26.87 -24.73
CA ASP B 412 19.73 27.16 -26.14
C ASP B 412 21.05 26.43 -26.51
N ILE B 413 22.01 26.38 -25.58
CA ILE B 413 23.29 25.68 -25.86
C ILE B 413 23.01 24.18 -26.04
N PHE B 414 22.21 23.60 -25.16
CA PHE B 414 21.84 22.16 -25.25
C PHE B 414 21.24 21.90 -26.65
N PHE B 415 20.27 22.71 -27.03
CA PHE B 415 19.46 22.49 -28.26
C PHE B 415 20.36 22.58 -29.49
N ARG B 416 21.27 23.54 -29.52
CA ARG B 416 22.29 23.70 -30.59
C ARG B 416 23.24 22.48 -30.60
N ASN B 417 23.44 21.80 -29.48
CA ASN B 417 24.29 20.58 -29.38
C ASN B 417 23.46 19.30 -29.48
N ASN B 418 22.22 19.37 -29.97
CA ASN B 418 21.42 18.16 -30.30
C ASN B 418 21.09 17.35 -29.03
N LEU B 419 20.89 18.07 -27.94
CA LEU B 419 20.50 17.46 -26.65
C LEU B 419 19.25 18.20 -26.16
N ILE B 420 18.21 17.44 -25.84
CA ILE B 420 16.98 18.02 -25.28
C ILE B 420 16.98 17.82 -23.76
N MET B 421 17.19 18.90 -23.04
CA MET B 421 16.91 19.04 -21.59
C MET B 421 16.23 20.38 -21.50
N ARG B 422 15.32 20.54 -20.56
CA ARG B 422 14.42 21.72 -20.49
C ARG B 422 14.91 22.63 -19.37
N ALA B 423 14.69 23.92 -19.52
CA ALA B 423 14.86 24.93 -18.47
C ALA B 423 13.49 25.26 -17.90
N CYS B 424 13.35 25.15 -16.61
CA CYS B 424 12.15 25.60 -15.90
C CYS B 424 12.63 26.75 -15.00
N GLY B 425 12.42 28.00 -15.41
CA GLY B 425 13.21 29.12 -14.86
C GLY B 425 14.69 28.82 -15.01
N ASP B 426 15.47 28.87 -13.93
CA ASP B 426 16.92 28.55 -14.03
C ASP B 426 17.18 27.11 -13.55
N HIS B 427 16.15 26.31 -13.34
CA HIS B 427 16.32 24.86 -13.14
C HIS B 427 16.55 24.17 -14.49
N ILE B 428 17.48 23.23 -14.54
CA ILE B 428 17.65 22.35 -15.71
C ILE B 428 17.15 20.98 -15.35
N VAL B 429 16.31 20.38 -16.21
CA VAL B 429 15.64 19.11 -15.86
C VAL B 429 15.82 18.12 -16.99
N SER B 430 15.72 16.85 -16.65
CA SER B 430 15.91 15.72 -17.55
C SER B 430 15.02 14.59 -17.06
N ALA B 431 14.35 13.94 -18.00
CA ALA B 431 13.47 12.79 -17.77
C ALA B 431 13.50 11.92 -19.02
N PRO B 432 14.59 11.18 -19.29
CA PRO B 432 14.73 10.43 -20.54
C PRO B 432 13.94 9.15 -20.51
N PRO B 433 13.79 8.45 -21.66
CA PRO B 433 13.08 7.19 -21.64
C PRO B 433 13.68 6.26 -20.58
N LEU B 434 12.81 5.46 -19.93
CA LEU B 434 13.23 4.58 -18.83
C LEU B 434 14.13 3.45 -19.31
N VAL B 435 14.01 3.09 -20.58
CA VAL B 435 14.77 2.02 -21.26
C VAL B 435 16.18 2.48 -21.61
N MET B 436 16.55 3.73 -21.40
CA MET B 436 17.92 4.23 -21.67
C MET B 436 18.94 3.26 -21.06
N THR B 437 19.98 2.93 -21.83
CA THR B 437 21.07 2.02 -21.38
C THR B 437 22.08 2.82 -20.55
N ARG B 438 22.93 2.12 -19.82
CA ARG B 438 23.98 2.84 -19.07
C ARG B 438 24.85 3.65 -20.07
N ALA B 439 25.17 3.05 -21.22
CA ALA B 439 25.97 3.71 -22.26
C ALA B 439 25.26 4.98 -22.78
N GLU B 440 23.98 4.86 -23.03
CA GLU B 440 23.21 6.08 -23.41
C GLU B 440 23.39 7.12 -22.30
N VAL B 441 23.28 6.69 -21.02
CA VAL B 441 23.27 7.69 -19.89
C VAL B 441 24.61 8.43 -19.98
N ASP B 442 25.70 7.68 -20.20
CA ASP B 442 27.03 8.29 -20.24
C ASP B 442 27.12 9.20 -21.47
N GLU B 443 26.55 8.81 -22.59
CA GLU B 443 26.60 9.65 -23.81
C GLU B 443 25.88 10.98 -23.52
N MET B 444 24.68 10.91 -22.96
CA MET B 444 23.89 12.12 -22.62
C MET B 444 24.68 13.02 -21.65
N LEU B 445 25.25 12.43 -20.62
CA LEU B 445 25.99 13.25 -19.60
C LEU B 445 27.26 13.87 -20.21
N ALA B 446 27.93 13.18 -21.15
CA ALA B 446 29.13 13.73 -21.80
C ALA B 446 28.73 14.97 -22.62
N VAL B 447 27.63 14.92 -23.36
CA VAL B 447 27.16 16.10 -24.16
C VAL B 447 26.71 17.21 -23.20
N ALA B 448 25.99 16.86 -22.16
CA ALA B 448 25.52 17.84 -21.16
C ALA B 448 26.71 18.54 -20.49
N GLU B 449 27.75 17.79 -20.16
CA GLU B 449 28.94 18.33 -19.47
C GLU B 449 29.61 19.35 -20.38
N ARG B 450 29.78 19.03 -21.65
CA ARG B 450 30.40 19.94 -22.63
C ARG B 450 29.54 21.21 -22.76
N CYS B 451 28.22 21.07 -22.75
CA CYS B 451 27.31 22.22 -22.83
C CYS B 451 27.46 23.10 -21.58
N LEU B 452 27.59 22.50 -20.39
CA LEU B 452 27.81 23.33 -19.16
C LEU B 452 29.15 24.04 -19.20
N GLU B 453 30.21 23.41 -19.72
CA GLU B 453 31.53 24.09 -19.86
C GLU B 453 31.36 25.31 -20.77
N GLU B 454 30.64 25.17 -21.89
CA GLU B 454 30.38 26.31 -22.80
C GLU B 454 29.55 27.37 -22.04
N PHE B 455 28.57 26.92 -21.26
CA PHE B 455 27.70 27.83 -20.47
C PHE B 455 28.56 28.65 -19.50
N GLU B 456 29.45 27.98 -18.75
CA GLU B 456 30.32 28.69 -17.77
C GLU B 456 31.23 29.66 -18.54
N GLN B 457 31.77 29.25 -19.68
CA GLN B 457 32.70 30.11 -20.48
C GLN B 457 31.91 31.36 -20.91
N THR B 458 30.66 31.19 -21.36
CA THR B 458 29.80 32.29 -21.88
C THR B 458 29.44 33.26 -20.75
N LEU B 459 29.05 32.74 -19.58
CA LEU B 459 28.74 33.54 -18.38
C LEU B 459 29.90 34.49 -18.09
N LYS B 460 31.10 33.92 -17.95
CA LYS B 460 32.33 34.63 -17.57
C LYS B 460 32.63 35.65 -18.68
N ALA B 461 32.61 35.21 -19.94
CA ALA B 461 32.98 36.07 -21.10
C ALA B 461 32.06 37.31 -21.09
N ARG B 462 30.80 37.13 -20.73
CA ARG B 462 29.76 38.18 -20.86
C ARG B 462 29.62 38.98 -19.55
N GLY B 463 30.42 38.70 -18.53
CA GLY B 463 30.28 39.30 -17.18
C GLY B 463 29.14 38.67 -16.42
N LEU B 464 29.46 37.67 -15.57
CA LEU B 464 28.51 36.72 -14.95
C LEU B 464 27.31 37.47 -14.39
N ARG C 11 11.31 -46.70 19.31
CA ARG C 11 10.57 -47.16 20.52
C ARG C 11 9.14 -47.54 20.16
N THR C 12 8.43 -48.19 21.08
CA THR C 12 7.00 -48.57 20.96
C THR C 12 6.12 -47.40 21.38
N THR C 13 4.83 -47.42 21.01
CA THR C 13 3.82 -46.49 21.52
C THR C 13 3.91 -46.42 23.06
N SER C 14 3.90 -47.58 23.72
CA SER C 14 3.93 -47.69 25.20
C SER C 14 5.14 -46.95 25.78
N GLN C 15 6.34 -47.18 25.24
CA GLN C 15 7.60 -46.56 25.74
C GLN C 15 7.53 -45.04 25.54
N TRP C 16 7.07 -44.58 24.37
CA TRP C 16 6.99 -43.13 24.13
C TRP C 16 6.01 -42.50 25.14
N ARG C 17 4.87 -43.15 25.39
CA ARG C 17 3.83 -42.60 26.32
C ARG C 17 4.40 -42.56 27.74
N GLU C 18 5.14 -43.59 28.13
CA GLU C 18 5.70 -43.67 29.53
C GLU C 18 6.71 -42.52 29.70
N LEU C 19 7.58 -42.31 28.73
CA LEU C 19 8.61 -41.24 28.77
C LEU C 19 7.93 -39.88 28.76
N ASP C 20 6.89 -39.70 27.93
CA ASP C 20 6.16 -38.42 27.87
C ASP C 20 5.55 -38.13 29.25
N ALA C 21 4.88 -39.10 29.85
CA ALA C 21 4.21 -38.94 31.15
C ALA C 21 5.29 -38.64 32.23
N ALA C 22 6.44 -39.27 32.16
CA ALA C 22 7.50 -39.11 33.20
C ALA C 22 8.12 -37.72 33.08
N HIS C 23 8.28 -37.14 31.90
CA HIS C 23 9.26 -36.04 31.66
C HIS C 23 8.66 -34.75 31.06
N HIS C 24 7.46 -34.75 30.47
CA HIS C 24 7.02 -33.64 29.61
C HIS C 24 5.73 -33.01 30.16
N LEU C 25 5.76 -31.69 30.38
CA LEU C 25 4.58 -30.88 30.75
C LEU C 25 4.13 -30.18 29.47
N HIS C 26 2.88 -30.42 29.10
CA HIS C 26 2.29 -29.92 27.85
C HIS C 26 1.56 -28.59 28.04
N PRO C 27 1.49 -27.80 26.98
CA PRO C 27 0.66 -26.60 26.99
C PRO C 27 -0.83 -26.93 27.17
N PHE C 28 -1.56 -26.05 27.89
CA PHE C 28 -3.05 -26.07 27.96
C PHE C 28 -3.55 -27.50 28.22
N THR C 29 -2.98 -28.17 29.22
CA THR C 29 -3.28 -29.61 29.43
C THR C 29 -3.53 -29.84 30.91
N ASP C 30 -4.42 -30.80 31.21
CA ASP C 30 -4.55 -31.42 32.53
C ASP C 30 -3.55 -32.55 32.53
N THR C 31 -2.37 -32.31 33.10
CA THR C 31 -1.27 -33.30 33.07
C THR C 31 -1.72 -34.64 33.64
N ALA C 32 -2.34 -34.66 34.83
CA ALA C 32 -2.68 -35.92 35.51
C ALA C 32 -3.62 -36.76 34.60
N SER C 33 -4.59 -36.13 33.97
CA SER C 33 -5.55 -36.80 33.04
C SER C 33 -4.81 -37.31 31.81
N LEU C 34 -3.97 -36.48 31.19
CA LEU C 34 -3.21 -36.92 29.99
C LEU C 34 -2.33 -38.13 30.33
N ASN C 35 -1.62 -38.10 31.45
CA ASN C 35 -0.65 -39.15 31.83
C ASN C 35 -1.41 -40.45 32.09
N GLN C 36 -2.62 -40.36 32.62
CA GLN C 36 -3.46 -41.58 32.86
C GLN C 36 -4.00 -42.10 31.50
N ALA C 37 -4.38 -41.24 30.58
CA ALA C 37 -4.97 -41.62 29.26
C ALA C 37 -3.88 -42.14 28.29
N GLY C 38 -2.68 -41.58 28.29
CA GLY C 38 -1.66 -41.80 27.26
C GLY C 38 -1.73 -40.74 26.17
N ALA C 39 -0.60 -40.13 25.85
CA ALA C 39 -0.49 -39.11 24.78
C ALA C 39 -0.59 -39.81 23.42
N ARG C 40 -1.19 -39.14 22.45
CA ARG C 40 -1.14 -39.62 21.04
C ARG C 40 0.18 -39.19 20.44
N VAL C 41 0.98 -40.13 19.96
CA VAL C 41 2.35 -39.85 19.46
C VAL C 41 2.27 -39.65 17.93
N MET C 42 2.42 -38.41 17.47
CA MET C 42 2.43 -38.05 16.04
C MET C 42 3.88 -38.20 15.54
N THR C 43 4.10 -38.97 14.48
CA THR C 43 5.46 -39.37 14.05
C THR C 43 5.86 -38.73 12.72
N ARG C 44 4.92 -38.54 11.78
CA ARG C 44 5.27 -38.09 10.41
C ARG C 44 4.16 -37.25 9.81
N GLY C 45 4.54 -36.26 8.97
CA GLY C 45 3.58 -35.49 8.21
C GLY C 45 3.79 -35.61 6.75
N GLU C 46 2.70 -35.69 5.99
CA GLU C 46 2.82 -35.68 4.50
C GLU C 46 1.63 -34.94 3.94
N GLY C 47 1.86 -33.80 3.27
CA GLY C 47 0.74 -33.06 2.67
C GLY C 47 -0.21 -32.56 3.75
N VAL C 48 -1.46 -33.00 3.73
CA VAL C 48 -2.50 -32.57 4.68
C VAL C 48 -2.65 -33.62 5.81
N TYR C 49 -1.83 -34.66 5.81
CA TYR C 49 -1.99 -35.83 6.71
C TYR C 49 -0.88 -35.87 7.73
N LEU C 50 -1.24 -36.48 8.88
CA LEU C 50 -0.30 -36.93 9.92
C LEU C 50 -0.40 -38.46 10.05
N TRP C 51 0.67 -39.07 10.52
CA TRP C 51 0.66 -40.48 10.94
C TRP C 51 1.04 -40.52 12.43
N ASP C 52 0.37 -41.36 13.21
CA ASP C 52 0.73 -41.57 14.64
C ASP C 52 1.44 -42.92 14.77
N SER C 53 1.93 -43.18 15.97
CA SER C 53 2.77 -44.37 16.26
C SER C 53 1.96 -45.66 16.16
N GLU C 54 0.62 -45.59 16.07
CA GLU C 54 -0.28 -46.77 15.97
C GLU C 54 -0.66 -46.99 14.49
N GLY C 55 -0.06 -46.23 13.56
CA GLY C 55 -0.24 -46.43 12.11
C GLY C 55 -1.50 -45.74 11.58
N ASN C 56 -2.17 -44.89 12.36
CA ASN C 56 -3.33 -44.14 11.82
C ASN C 56 -2.81 -43.04 10.90
N LYS C 57 -3.44 -42.87 9.76
CA LYS C 57 -3.26 -41.67 8.91
C LYS C 57 -4.42 -40.74 9.23
N ILE C 58 -4.08 -39.52 9.55
CA ILE C 58 -5.03 -38.55 10.17
C ILE C 58 -5.10 -37.33 9.27
N ILE C 59 -6.33 -36.93 8.96
CA ILE C 59 -6.56 -35.70 8.19
C ILE C 59 -6.40 -34.50 9.12
N ASP C 60 -5.42 -33.67 8.84
CA ASP C 60 -5.14 -32.52 9.74
C ASP C 60 -5.97 -31.31 9.33
N GLY C 61 -7.18 -31.27 9.79
CA GLY C 61 -8.06 -30.13 9.51
C GLY C 61 -7.70 -28.89 10.29
N MET C 62 -6.64 -28.91 11.09
CA MET C 62 -6.17 -27.71 11.78
C MET C 62 -4.77 -27.26 11.35
N ALA C 63 -4.12 -27.90 10.36
CA ALA C 63 -2.79 -27.46 9.85
C ALA C 63 -1.84 -27.25 11.05
N GLY C 64 -1.66 -28.28 11.86
CA GLY C 64 -0.77 -28.20 13.03
C GLY C 64 -1.47 -27.50 14.14
N LEU C 65 -1.37 -26.17 14.16
CA LEU C 65 -2.19 -25.33 15.03
C LEU C 65 -2.42 -24.03 14.26
N TRP C 66 -3.30 -24.10 13.27
CA TRP C 66 -3.67 -22.99 12.37
C TRP C 66 -2.48 -22.46 11.58
N CYS C 67 -1.42 -23.24 11.32
CA CYS C 67 -0.15 -22.65 10.92
C CYS C 67 0.55 -23.36 9.76
N VAL C 68 0.32 -24.64 9.50
CA VAL C 68 1.09 -25.34 8.44
C VAL C 68 0.47 -25.07 7.09
N ASN C 69 0.62 -23.86 6.60
CA ASN C 69 -0.19 -23.33 5.48
C ASN C 69 0.16 -24.05 4.19
N VAL C 70 1.44 -24.38 3.95
CA VAL C 70 1.92 -25.05 2.73
C VAL C 70 1.88 -26.57 2.89
N GLY C 71 1.35 -27.09 4.00
CA GLY C 71 1.32 -28.53 4.28
C GLY C 71 2.66 -29.07 4.68
N TYR C 72 2.66 -30.35 5.07
CA TYR C 72 3.86 -31.09 5.53
C TYR C 72 4.66 -31.54 4.29
N GLY C 73 5.94 -31.82 4.46
CA GLY C 73 6.71 -32.51 3.39
C GLY C 73 7.45 -31.58 2.45
N ARG C 74 7.68 -30.34 2.79
CA ARG C 74 8.48 -29.40 1.95
C ARG C 74 9.96 -29.73 2.15
N LYS C 75 10.52 -30.59 1.30
CA LYS C 75 11.96 -30.91 1.40
C LYS C 75 12.79 -29.67 1.04
N ASP C 76 12.29 -28.77 0.20
CA ASP C 76 12.99 -27.54 -0.18
C ASP C 76 13.18 -26.68 1.10
N PHE C 77 12.23 -26.67 2.01
CA PHE C 77 12.36 -25.88 3.25
C PHE C 77 13.48 -26.49 4.13
N ALA C 78 13.52 -27.82 4.19
CA ALA C 78 14.55 -28.55 4.94
C ALA C 78 15.93 -28.24 4.36
N GLU C 79 16.04 -28.15 3.06
CA GLU C 79 17.31 -27.80 2.36
C GLU C 79 17.69 -26.36 2.69
N ALA C 80 16.74 -25.42 2.67
CA ALA C 80 17.03 -24.01 3.01
C ALA C 80 17.57 -23.92 4.46
N ALA C 81 17.01 -24.71 5.36
CA ALA C 81 17.40 -24.73 6.79
C ALA C 81 18.83 -25.32 6.89
N ARG C 82 19.04 -26.44 6.23
CA ARG C 82 20.37 -27.12 6.24
C ARG C 82 21.43 -26.13 5.76
N ARG C 83 21.20 -25.52 4.63
CA ARG C 83 22.21 -24.62 3.98
C ARG C 83 22.54 -23.46 4.95
N GLN C 84 21.49 -22.80 5.46
CA GLN C 84 21.73 -21.65 6.35
C GLN C 84 22.41 -22.10 7.63
N MET C 85 21.97 -23.22 8.19
CA MET C 85 22.53 -23.68 9.47
C MET C 85 24.04 -24.00 9.29
N GLU C 86 24.45 -24.55 8.16
CA GLU C 86 25.90 -24.80 7.94
C GLU C 86 26.65 -23.47 7.79
N GLU C 87 26.10 -22.46 7.10
CA GLU C 87 26.82 -21.22 6.75
C GLU C 87 26.93 -20.32 7.99
N LEU C 88 25.81 -20.04 8.65
CA LEU C 88 25.79 -19.22 9.87
C LEU C 88 24.52 -19.57 10.63
N PRO C 89 24.64 -20.47 11.63
CA PRO C 89 23.45 -20.98 12.30
C PRO C 89 22.77 -19.89 13.12
N PHE C 90 23.56 -18.97 13.66
CA PHE C 90 23.08 -17.89 14.53
C PHE C 90 24.07 -16.73 14.52
N TYR C 91 23.52 -15.53 14.39
CA TYR C 91 24.21 -14.35 14.90
C TYR C 91 23.14 -13.39 15.37
N ASN C 92 23.50 -12.56 16.34
CA ASN C 92 22.52 -11.68 17.00
C ASN C 92 22.34 -10.38 16.17
N THR C 93 21.19 -9.73 16.36
CA THR C 93 20.87 -8.44 15.72
C THR C 93 20.93 -7.32 16.76
N PHE C 94 21.64 -7.53 17.86
CA PHE C 94 21.72 -6.58 19.00
C PHE C 94 22.97 -5.66 18.88
N PHE C 95 24.09 -6.13 18.30
CA PHE C 95 25.40 -5.44 18.42
C PHE C 95 25.61 -4.46 17.26
N LYS C 96 24.56 -3.75 16.80
CA LYS C 96 24.62 -2.96 15.52
C LYS C 96 24.97 -3.93 14.36
N THR C 97 24.47 -5.15 14.48
CA THR C 97 24.75 -6.29 13.57
C THR C 97 23.47 -6.76 12.90
N THR C 98 23.67 -7.35 11.71
CA THR C 98 22.60 -7.99 10.93
C THR C 98 23.24 -9.19 10.24
N HIS C 99 22.46 -9.90 9.42
CA HIS C 99 22.97 -11.02 8.60
C HIS C 99 22.05 -11.14 7.40
N PRO C 100 22.53 -11.79 6.31
CA PRO C 100 21.83 -11.73 5.03
C PRO C 100 20.42 -12.27 5.09
N ALA C 101 20.20 -13.38 5.82
CA ALA C 101 18.88 -14.04 5.84
C ALA C 101 17.82 -13.07 6.42
N VAL C 102 18.13 -12.38 7.50
CA VAL C 102 17.13 -11.47 8.11
C VAL C 102 16.93 -10.26 7.18
N VAL C 103 17.96 -9.78 6.52
CA VAL C 103 17.80 -8.63 5.59
C VAL C 103 16.92 -9.05 4.42
N GLU C 104 17.20 -10.20 3.83
CA GLU C 104 16.44 -10.65 2.63
C GLU C 104 14.99 -10.94 3.00
N LEU C 105 14.76 -11.54 4.18
CA LEU C 105 13.37 -11.79 4.62
C LEU C 105 12.66 -10.44 4.81
N SER C 106 13.32 -9.46 5.39
CA SER C 106 12.65 -8.18 5.70
C SER C 106 12.23 -7.55 4.37
N SER C 107 13.09 -7.63 3.36
CA SER C 107 12.81 -7.04 2.03
C SER C 107 11.62 -7.77 1.39
N LEU C 108 11.58 -9.12 1.47
CA LEU C 108 10.50 -9.89 0.80
C LEU C 108 9.15 -9.60 1.53
N LEU C 109 9.18 -9.51 2.85
CA LEU C 109 7.98 -9.23 3.68
C LEU C 109 7.40 -7.85 3.33
N ALA C 110 8.23 -6.84 3.09
CA ALA C 110 7.72 -5.50 2.65
C ALA C 110 6.93 -5.65 1.34
N GLU C 111 7.31 -6.57 0.44
CA GLU C 111 6.59 -6.75 -0.83
C GLU C 111 5.21 -7.37 -0.62
N VAL C 112 5.02 -8.28 0.34
CA VAL C 112 3.74 -9.03 0.42
C VAL C 112 2.81 -8.36 1.43
N THR C 113 3.33 -7.48 2.28
CA THR C 113 2.48 -6.75 3.26
C THR C 113 1.89 -5.53 2.56
N PRO C 114 0.80 -4.94 3.13
CA PRO C 114 0.23 -3.72 2.57
C PRO C 114 1.20 -2.55 2.56
N ALA C 115 0.83 -1.54 1.79
CA ALA C 115 1.50 -0.24 1.70
C ALA C 115 1.67 0.34 3.08
N GLY C 116 2.81 0.90 3.40
CA GLY C 116 3.03 1.61 4.67
C GLY C 116 3.53 0.68 5.75
N PHE C 117 3.67 -0.62 5.46
CA PHE C 117 4.27 -1.59 6.39
C PHE C 117 5.59 -1.98 5.78
N ASP C 118 6.60 -1.18 6.09
CA ASP C 118 7.95 -1.36 5.50
C ASP C 118 8.84 -2.02 6.54
N ARG C 119 8.55 -1.78 7.82
CA ARG C 119 9.48 -2.10 8.91
C ARG C 119 8.92 -3.21 9.79
N VAL C 120 9.79 -4.14 10.13
CA VAL C 120 9.42 -5.35 10.85
C VAL C 120 10.37 -5.53 12.03
N PHE C 121 9.81 -5.93 13.17
CA PHE C 121 10.51 -6.39 14.38
C PHE C 121 10.26 -7.87 14.53
N TYR C 122 11.32 -8.65 14.76
CA TYR C 122 11.22 -10.11 14.80
C TYR C 122 11.15 -10.62 16.22
N THR C 123 10.41 -11.72 16.34
CA THR C 123 10.24 -12.52 17.56
C THR C 123 10.36 -14.00 17.24
N ASN C 124 10.16 -14.84 18.25
CA ASN C 124 10.11 -16.32 18.09
C ASN C 124 8.65 -16.79 18.03
N SER C 125 7.65 -16.03 18.47
CA SER C 125 6.30 -16.55 18.67
C SER C 125 5.28 -15.44 18.47
N GLY C 126 4.04 -15.83 18.28
CA GLY C 126 2.93 -14.87 18.30
C GLY C 126 2.78 -14.20 19.67
N SER C 127 3.00 -14.92 20.80
CA SER C 127 2.91 -14.29 22.15
C SER C 127 3.97 -13.23 22.30
N GLU C 128 5.22 -13.50 21.87
CA GLU C 128 6.30 -12.48 21.97
C GLU C 128 5.97 -11.31 21.05
N SER C 129 5.33 -11.51 19.90
CA SER C 129 4.89 -10.44 18.97
C SER C 129 3.89 -9.57 19.71
N VAL C 130 2.99 -10.17 20.44
CA VAL C 130 1.96 -9.40 21.21
C VAL C 130 2.64 -8.60 22.33
N ASP C 131 3.55 -9.15 23.09
CA ASP C 131 4.23 -8.40 24.15
C ASP C 131 5.03 -7.28 23.47
N THR C 132 5.66 -7.54 22.34
CA THR C 132 6.42 -6.52 21.58
C THR C 132 5.47 -5.36 21.23
N MET C 133 4.34 -5.68 20.66
CA MET C 133 3.32 -4.70 20.26
C MET C 133 2.87 -3.91 21.48
N ILE C 134 2.64 -4.53 22.64
CA ILE C 134 2.22 -3.80 23.84
C ILE C 134 3.30 -2.78 24.23
N ARG C 135 4.55 -3.19 24.29
CA ARG C 135 5.66 -2.26 24.65
C ARG C 135 5.81 -1.19 23.56
N MET C 136 5.67 -1.53 22.26
CA MET C 136 5.74 -0.52 21.18
C MET C 136 4.63 0.50 21.35
N VAL C 137 3.41 0.08 21.65
CA VAL C 137 2.26 1.00 21.71
C VAL C 137 2.49 1.96 22.87
N ARG C 138 2.92 1.43 24.01
CA ARG C 138 3.14 2.27 25.21
C ARG C 138 4.33 3.17 24.99
N ARG C 139 5.38 2.67 24.33
CA ARG C 139 6.58 3.51 24.04
C ARG C 139 6.13 4.64 23.11
N TYR C 140 5.35 4.32 22.10
CA TYR C 140 4.85 5.33 21.13
C TYR C 140 4.24 6.49 21.88
N TRP C 141 3.29 6.22 22.77
CA TRP C 141 2.62 7.32 23.48
C TRP C 141 3.59 8.04 24.42
N ASP C 142 4.56 7.37 25.02
CA ASP C 142 5.61 8.08 25.80
C ASP C 142 6.37 9.08 24.91
N VAL C 143 6.69 8.66 23.69
CA VAL C 143 7.46 9.53 22.74
C VAL C 143 6.60 10.76 22.41
N GLN C 144 5.28 10.58 22.30
CA GLN C 144 4.32 11.67 22.05
C GLN C 144 4.10 12.50 23.31
N GLY C 145 4.65 12.14 24.47
CA GLY C 145 4.53 12.94 25.72
C GLY C 145 3.19 12.71 26.37
N LYS C 146 2.62 11.50 26.21
CA LYS C 146 1.32 11.15 26.82
C LYS C 146 1.51 9.90 27.67
N PRO C 147 2.18 10.02 28.82
CA PRO C 147 2.52 8.84 29.57
C PRO C 147 1.32 8.19 30.25
N GLU C 148 0.16 8.82 30.25
CA GLU C 148 -1.02 8.13 30.83
C GLU C 148 -1.81 7.44 29.71
N LYS C 149 -1.42 7.58 28.45
CA LYS C 149 -2.19 6.96 27.32
C LYS C 149 -1.67 5.54 27.12
N LYS C 150 -2.11 4.62 28.01
CA LYS C 150 -1.42 3.33 28.17
C LYS C 150 -2.36 2.14 28.22
N THR C 151 -3.69 2.34 28.22
CA THR C 151 -4.58 1.18 28.35
C THR C 151 -4.82 0.59 26.96
N LEU C 152 -4.67 -0.71 26.83
CA LEU C 152 -5.06 -1.40 25.61
C LEU C 152 -6.38 -2.09 25.86
N ILE C 153 -7.25 -2.02 24.86
CA ILE C 153 -8.59 -2.64 24.96
C ILE C 153 -8.60 -3.87 24.04
N GLY C 154 -8.98 -4.99 24.62
CA GLY C 154 -9.23 -6.25 23.92
C GLY C 154 -10.68 -6.64 24.02
N ARG C 155 -10.92 -7.90 23.78
CA ARG C 155 -12.31 -8.45 23.85
C ARG C 155 -12.37 -9.69 24.72
N TRP C 156 -13.51 -9.86 25.37
CA TRP C 156 -13.85 -11.16 25.97
C TRP C 156 -13.83 -12.20 24.85
N ASN C 157 -13.22 -13.36 25.10
CA ASN C 157 -13.10 -14.47 24.15
C ASN C 157 -12.13 -14.11 23.00
N GLY C 158 -11.40 -13.03 23.06
CA GLY C 158 -10.20 -12.78 22.27
C GLY C 158 -9.02 -13.58 22.75
N TYR C 159 -8.15 -13.97 21.84
CA TYR C 159 -6.91 -14.70 22.21
C TYR C 159 -5.73 -13.97 21.60
N HIS C 160 -4.74 -13.59 22.45
CA HIS C 160 -3.55 -12.82 22.04
C HIS C 160 -2.32 -13.49 22.65
N GLY C 161 -2.37 -14.80 22.87
CA GLY C 161 -1.17 -15.55 23.28
C GLY C 161 -1.11 -15.80 24.78
N SER C 162 0.03 -16.27 25.26
CA SER C 162 0.17 -16.91 26.58
C SER C 162 1.35 -16.36 27.37
N THR C 163 2.00 -15.30 26.90
CA THR C 163 2.88 -14.47 27.76
C THR C 163 1.95 -13.83 28.79
N ILE C 164 2.51 -13.28 29.86
CA ILE C 164 1.68 -12.51 30.81
C ILE C 164 0.99 -11.36 30.08
N GLY C 165 1.66 -10.63 29.17
CA GLY C 165 1.06 -9.57 28.41
C GLY C 165 -0.05 -10.02 27.49
N GLY C 166 0.22 -11.08 26.72
CA GLY C 166 -0.77 -11.59 25.77
C GLY C 166 -1.95 -12.24 26.47
N ALA C 167 -1.74 -12.94 27.57
CA ALA C 167 -2.82 -13.55 28.34
C ALA C 167 -3.71 -12.43 28.91
N SER C 168 -3.11 -11.31 29.35
CA SER C 168 -3.85 -10.16 29.93
C SER C 168 -4.74 -9.47 28.88
N LEU C 169 -4.20 -9.28 27.67
CA LEU C 169 -4.92 -8.60 26.56
C LEU C 169 -5.99 -9.52 26.03
N GLY C 170 -5.68 -10.81 25.93
CA GLY C 170 -6.69 -11.81 25.64
C GLY C 170 -7.82 -11.75 26.64
N GLY C 171 -8.94 -12.35 26.27
CA GLY C 171 -10.15 -12.29 27.09
C GLY C 171 -10.61 -13.64 27.59
N MET C 172 -9.67 -14.53 27.91
CA MET C 172 -10.06 -15.89 28.40
C MET C 172 -9.96 -15.89 29.92
N LYS C 173 -11.08 -15.85 30.60
CA LYS C 173 -11.07 -15.82 32.08
C LYS C 173 -10.26 -17.00 32.65
N TYR C 174 -10.30 -18.15 31.98
CA TYR C 174 -9.60 -19.36 32.49
C TYR C 174 -8.08 -19.12 32.44
N MET C 175 -7.58 -18.20 31.62
CA MET C 175 -6.16 -17.81 31.64
C MET C 175 -5.94 -16.71 32.67
N HIS C 176 -6.84 -15.76 32.78
CA HIS C 176 -6.69 -14.67 33.78
C HIS C 176 -6.55 -15.23 35.18
N GLU C 177 -7.27 -16.29 35.49
CA GLU C 177 -7.31 -16.89 36.84
C GLU C 177 -6.01 -17.58 37.21
N GLN C 178 -5.04 -17.68 36.29
CA GLN C 178 -3.75 -18.37 36.52
C GLN C 178 -2.63 -17.37 36.25
N GLY C 179 -2.18 -16.73 37.34
CA GLY C 179 -1.15 -15.68 37.23
C GLY C 179 -1.58 -14.31 37.73
N ASP C 180 -2.84 -14.15 38.21
CA ASP C 180 -3.38 -12.88 38.76
C ASP C 180 -3.40 -11.84 37.64
N LEU C 181 -4.05 -12.14 36.54
CA LEU C 181 -4.11 -11.29 35.34
C LEU C 181 -5.56 -10.79 35.24
N PRO C 182 -5.85 -9.75 34.44
CA PRO C 182 -4.88 -9.02 33.64
C PRO C 182 -4.01 -8.05 34.44
N ILE C 183 -2.82 -7.80 33.89
CA ILE C 183 -1.95 -6.71 34.36
C ILE C 183 -2.64 -5.37 34.13
N PRO C 184 -2.14 -4.31 34.75
CA PRO C 184 -2.78 -2.99 34.66
C PRO C 184 -2.74 -2.44 33.22
N GLY C 185 -3.70 -1.54 32.95
CA GLY C 185 -3.75 -0.90 31.63
C GLY C 185 -4.26 -1.84 30.55
N MET C 186 -5.20 -2.70 30.93
CA MET C 186 -5.86 -3.68 30.04
C MET C 186 -7.36 -3.59 30.34
N ALA C 187 -8.15 -3.51 29.26
CA ALA C 187 -9.62 -3.48 29.44
C ALA C 187 -10.22 -4.35 28.36
N HIS C 188 -11.49 -4.73 28.56
CA HIS C 188 -12.11 -5.71 27.63
C HIS C 188 -13.55 -5.27 27.34
N ILE C 189 -13.92 -5.39 26.07
CA ILE C 189 -15.32 -5.25 25.63
C ILE C 189 -15.86 -6.60 25.17
N GLU C 190 -17.18 -6.69 25.07
CA GLU C 190 -17.85 -7.91 24.60
C GLU C 190 -17.47 -8.17 23.14
N GLN C 191 -17.50 -9.44 22.76
CA GLN C 191 -17.14 -9.88 21.38
C GLN C 191 -18.34 -9.76 20.46
N PRO C 192 -18.10 -9.56 19.16
CA PRO C 192 -19.18 -9.50 18.17
C PRO C 192 -19.72 -10.86 17.75
N TRP C 193 -20.36 -11.53 18.71
CA TRP C 193 -20.94 -12.88 18.57
C TRP C 193 -22.43 -12.74 18.43
N TRP C 194 -22.89 -12.66 17.16
CA TRP C 194 -24.31 -12.35 16.87
C TRP C 194 -25.23 -13.39 17.50
N TYR C 195 -24.88 -14.68 17.37
CA TYR C 195 -25.78 -15.78 17.78
C TYR C 195 -26.20 -15.60 19.23
N LYS C 196 -25.31 -15.12 20.08
CA LYS C 196 -25.56 -14.92 21.51
C LYS C 196 -26.12 -13.52 21.76
N HIS C 197 -25.46 -12.49 21.24
CA HIS C 197 -25.71 -11.08 21.68
C HIS C 197 -26.51 -10.26 20.69
N GLY C 198 -26.86 -10.78 19.53
CA GLY C 198 -27.36 -9.92 18.44
C GLY C 198 -28.72 -10.35 17.95
N LYS C 199 -29.30 -11.41 18.53
CA LYS C 199 -30.38 -12.18 17.83
C LYS C 199 -31.56 -11.24 17.62
N ASP C 200 -31.60 -10.10 18.29
CA ASP C 200 -32.74 -9.17 18.24
C ASP C 200 -32.63 -8.17 17.08
N MET C 201 -31.52 -8.14 16.35
CA MET C 201 -31.34 -7.18 15.24
C MET C 201 -30.76 -7.93 14.08
N THR C 202 -30.64 -7.31 12.90
CA THR C 202 -29.91 -7.94 11.78
C THR C 202 -28.39 -7.96 12.09
N PRO C 203 -27.62 -8.88 11.50
CA PRO C 203 -26.16 -8.89 11.64
C PRO C 203 -25.54 -7.51 11.35
N ASP C 204 -25.95 -6.84 10.28
CA ASP C 204 -25.36 -5.51 9.93
C ASP C 204 -25.67 -4.50 11.05
N GLU C 205 -26.86 -4.46 11.63
CA GLU C 205 -27.16 -3.54 12.76
C GLU C 205 -26.26 -3.92 13.92
N PHE C 206 -26.16 -5.21 14.18
CA PHE C 206 -25.37 -5.74 15.34
C PHE C 206 -23.90 -5.38 15.15
N GLY C 207 -23.38 -5.40 13.94
CA GLY C 207 -21.95 -5.00 13.77
C GLY C 207 -21.67 -3.60 14.29
N VAL C 208 -22.58 -2.67 14.01
CA VAL C 208 -22.48 -1.25 14.48
C VAL C 208 -22.58 -1.22 16.01
N VAL C 209 -23.57 -1.91 16.59
CA VAL C 209 -23.77 -1.92 18.05
C VAL C 209 -22.52 -2.52 18.72
N ALA C 210 -22.04 -3.65 18.24
CA ALA C 210 -20.89 -4.35 18.85
C ALA C 210 -19.66 -3.49 18.71
N ALA C 211 -19.47 -2.79 17.59
CA ALA C 211 -18.31 -1.86 17.46
C ALA C 211 -18.46 -0.71 18.47
N ARG C 212 -19.66 -0.18 18.67
CA ARG C 212 -19.85 0.98 19.57
C ARG C 212 -19.60 0.61 21.02
N TRP C 213 -19.61 -0.65 21.39
CA TRP C 213 -19.15 -1.06 22.74
C TRP C 213 -17.72 -0.51 22.95
N LEU C 214 -16.93 -0.41 21.89
CA LEU C 214 -15.55 0.15 22.02
C LEU C 214 -15.66 1.63 22.41
N GLU C 215 -16.54 2.38 21.72
CA GLU C 215 -16.74 3.81 22.05
C GLU C 215 -17.20 3.94 23.51
N GLU C 216 -18.16 3.13 23.96
CA GLU C 216 -18.65 3.16 25.38
C GLU C 216 -17.46 2.95 26.33
N LYS C 217 -16.60 1.99 26.02
CA LYS C 217 -15.46 1.69 26.92
C LYS C 217 -14.46 2.86 26.90
N ILE C 218 -14.15 3.40 25.72
CA ILE C 218 -13.23 4.56 25.60
C ILE C 218 -13.77 5.72 26.43
N LEU C 219 -15.09 5.99 26.35
CA LEU C 219 -15.66 7.13 27.08
C LEU C 219 -15.64 6.84 28.60
N GLU C 220 -15.83 5.61 29.01
CA GLU C 220 -15.82 5.19 30.45
C GLU C 220 -14.41 5.45 31.00
N ILE C 221 -13.41 5.02 30.27
CA ILE C 221 -11.98 5.08 30.72
C ILE C 221 -11.50 6.53 30.58
N GLY C 222 -11.89 7.19 29.51
CA GLY C 222 -11.31 8.48 29.07
C GLY C 222 -10.34 8.27 27.93
N ALA C 223 -10.58 8.89 26.78
CA ALA C 223 -9.76 8.68 25.59
C ALA C 223 -8.29 8.97 25.88
N ASP C 224 -8.01 9.98 26.71
CA ASP C 224 -6.59 10.34 27.03
C ASP C 224 -5.87 9.20 27.74
N LYS C 225 -6.59 8.16 28.23
CA LYS C 225 -5.94 7.01 28.92
C LYS C 225 -5.87 5.80 28.02
N VAL C 226 -6.44 5.86 26.82
CA VAL C 226 -6.54 4.65 25.97
C VAL C 226 -5.49 4.74 24.87
N ALA C 227 -4.59 3.75 24.83
CA ALA C 227 -3.50 3.67 23.85
C ALA C 227 -3.97 3.00 22.56
N ALA C 228 -4.69 1.88 22.66
CA ALA C 228 -4.96 1.04 21.48
C ALA C 228 -6.17 0.17 21.71
N PHE C 229 -6.80 -0.20 20.57
CA PHE C 229 -7.74 -1.34 20.50
C PHE C 229 -7.07 -2.43 19.69
N VAL C 230 -7.12 -3.64 20.20
CA VAL C 230 -6.45 -4.82 19.56
C VAL C 230 -7.49 -5.89 19.29
N GLY C 231 -7.52 -6.40 18.06
CA GLY C 231 -8.42 -7.49 17.71
C GLY C 231 -7.91 -8.36 16.59
N GLU C 232 -8.21 -9.65 16.76
CA GLU C 232 -8.13 -10.64 15.64
C GLU C 232 -9.19 -10.31 14.61
N PRO C 233 -8.88 -10.24 13.30
CA PRO C 233 -9.94 -9.93 12.30
C PRO C 233 -11.13 -10.91 12.45
N ILE C 234 -10.79 -12.18 12.54
CA ILE C 234 -11.65 -13.33 12.96
C ILE C 234 -11.05 -13.89 14.24
N GLN C 235 -11.85 -13.99 15.29
CA GLN C 235 -11.41 -14.59 16.58
C GLN C 235 -11.19 -16.09 16.33
N GLY C 236 -9.98 -16.60 16.52
CA GLY C 236 -9.60 -17.97 16.20
C GLY C 236 -9.91 -18.91 17.32
N ALA C 237 -9.09 -18.91 18.37
CA ALA C 237 -9.27 -19.79 19.53
C ALA C 237 -10.62 -19.60 20.21
N GLY C 238 -11.23 -18.41 20.06
CA GLY C 238 -12.59 -18.15 20.59
C GLY C 238 -13.68 -18.84 19.79
N GLY C 239 -13.35 -19.42 18.63
CA GLY C 239 -14.32 -20.21 17.85
C GLY C 239 -14.62 -19.71 16.46
N VAL C 240 -13.71 -19.06 15.76
CA VAL C 240 -13.92 -18.52 14.41
C VAL C 240 -15.16 -17.64 14.46
N ILE C 241 -15.10 -16.65 15.34
CA ILE C 241 -16.18 -15.66 15.45
C ILE C 241 -15.92 -14.67 14.31
N VAL C 242 -16.83 -14.66 13.33
CA VAL C 242 -16.70 -13.86 12.10
C VAL C 242 -17.61 -12.68 12.31
N PRO C 243 -17.09 -11.46 12.42
CA PRO C 243 -17.97 -10.33 12.72
C PRO C 243 -18.78 -9.94 11.50
N PRO C 244 -19.88 -9.21 11.67
CA PRO C 244 -20.61 -8.64 10.53
C PRO C 244 -19.72 -7.70 9.73
N ALA C 245 -20.09 -7.46 8.45
CA ALA C 245 -19.36 -6.57 7.51
C ALA C 245 -19.27 -5.14 8.04
N THR C 246 -20.22 -4.69 8.87
CA THR C 246 -20.27 -3.30 9.37
C THR C 246 -19.32 -3.09 10.56
N TYR C 247 -18.84 -4.17 11.19
CA TYR C 247 -18.09 -4.10 12.47
C TYR C 247 -16.76 -3.35 12.32
N TRP C 248 -15.82 -3.90 11.56
CA TRP C 248 -14.45 -3.34 11.52
C TRP C 248 -14.42 -1.89 10.99
N PRO C 249 -15.24 -1.47 9.99
CA PRO C 249 -15.24 -0.08 9.57
C PRO C 249 -15.66 0.85 10.72
N GLU C 250 -16.59 0.41 11.57
CA GLU C 250 -17.06 1.21 12.68
C GLU C 250 -15.97 1.24 13.77
N ILE C 251 -15.34 0.09 14.07
CA ILE C 251 -14.16 0.08 14.97
C ILE C 251 -13.16 1.14 14.50
N GLU C 252 -12.80 1.08 13.23
CA GLU C 252 -11.79 2.02 12.64
C GLU C 252 -12.26 3.47 12.84
N ARG C 253 -13.51 3.78 12.51
CA ARG C 253 -13.98 5.17 12.66
C ARG C 253 -13.86 5.61 14.13
N ILE C 254 -14.16 4.71 15.07
CA ILE C 254 -14.14 5.05 16.52
C ILE C 254 -12.69 5.28 16.93
N CYS C 255 -11.76 4.43 16.47
CA CYS C 255 -10.37 4.62 16.86
C CYS C 255 -9.83 5.96 16.33
N ARG C 256 -10.17 6.29 15.08
CA ARG C 256 -9.71 7.58 14.51
C ARG C 256 -10.34 8.74 15.28
N LYS C 257 -11.61 8.64 15.67
CA LYS C 257 -12.30 9.74 16.37
C LYS C 257 -11.58 10.07 17.69
N TYR C 258 -11.13 9.07 18.43
CA TYR C 258 -10.62 9.21 19.81
C TYR C 258 -9.10 9.18 19.84
N ASP C 259 -8.45 9.13 18.69
CA ASP C 259 -6.98 9.05 18.60
C ASP C 259 -6.47 7.84 19.43
N VAL C 260 -7.00 6.68 19.10
CA VAL C 260 -6.57 5.37 19.65
C VAL C 260 -5.91 4.57 18.53
N LEU C 261 -4.76 3.98 18.78
CA LEU C 261 -4.14 3.13 17.72
C LEU C 261 -5.02 1.90 17.49
N LEU C 262 -4.97 1.41 16.27
CA LEU C 262 -5.74 0.22 15.85
C LEU C 262 -4.75 -0.90 15.52
N VAL C 263 -4.85 -2.02 16.24
CA VAL C 263 -3.93 -3.16 16.06
C VAL C 263 -4.70 -4.38 15.61
N ALA C 264 -4.33 -5.00 14.49
CA ALA C 264 -4.81 -6.32 14.10
C ALA C 264 -3.87 -7.39 14.61
N ASP C 265 -4.40 -8.40 15.27
CA ASP C 265 -3.65 -9.64 15.60
C ASP C 265 -3.85 -10.60 14.41
N GLU C 266 -2.85 -10.69 13.53
CA GLU C 266 -2.89 -11.51 12.31
C GLU C 266 -2.17 -12.81 12.52
N VAL C 267 -1.95 -13.21 13.76
CA VAL C 267 -1.23 -14.47 14.00
C VAL C 267 -1.92 -15.65 13.30
N ILE C 268 -3.26 -15.75 13.27
CA ILE C 268 -3.96 -16.80 12.53
C ILE C 268 -4.31 -16.29 11.13
N CYS C 269 -4.93 -15.10 10.99
CA CYS C 269 -5.51 -14.73 9.69
C CYS C 269 -4.39 -14.43 8.69
N GLY C 270 -3.16 -14.22 9.17
CA GLY C 270 -2.09 -13.78 8.26
C GLY C 270 -1.58 -14.89 7.38
N PHE C 271 -0.97 -14.50 6.29
CA PHE C 271 -0.30 -15.39 5.33
C PHE C 271 -1.34 -16.29 4.67
N GLY C 272 -2.49 -15.72 4.33
CA GLY C 272 -3.36 -16.28 3.30
C GLY C 272 -4.62 -17.00 3.79
N ARG C 273 -4.85 -17.05 5.09
CA ARG C 273 -5.94 -17.91 5.66
C ARG C 273 -7.33 -17.51 5.14
N THR C 274 -7.59 -16.23 4.91
CA THR C 274 -8.90 -15.71 4.43
C THR C 274 -8.97 -15.64 2.92
N GLY C 275 -7.88 -15.87 2.21
CA GLY C 275 -7.75 -15.65 0.76
C GLY C 275 -7.14 -14.30 0.45
N GLU C 276 -7.12 -13.38 1.39
CA GLU C 276 -6.28 -12.17 1.31
C GLU C 276 -4.98 -12.56 1.99
N TRP C 277 -3.93 -11.82 1.78
CA TRP C 277 -2.68 -12.03 2.55
C TRP C 277 -2.95 -11.86 4.06
N PHE C 278 -3.75 -10.86 4.46
CA PHE C 278 -4.04 -10.59 5.89
C PHE C 278 -5.54 -10.38 6.12
N GLY C 279 -6.01 -10.79 7.30
CA GLY C 279 -7.46 -10.66 7.60
C GLY C 279 -7.95 -9.24 7.50
N HIS C 280 -7.16 -8.24 7.91
CA HIS C 280 -7.65 -6.86 7.90
C HIS C 280 -7.93 -6.42 6.46
N GLN C 281 -7.29 -7.03 5.47
CA GLN C 281 -7.55 -6.70 4.05
C GLN C 281 -8.94 -7.22 3.68
N HIS C 282 -9.28 -8.41 4.14
CA HIS C 282 -10.61 -8.99 3.84
C HIS C 282 -11.72 -8.10 4.42
N PHE C 283 -11.55 -7.65 5.65
CA PHE C 283 -12.57 -6.87 6.38
C PHE C 283 -12.46 -5.38 6.06
N GLY C 284 -11.42 -4.93 5.37
CA GLY C 284 -11.28 -3.57 4.86
C GLY C 284 -11.03 -2.56 5.94
N PHE C 285 -10.12 -2.83 6.87
CA PHE C 285 -9.64 -1.80 7.83
C PHE C 285 -8.12 -1.71 7.73
N GLN C 286 -7.57 -0.61 8.21
CA GLN C 286 -6.15 -0.28 8.11
C GLN C 286 -5.61 -0.13 9.53
N PRO C 287 -4.97 -1.16 10.08
CA PRO C 287 -4.35 -1.06 11.40
C PRO C 287 -3.04 -0.25 11.34
N ASP C 288 -2.66 0.30 12.46
CA ASP C 288 -1.37 1.00 12.66
C ASP C 288 -0.24 0.00 12.85
N LEU C 289 -0.51 -1.18 13.38
CA LEU C 289 0.51 -2.26 13.52
C LEU C 289 -0.24 -3.58 13.47
N PHE C 290 0.44 -4.66 13.14
CA PHE C 290 -0.16 -5.99 13.28
C PHE C 290 0.89 -7.02 13.65
N THR C 291 0.46 -7.99 14.42
CA THR C 291 1.24 -9.13 14.93
C THR C 291 1.06 -10.38 14.05
N ALA C 292 2.16 -11.12 13.88
CA ALA C 292 2.16 -12.30 12.99
C ALA C 292 3.01 -13.40 13.63
N ALA C 293 2.72 -14.64 13.23
CA ALA C 293 3.59 -15.80 13.48
C ALA C 293 2.97 -16.92 12.63
N LYS C 294 2.85 -18.15 13.14
CA LYS C 294 2.17 -19.26 12.40
C LYS C 294 2.54 -19.33 10.93
N GLY C 295 1.63 -18.93 10.06
CA GLY C 295 1.78 -19.08 8.62
C GLY C 295 2.97 -18.34 8.09
N LEU C 296 3.61 -17.42 8.86
CA LEU C 296 4.84 -16.71 8.42
C LEU C 296 5.89 -17.75 7.99
N SER C 297 6.03 -18.88 8.70
CA SER C 297 6.98 -19.97 8.32
C SER C 297 6.26 -21.30 8.13
N SER C 298 4.92 -21.27 8.01
CA SER C 298 4.08 -22.49 7.97
C SER C 298 4.41 -23.39 9.17
N GLY C 299 4.86 -22.78 10.26
CA GLY C 299 5.21 -23.53 11.47
C GLY C 299 6.52 -24.34 11.32
N TYR C 300 7.24 -24.27 10.21
CA TYR C 300 8.40 -25.16 9.96
C TYR C 300 9.51 -24.80 10.93
N LEU C 301 9.62 -23.53 11.35
CA LEU C 301 10.52 -23.10 12.45
C LEU C 301 9.85 -21.95 13.17
N PRO C 302 10.20 -21.75 14.44
CA PRO C 302 9.60 -20.65 15.22
C PRO C 302 10.10 -19.29 14.80
N ILE C 303 9.16 -18.42 14.42
CA ILE C 303 9.43 -17.02 14.06
C ILE C 303 8.11 -16.26 14.17
N GLY C 304 8.17 -15.03 14.70
CA GLY C 304 7.02 -14.14 14.67
C GLY C 304 7.47 -12.75 14.31
N ALA C 305 6.54 -11.81 14.20
CA ALA C 305 6.94 -10.47 13.73
C ALA C 305 5.85 -9.51 14.15
N VAL C 306 6.29 -8.27 14.33
CA VAL C 306 5.39 -7.11 14.42
C VAL C 306 5.70 -6.26 13.19
N PHE C 307 4.65 -6.04 12.41
CA PHE C 307 4.68 -5.18 11.23
C PHE C 307 4.23 -3.80 11.72
N VAL C 308 5.08 -2.83 11.52
CA VAL C 308 4.91 -1.48 12.10
C VAL C 308 4.61 -0.49 10.97
N GLY C 309 3.43 0.14 11.03
CA GLY C 309 3.06 1.14 10.03
C GLY C 309 3.88 2.40 10.21
N LYS C 310 3.70 3.33 9.30
CA LYS C 310 4.60 4.52 9.19
C LYS C 310 4.50 5.41 10.43
N ARG C 311 3.30 5.66 10.90
CA ARG C 311 3.07 6.57 12.06
C ARG C 311 3.82 6.02 13.29
N VAL C 312 3.58 4.78 13.65
CA VAL C 312 4.17 4.22 14.89
C VAL C 312 5.68 4.04 14.65
N ALA C 313 6.10 3.63 13.46
CA ALA C 313 7.57 3.47 13.20
C ALA C 313 8.29 4.80 13.40
N GLU C 314 7.73 5.91 12.93
CA GLU C 314 8.39 7.22 13.09
C GLU C 314 8.46 7.58 14.58
N GLY C 315 7.41 7.26 15.36
CA GLY C 315 7.46 7.51 16.83
C GLY C 315 8.53 6.69 17.49
N LEU C 316 8.68 5.40 17.13
CA LEU C 316 9.69 4.54 17.79
C LEU C 316 11.07 5.04 17.39
N ILE C 317 11.25 5.41 16.13
CA ILE C 317 12.55 5.87 15.61
C ILE C 317 12.91 7.21 16.28
N ALA C 318 11.95 8.09 16.48
CA ALA C 318 12.16 9.40 17.15
C ALA C 318 12.47 9.17 18.64
N GLY C 319 12.22 8.00 19.19
CA GLY C 319 12.36 7.73 20.63
C GLY C 319 13.75 7.25 21.02
N GLY C 320 14.71 7.14 20.11
CA GLY C 320 16.04 6.66 20.55
C GLY C 320 15.99 5.17 20.82
N ASP C 321 16.61 4.71 21.90
CA ASP C 321 16.73 3.28 22.24
C ASP C 321 15.33 2.66 22.45
N PHE C 322 15.08 1.51 21.82
CA PHE C 322 13.92 0.64 22.13
C PHE C 322 14.47 -0.58 22.86
N ASN C 323 14.30 -0.59 24.18
CA ASN C 323 14.99 -1.55 25.10
C ASN C 323 14.16 -2.82 25.20
N HIS C 324 14.10 -3.54 24.07
CA HIS C 324 13.24 -4.69 23.89
C HIS C 324 13.86 -5.61 22.83
N GLY C 325 13.65 -6.90 23.01
CA GLY C 325 13.92 -7.93 22.03
C GLY C 325 14.40 -9.22 22.62
N PHE C 326 14.61 -10.20 21.75
CA PHE C 326 14.87 -11.61 22.13
C PHE C 326 16.15 -12.08 21.47
N THR C 327 16.92 -12.91 22.20
CA THR C 327 18.20 -13.45 21.69
C THR C 327 18.02 -13.91 20.23
N TYR C 328 16.97 -14.66 19.97
CA TYR C 328 16.75 -15.35 18.67
C TYR C 328 15.93 -14.47 17.71
N SER C 329 15.69 -13.21 18.05
CA SER C 329 15.03 -12.25 17.13
C SER C 329 15.86 -12.27 15.81
N GLY C 330 15.23 -12.59 14.69
CA GLY C 330 15.87 -12.53 13.36
C GLY C 330 16.63 -13.80 13.03
N HIS C 331 16.50 -14.84 13.86
CA HIS C 331 17.38 -16.04 13.79
C HIS C 331 17.63 -16.45 12.36
N PRO C 332 18.89 -16.57 11.91
CA PRO C 332 19.15 -16.82 10.49
C PRO C 332 18.44 -18.02 9.86
N VAL C 333 18.41 -19.16 10.56
CA VAL C 333 17.81 -20.41 10.01
C VAL C 333 16.30 -20.21 9.92
N CYS C 334 15.69 -19.68 10.98
CA CYS C 334 14.25 -19.37 10.99
C CYS C 334 13.91 -18.38 9.84
N ALA C 335 14.74 -17.37 9.63
CA ALA C 335 14.53 -16.32 8.61
C ALA C 335 14.62 -16.98 7.26
N ALA C 336 15.59 -17.89 7.07
CA ALA C 336 15.76 -18.54 5.74
C ALA C 336 14.54 -19.38 5.41
N VAL C 337 14.00 -20.09 6.41
CA VAL C 337 12.80 -20.94 6.19
C VAL C 337 11.60 -20.04 5.96
N ALA C 338 11.43 -18.99 6.72
CA ALA C 338 10.28 -18.07 6.52
C ALA C 338 10.38 -17.48 5.10
N HIS C 339 11.60 -17.18 4.62
CA HIS C 339 11.79 -16.58 3.28
C HIS C 339 11.26 -17.58 2.25
N ALA C 340 11.67 -18.85 2.38
CA ALA C 340 11.25 -19.88 1.40
C ALA C 340 9.73 -20.00 1.46
N ASN C 341 9.19 -19.95 2.66
CA ASN C 341 7.74 -20.14 2.87
C ASN C 341 6.94 -19.01 2.20
N VAL C 342 7.33 -17.75 2.48
CA VAL C 342 6.60 -16.58 1.92
C VAL C 342 6.76 -16.58 0.40
N ALA C 343 7.98 -16.85 -0.10
CA ALA C 343 8.22 -16.94 -1.54
C ALA C 343 7.30 -18.01 -2.15
N ALA C 344 7.10 -19.17 -1.48
CA ALA C 344 6.22 -20.23 -2.04
C ALA C 344 4.73 -19.76 -2.01
N LEU C 345 4.32 -19.12 -0.94
CA LEU C 345 2.92 -18.62 -0.83
C LEU C 345 2.59 -17.69 -1.99
N ARG C 346 3.53 -16.81 -2.34
CA ARG C 346 3.34 -15.89 -3.46
C ARG C 346 3.59 -16.60 -4.79
N ASP C 347 4.77 -17.14 -4.98
CA ASP C 347 5.24 -17.56 -6.33
C ASP C 347 4.52 -18.82 -6.82
N GLU C 348 4.04 -19.69 -5.92
CA GLU C 348 3.29 -20.89 -6.30
C GLU C 348 1.79 -20.58 -6.38
N GLY C 349 1.39 -19.31 -6.17
CA GLY C 349 -0.03 -18.93 -6.26
C GLY C 349 -0.89 -19.54 -5.19
N ILE C 350 -0.33 -19.89 -4.03
CA ILE C 350 -1.09 -20.56 -2.95
C ILE C 350 -2.14 -19.63 -2.37
N VAL C 351 -1.80 -18.37 -2.08
CA VAL C 351 -2.79 -17.45 -1.47
C VAL C 351 -3.86 -17.15 -2.52
N GLN C 352 -3.43 -16.87 -3.75
CA GLN C 352 -4.39 -16.55 -4.85
C GLN C 352 -5.36 -17.70 -5.00
N ARG C 353 -4.88 -18.95 -4.87
CA ARG C 353 -5.74 -20.15 -5.07
C ARG C 353 -6.75 -20.20 -3.92
N VAL C 354 -6.39 -19.77 -2.71
CA VAL C 354 -7.41 -19.72 -1.63
C VAL C 354 -8.53 -18.78 -2.09
N LYS C 355 -8.18 -17.60 -2.55
CA LYS C 355 -9.19 -16.56 -2.84
C LYS C 355 -10.09 -17.06 -3.98
N ASP C 356 -9.51 -17.63 -5.03
CA ASP C 356 -10.19 -17.83 -6.34
C ASP C 356 -10.76 -19.23 -6.50
N ASP C 357 -10.22 -20.22 -5.85
CA ASP C 357 -10.47 -21.62 -6.23
C ASP C 357 -10.82 -22.47 -5.02
N ILE C 358 -9.85 -22.77 -4.13
CA ILE C 358 -10.14 -23.75 -3.06
C ILE C 358 -11.01 -23.11 -1.96
N GLY C 359 -10.88 -21.80 -1.70
CA GLY C 359 -11.67 -21.10 -0.66
C GLY C 359 -13.16 -21.20 -1.01
N PRO C 360 -13.58 -20.73 -2.19
CA PRO C 360 -15.00 -20.88 -2.60
C PRO C 360 -15.49 -22.33 -2.57
N TYR C 361 -14.64 -23.29 -2.96
CA TYR C 361 -15.03 -24.72 -2.93
C TYR C 361 -15.26 -25.13 -1.49
N MET C 362 -14.30 -24.87 -0.61
CA MET C 362 -14.41 -25.25 0.81
C MET C 362 -15.67 -24.61 1.37
N GLN C 363 -15.91 -23.34 1.12
CA GLN C 363 -17.02 -22.63 1.80
C GLN C 363 -18.33 -23.24 1.34
N LYS C 364 -18.46 -23.56 0.06
CA LYS C 364 -19.71 -24.19 -0.46
C LYS C 364 -19.87 -25.58 0.16
N ARG C 365 -18.82 -26.42 0.13
CA ARG C 365 -18.89 -27.81 0.59
C ARG C 365 -19.12 -27.84 2.12
N TRP C 366 -18.51 -26.91 2.86
CA TRP C 366 -18.69 -26.83 4.33
C TRP C 366 -20.17 -26.60 4.63
N ARG C 367 -20.76 -25.62 3.98
CA ARG C 367 -22.20 -25.31 4.18
C ARG C 367 -23.07 -26.45 3.69
N GLU C 368 -22.72 -27.09 2.58
CA GLU C 368 -23.46 -28.26 2.05
C GLU C 368 -23.42 -29.41 3.05
N THR C 369 -22.31 -29.61 3.73
CA THR C 369 -22.13 -30.74 4.65
C THR C 369 -22.90 -30.49 5.96
N PHE C 370 -22.80 -29.30 6.56
CA PHE C 370 -23.22 -29.14 7.98
C PHE C 370 -24.62 -28.50 8.09
N SER C 371 -25.10 -27.78 7.08
CA SER C 371 -26.29 -26.88 7.30
C SER C 371 -27.53 -27.72 7.67
N ARG C 372 -27.59 -28.98 7.27
CA ARG C 372 -28.82 -29.82 7.44
C ARG C 372 -28.97 -30.37 8.85
N PHE C 373 -27.91 -30.37 9.67
CA PHE C 373 -27.96 -31.06 10.98
C PHE C 373 -28.80 -30.24 11.96
N GLU C 374 -29.64 -30.92 12.70
CA GLU C 374 -30.61 -30.35 13.66
C GLU C 374 -29.85 -29.67 14.82
N HIS C 375 -28.66 -30.13 15.17
CA HIS C 375 -27.92 -29.54 16.32
C HIS C 375 -26.70 -28.75 15.85
N VAL C 376 -26.72 -28.26 14.61
CA VAL C 376 -25.67 -27.40 14.03
C VAL C 376 -26.33 -26.07 13.62
N ASP C 377 -25.76 -24.96 14.04
CA ASP C 377 -26.21 -23.64 13.55
C ASP C 377 -25.04 -22.70 13.32
N ASP C 378 -25.31 -21.57 12.69
CA ASP C 378 -24.33 -20.49 12.49
C ASP C 378 -23.15 -21.06 11.69
N VAL C 379 -23.45 -21.79 10.60
CA VAL C 379 -22.36 -22.35 9.75
C VAL C 379 -21.70 -21.17 9.06
N ARG C 380 -20.38 -21.04 9.08
CA ARG C 380 -19.69 -19.79 8.75
C ARG C 380 -18.26 -20.10 8.27
N GLY C 381 -17.64 -19.09 7.70
CA GLY C 381 -16.25 -19.24 7.26
C GLY C 381 -15.96 -18.37 6.05
N VAL C 382 -14.68 -18.15 5.81
CA VAL C 382 -14.23 -17.53 4.57
C VAL C 382 -12.87 -18.07 4.24
N GLY C 383 -12.61 -18.21 2.94
CA GLY C 383 -11.27 -18.71 2.49
C GLY C 383 -11.04 -20.12 2.99
N MET C 384 -10.09 -20.32 3.91
CA MET C 384 -9.80 -21.64 4.45
C MET C 384 -9.90 -21.65 5.99
N VAL C 385 -10.74 -20.80 6.54
CA VAL C 385 -11.13 -20.90 7.97
C VAL C 385 -12.65 -21.02 8.01
N GLN C 386 -13.13 -22.00 8.73
CA GLN C 386 -14.61 -22.25 8.74
C GLN C 386 -15.00 -22.91 10.05
N ALA C 387 -16.27 -22.85 10.38
CA ALA C 387 -16.76 -23.23 11.71
C ALA C 387 -18.26 -23.45 11.71
N PHE C 388 -18.75 -23.97 12.81
CA PHE C 388 -20.19 -23.98 13.13
C PHE C 388 -20.32 -24.10 14.64
N THR C 389 -21.53 -23.90 15.16
CA THR C 389 -21.80 -24.05 16.61
C THR C 389 -22.76 -25.21 16.83
N LEU C 390 -22.46 -26.06 17.78
CA LEU C 390 -23.37 -27.13 18.25
C LEU C 390 -24.40 -26.49 19.18
N VAL C 391 -25.67 -26.74 18.86
CA VAL C 391 -26.78 -26.09 19.60
C VAL C 391 -27.78 -27.11 20.09
N LYS C 392 -28.40 -26.78 21.21
CA LYS C 392 -29.39 -27.64 21.90
C LYS C 392 -30.69 -27.57 21.11
N ASN C 393 -31.11 -26.36 20.72
CA ASN C 393 -32.45 -26.23 20.02
C ASN C 393 -32.28 -25.12 18.99
N LYS C 394 -32.25 -25.47 17.73
CA LYS C 394 -31.94 -24.51 16.65
C LYS C 394 -33.10 -23.52 16.54
N ALA C 395 -34.35 -23.97 16.69
CA ALA C 395 -35.50 -23.06 16.62
C ALA C 395 -35.22 -21.86 17.56
N LYS C 396 -34.83 -22.17 18.83
CA LYS C 396 -34.80 -21.15 19.89
C LYS C 396 -33.42 -20.53 19.92
N ARG C 397 -32.50 -21.00 19.07
CA ARG C 397 -31.06 -20.65 19.14
C ARG C 397 -30.59 -20.85 20.58
N GLU C 398 -30.96 -21.98 21.17
CA GLU C 398 -30.57 -22.30 22.57
C GLU C 398 -29.23 -23.06 22.52
N LEU C 399 -28.24 -22.56 23.23
CA LEU C 399 -26.93 -23.20 23.43
C LEU C 399 -27.03 -24.24 24.51
N PHE C 400 -26.10 -25.20 24.48
CA PHE C 400 -25.98 -26.20 25.57
C PHE C 400 -25.48 -25.51 26.83
N PRO C 401 -25.91 -25.99 28.02
CA PRO C 401 -25.32 -25.53 29.27
C PRO C 401 -23.87 -26.04 29.37
N ASP C 402 -23.09 -25.46 30.26
CA ASP C 402 -21.67 -25.84 30.49
C ASP C 402 -20.95 -25.76 29.15
N PHE C 403 -21.12 -24.65 28.41
CA PHE C 403 -20.56 -24.42 27.05
C PHE C 403 -19.15 -25.01 26.99
N GLY C 404 -18.90 -25.96 26.11
CA GLY C 404 -17.62 -26.66 26.03
C GLY C 404 -17.73 -28.15 26.28
N GLU C 405 -18.64 -28.58 27.13
CA GLU C 405 -18.86 -30.02 27.41
C GLU C 405 -19.27 -30.74 26.14
N ILE C 406 -20.21 -30.17 25.39
CA ILE C 406 -20.74 -30.85 24.18
C ILE C 406 -19.68 -30.78 23.09
N GLY C 407 -18.93 -29.66 22.97
CA GLY C 407 -17.88 -29.51 21.98
C GLY C 407 -16.80 -30.54 22.23
N THR C 408 -16.49 -30.84 23.49
CA THR C 408 -15.49 -31.87 23.86
C THR C 408 -15.94 -33.25 23.37
N LEU C 409 -17.20 -33.63 23.62
CA LEU C 409 -17.77 -34.90 23.14
C LEU C 409 -17.55 -35.00 21.63
N CYS C 410 -17.84 -33.94 20.89
CA CYS C 410 -17.81 -33.96 19.40
C CYS C 410 -16.36 -34.06 18.93
N ARG C 411 -15.49 -33.27 19.55
CA ARG C 411 -14.07 -33.25 19.14
C ARG C 411 -13.45 -34.64 19.37
N ASP C 412 -13.78 -35.29 20.47
CA ASP C 412 -13.26 -36.65 20.79
C ASP C 412 -13.70 -37.67 19.69
N ILE C 413 -14.92 -37.55 19.18
CA ILE C 413 -15.39 -38.44 18.09
C ILE C 413 -14.53 -38.18 16.84
N PHE C 414 -14.30 -36.94 16.49
CA PHE C 414 -13.46 -36.60 15.31
C PHE C 414 -12.08 -37.29 15.49
N PHE C 415 -11.45 -37.09 16.63
CA PHE C 415 -10.06 -37.51 16.91
C PHE C 415 -10.00 -39.03 16.81
N ARG C 416 -10.96 -39.76 17.41
CA ARG C 416 -11.03 -41.24 17.34
C ARG C 416 -11.18 -41.70 15.89
N ASN C 417 -11.79 -40.88 15.02
CA ASN C 417 -12.02 -41.23 13.60
C ASN C 417 -10.94 -40.59 12.71
N ASN C 418 -9.81 -40.22 13.29
CA ASN C 418 -8.59 -39.83 12.48
C ASN C 418 -8.87 -38.54 11.73
N LEU C 419 -9.61 -37.63 12.36
CA LEU C 419 -9.85 -36.28 11.84
C LEU C 419 -9.51 -35.26 12.93
N ILE C 420 -8.70 -34.28 12.62
CA ILE C 420 -8.41 -33.17 13.58
C ILE C 420 -9.25 -31.94 13.20
N MET C 421 -10.30 -31.70 14.01
N MET C 421 -10.30 -31.68 14.00
CA MET C 421 -10.96 -30.39 14.05
CA MET C 421 -11.01 -30.37 13.98
C MET C 421 -11.07 -30.11 15.54
C MET C 421 -11.29 -30.09 15.47
N ARG C 422 -11.08 -28.84 15.89
CA ARG C 422 -10.97 -28.45 17.32
C ARG C 422 -12.35 -27.94 17.76
N ALA C 423 -12.63 -28.09 19.03
CA ALA C 423 -13.79 -27.51 19.71
C ALA C 423 -13.27 -26.31 20.50
N CYS C 424 -13.90 -25.18 20.31
CA CYS C 424 -13.64 -23.99 21.12
C CYS C 424 -14.95 -23.72 21.83
N GLY C 425 -15.08 -24.09 23.11
CA GLY C 425 -16.41 -24.26 23.71
C GLY C 425 -17.23 -25.22 22.86
N ASP C 426 -18.45 -24.83 22.42
CA ASP C 426 -19.28 -25.72 21.57
C ASP C 426 -19.17 -25.30 20.12
N HIS C 427 -18.25 -24.42 19.78
CA HIS C 427 -17.92 -24.13 18.38
C HIS C 427 -16.96 -25.22 17.84
N ILE C 428 -17.19 -25.67 16.63
CA ILE C 428 -16.29 -26.60 15.90
C ILE C 428 -15.60 -25.79 14.83
N VAL C 429 -14.29 -25.90 14.74
CA VAL C 429 -13.48 -25.06 13.85
C VAL C 429 -12.56 -25.94 13.02
N SER C 430 -12.18 -25.41 11.88
CA SER C 430 -11.25 -26.06 10.92
C SER C 430 -10.44 -24.95 10.28
N ALA C 431 -9.17 -25.23 10.09
CA ALA C 431 -8.20 -24.36 9.39
C ALA C 431 -7.13 -25.25 8.75
N PRO C 432 -7.44 -25.96 7.66
CA PRO C 432 -6.52 -26.95 7.10
C PRO C 432 -5.39 -26.30 6.34
N PRO C 433 -4.38 -27.05 5.88
CA PRO C 433 -3.38 -26.43 5.01
C PRO C 433 -4.04 -25.76 3.80
N LEU C 434 -3.49 -24.64 3.35
CA LEU C 434 -4.06 -23.86 2.25
C LEU C 434 -3.97 -24.64 0.92
N VAL C 435 -2.99 -25.55 0.81
CA VAL C 435 -2.72 -26.36 -0.38
C VAL C 435 -3.71 -27.52 -0.53
N MET C 436 -4.61 -27.75 0.41
CA MET C 436 -5.59 -28.86 0.35
C MET C 436 -6.24 -28.88 -1.05
N THR C 437 -6.40 -30.06 -1.65
CA THR C 437 -7.06 -30.27 -2.95
C THR C 437 -8.59 -30.36 -2.71
N ARG C 438 -9.35 -30.26 -3.75
CA ARG C 438 -10.81 -30.48 -3.65
C ARG C 438 -11.05 -31.88 -3.12
N ALA C 439 -10.33 -32.88 -3.57
CA ALA C 439 -10.50 -34.28 -3.15
C ALA C 439 -10.21 -34.38 -1.64
N GLU C 440 -9.18 -33.70 -1.18
CA GLU C 440 -8.85 -33.74 0.25
C GLU C 440 -10.02 -33.06 1.01
N VAL C 441 -10.54 -31.95 0.46
CA VAL C 441 -11.66 -31.23 1.19
C VAL C 441 -12.79 -32.23 1.34
N ASP C 442 -13.14 -32.96 0.26
CA ASP C 442 -14.30 -33.87 0.31
C ASP C 442 -13.95 -35.01 1.27
N GLU C 443 -12.71 -35.50 1.32
CA GLU C 443 -12.32 -36.61 2.23
C GLU C 443 -12.54 -36.14 3.69
N MET C 444 -12.09 -34.94 3.99
CA MET C 444 -12.22 -34.34 5.35
C MET C 444 -13.71 -34.23 5.71
N LEU C 445 -14.52 -33.71 4.77
CA LEU C 445 -15.95 -33.53 5.04
C LEU C 445 -16.69 -34.84 5.14
N ALA C 446 -16.28 -35.90 4.40
CA ALA C 446 -16.97 -37.17 4.48
C ALA C 446 -16.78 -37.76 5.87
N VAL C 447 -15.58 -37.70 6.41
CA VAL C 447 -15.30 -38.20 7.78
C VAL C 447 -16.06 -37.31 8.78
N ALA C 448 -16.02 -36.00 8.60
CA ALA C 448 -16.73 -35.06 9.50
C ALA C 448 -18.22 -35.34 9.53
N GLU C 449 -18.83 -35.62 8.39
CA GLU C 449 -20.28 -35.87 8.29
C GLU C 449 -20.64 -37.12 9.08
N ARG C 450 -19.90 -38.22 8.89
CA ARG C 450 -20.13 -39.47 9.62
C ARG C 450 -19.98 -39.20 11.12
N CYS C 451 -18.97 -38.44 11.51
CA CYS C 451 -18.72 -38.10 12.92
C CYS C 451 -19.88 -37.28 13.50
N LEU C 452 -20.44 -36.33 12.75
CA LEU C 452 -21.59 -35.56 13.26
C LEU C 452 -22.81 -36.45 13.44
N GLU C 453 -23.06 -37.39 12.53
CA GLU C 453 -24.20 -38.34 12.68
C GLU C 453 -24.02 -39.14 13.97
N GLU C 454 -22.80 -39.60 14.24
CA GLU C 454 -22.47 -40.32 15.50
C GLU C 454 -22.69 -39.37 16.68
N PHE C 455 -22.28 -38.12 16.56
CA PHE C 455 -22.38 -37.10 17.61
C PHE C 455 -23.85 -36.93 17.95
N GLU C 456 -24.71 -36.74 16.95
CA GLU C 456 -26.16 -36.52 17.22
C GLU C 456 -26.71 -37.76 17.91
N GLN C 457 -26.34 -38.96 17.46
CA GLN C 457 -26.86 -40.19 18.09
C GLN C 457 -26.41 -40.25 19.55
N THR C 458 -25.14 -39.90 19.85
CA THR C 458 -24.54 -40.01 21.21
C THR C 458 -25.16 -38.95 22.15
N LEU C 459 -25.38 -37.74 21.67
CA LEU C 459 -26.02 -36.65 22.41
C LEU C 459 -27.39 -37.11 22.89
N LYS C 460 -28.19 -37.66 21.97
CA LYS C 460 -29.55 -38.15 22.28
C LYS C 460 -29.43 -39.31 23.27
N ALA C 461 -28.58 -40.28 22.97
CA ALA C 461 -28.39 -41.49 23.82
C ALA C 461 -28.07 -41.06 25.27
N ARG C 462 -27.33 -39.97 25.46
CA ARG C 462 -26.84 -39.53 26.79
C ARG C 462 -27.85 -38.59 27.48
N GLY C 463 -28.99 -38.27 26.88
CA GLY C 463 -29.98 -37.35 27.45
C GLY C 463 -29.60 -35.89 27.40
N LEU C 464 -28.67 -35.46 26.54
CA LEU C 464 -28.10 -34.08 26.48
C LEU C 464 -28.93 -33.23 25.51
N ALA C 465 -29.73 -33.92 24.68
CA ALA C 465 -30.73 -33.35 23.76
C ALA C 465 -31.40 -34.52 23.06
N ARG D 11 24.40 -9.63 -3.44
CA ARG D 11 24.25 -8.25 -2.95
C ARG D 11 25.55 -7.76 -2.30
N THR D 12 25.70 -6.44 -2.26
CA THR D 12 26.91 -5.76 -1.76
C THR D 12 26.68 -5.42 -0.28
N THR D 13 27.74 -5.07 0.44
CA THR D 13 27.63 -4.51 1.82
C THR D 13 26.64 -3.34 1.80
N SER D 14 26.82 -2.40 0.88
CA SER D 14 25.98 -1.19 0.72
C SER D 14 24.49 -1.56 0.58
N GLN D 15 24.15 -2.49 -0.31
CA GLN D 15 22.74 -2.90 -0.59
C GLN D 15 22.18 -3.58 0.67
N TRP D 16 22.94 -4.47 1.33
CA TRP D 16 22.44 -5.15 2.55
C TRP D 16 22.15 -4.07 3.63
N ARG D 17 23.04 -3.08 3.79
CA ARG D 17 22.84 -2.01 4.81
C ARG D 17 21.61 -1.16 4.48
N GLU D 18 21.41 -0.85 3.21
CA GLU D 18 20.27 -0.01 2.78
C GLU D 18 18.95 -0.76 3.08
N LEU D 19 18.91 -2.04 2.75
CA LEU D 19 17.69 -2.87 2.95
C LEU D 19 17.47 -3.03 4.45
N ASP D 20 18.54 -3.23 5.23
CA ASP D 20 18.39 -3.38 6.68
C ASP D 20 17.80 -2.09 7.28
N ALA D 21 18.33 -0.94 6.90
CA ALA D 21 17.84 0.37 7.39
C ALA D 21 16.37 0.58 6.95
N ALA D 22 16.01 0.17 5.76
CA ALA D 22 14.66 0.44 5.21
C ALA D 22 13.62 -0.45 5.92
N HIS D 23 13.98 -1.67 6.35
CA HIS D 23 12.96 -2.72 6.67
C HIS D 23 13.04 -3.33 8.04
N HIS D 24 14.18 -3.23 8.76
CA HIS D 24 14.44 -4.08 9.93
C HIS D 24 14.50 -3.24 11.20
N LEU D 25 13.70 -3.56 12.20
CA LEU D 25 13.81 -2.95 13.56
C LEU D 25 14.50 -3.96 14.47
N HIS D 26 15.64 -3.57 15.04
CA HIS D 26 16.53 -4.46 15.78
C HIS D 26 16.22 -4.43 17.28
N PRO D 27 16.52 -5.54 18.00
CA PRO D 27 16.51 -5.54 19.44
C PRO D 27 17.49 -4.53 20.09
N PHE D 28 17.04 -3.88 21.17
CA PHE D 28 17.84 -3.05 22.09
C PHE D 28 18.71 -2.07 21.29
N THR D 29 18.09 -1.35 20.37
CA THR D 29 18.79 -0.54 19.37
C THR D 29 18.15 0.82 19.26
N ASP D 30 19.01 1.82 19.05
CA ASP D 30 18.58 3.17 18.61
C ASP D 30 18.48 3.08 17.11
N THR D 31 17.27 2.88 16.55
CA THR D 31 17.11 2.67 15.11
C THR D 31 17.72 3.83 14.30
N ALA D 32 17.40 5.08 14.62
CA ALA D 32 17.83 6.25 13.82
C ALA D 32 19.38 6.23 13.74
N SER D 33 20.04 5.98 14.87
CA SER D 33 21.52 5.95 14.95
C SER D 33 22.10 4.76 14.15
N LEU D 34 21.52 3.58 14.28
CA LEU D 34 22.02 2.39 13.53
C LEU D 34 21.86 2.64 12.04
N ASN D 35 20.72 3.19 11.60
CA ASN D 35 20.43 3.37 10.16
C ASN D 35 21.43 4.40 9.59
N GLN D 36 21.80 5.39 10.38
CA GLN D 36 22.82 6.40 9.96
C GLN D 36 24.20 5.72 9.91
N ALA D 37 24.56 4.87 10.87
CA ALA D 37 25.90 4.23 10.97
C ALA D 37 26.10 3.13 9.90
N GLY D 38 25.06 2.34 9.60
CA GLY D 38 25.19 1.13 8.76
C GLY D 38 25.41 -0.08 9.65
N ALA D 39 24.60 -1.12 9.54
CA ALA D 39 24.75 -2.35 10.35
C ALA D 39 25.98 -3.13 9.86
N ARG D 40 26.67 -3.81 10.75
CA ARG D 40 27.73 -4.76 10.40
C ARG D 40 27.09 -6.07 9.93
N VAL D 41 27.38 -6.50 8.70
CA VAL D 41 26.72 -7.70 8.13
C VAL D 41 27.60 -8.93 8.37
N MET D 42 27.20 -9.79 9.29
CA MET D 42 27.89 -11.06 9.62
C MET D 42 27.37 -12.13 8.66
N THR D 43 28.25 -12.83 7.96
CA THR D 43 27.83 -13.71 6.84
C THR D 43 28.11 -15.19 7.14
N ARG D 44 29.17 -15.53 7.87
CA ARG D 44 29.55 -16.95 8.07
C ARG D 44 30.27 -17.13 9.39
N GLY D 45 30.25 -18.35 9.92
CA GLY D 45 30.86 -18.70 11.21
C GLY D 45 31.55 -20.01 11.09
N GLU D 46 32.71 -20.16 11.72
CA GLU D 46 33.37 -21.48 11.81
C GLU D 46 34.15 -21.50 13.12
N GLY D 47 33.87 -22.51 13.95
CA GLY D 47 34.56 -22.67 15.24
C GLY D 47 34.28 -21.46 16.13
N VAL D 48 35.32 -20.69 16.46
CA VAL D 48 35.12 -19.51 17.33
C VAL D 48 35.07 -18.23 16.48
N TYR D 49 35.17 -18.35 15.15
CA TYR D 49 35.35 -17.18 14.26
C TYR D 49 34.05 -16.84 13.51
N LEU D 50 33.92 -15.56 13.17
CA LEU D 50 32.91 -15.00 12.23
C LEU D 50 33.62 -14.28 11.10
N TRP D 51 32.96 -14.21 9.94
CA TRP D 51 33.36 -13.30 8.83
C TRP D 51 32.21 -12.33 8.57
N ASP D 52 32.53 -11.06 8.32
CA ASP D 52 31.54 -10.06 7.88
C ASP D 52 31.62 -9.87 6.37
N SER D 53 30.71 -9.07 5.85
CA SER D 53 30.58 -8.84 4.37
C SER D 53 31.81 -8.12 3.82
N GLU D 54 32.67 -7.53 4.67
CA GLU D 54 33.87 -6.75 4.27
C GLU D 54 35.11 -7.66 4.37
N GLY D 55 34.92 -8.96 4.64
CA GLY D 55 36.05 -9.93 4.65
C GLY D 55 36.82 -9.97 5.97
N ASN D 56 36.33 -9.33 7.03
CA ASN D 56 37.07 -9.34 8.31
C ASN D 56 36.84 -10.71 8.93
N LYS D 57 37.91 -11.34 9.43
CA LYS D 57 37.78 -12.55 10.29
C LYS D 57 37.75 -12.07 11.74
N ILE D 58 36.75 -12.49 12.50
CA ILE D 58 36.42 -11.88 13.80
C ILE D 58 36.44 -12.98 14.85
N ILE D 59 37.08 -12.72 15.98
CA ILE D 59 37.06 -13.65 17.15
C ILE D 59 35.75 -13.39 17.89
N ASP D 60 34.91 -14.40 17.99
CA ASP D 60 33.61 -14.20 18.69
C ASP D 60 33.75 -14.53 20.16
N GLY D 61 34.21 -13.55 20.95
CA GLY D 61 34.33 -13.73 22.39
C GLY D 61 33.02 -13.73 23.14
N MET D 62 31.90 -13.65 22.42
CA MET D 62 30.57 -13.68 23.10
C MET D 62 29.73 -14.88 22.61
N ALA D 63 30.27 -15.77 21.76
CA ALA D 63 29.55 -16.99 21.32
C ALA D 63 28.14 -16.61 20.85
N GLY D 64 28.05 -15.70 19.88
CA GLY D 64 26.74 -15.24 19.35
C GLY D 64 26.15 -14.25 20.33
N LEU D 65 25.37 -14.77 21.29
CA LEU D 65 24.91 -13.97 22.43
C LEU D 65 24.88 -14.88 23.65
N TRP D 66 26.08 -15.15 24.17
CA TRP D 66 26.30 -16.05 25.33
C TRP D 66 25.80 -17.48 25.05
N CYS D 67 25.68 -17.93 23.80
CA CYS D 67 24.82 -19.10 23.54
C CYS D 67 25.43 -20.14 22.62
N VAL D 68 26.36 -19.79 21.72
CA VAL D 68 26.84 -20.79 20.72
C VAL D 68 27.93 -21.64 21.39
N ASN D 69 27.51 -22.49 22.32
CA ASN D 69 28.42 -23.15 23.27
C ASN D 69 29.32 -24.16 22.55
N VAL D 70 28.86 -24.83 21.50
CA VAL D 70 29.68 -25.83 20.74
C VAL D 70 30.38 -25.17 19.57
N GLY D 71 30.30 -23.85 19.43
CA GLY D 71 30.90 -23.13 18.29
C GLY D 71 30.13 -23.31 17.02
N TYR D 72 30.52 -22.54 16.02
CA TYR D 72 29.91 -22.55 14.68
C TYR D 72 30.37 -23.79 13.90
N GLY D 73 29.64 -24.20 12.89
CA GLY D 73 30.12 -25.20 11.90
C GLY D 73 29.75 -26.63 12.24
N ARG D 74 28.75 -26.89 13.11
CA ARG D 74 28.29 -28.28 13.37
C ARG D 74 27.40 -28.73 12.21
N LYS D 75 27.97 -29.39 11.21
CA LYS D 75 27.17 -29.94 10.09
C LYS D 75 26.22 -31.02 10.58
N ASP D 76 26.60 -31.75 11.63
CA ASP D 76 25.78 -32.83 12.20
C ASP D 76 24.47 -32.22 12.73
N PHE D 77 24.53 -31.03 13.28
CA PHE D 77 23.27 -30.38 13.79
C PHE D 77 22.37 -30.01 12.59
N ALA D 78 22.97 -29.52 11.49
CA ALA D 78 22.22 -29.16 10.28
C ALA D 78 21.55 -30.42 9.71
N GLU D 79 22.21 -31.54 9.74
CA GLU D 79 21.67 -32.84 9.26
C GLU D 79 20.53 -33.29 10.18
N ALA D 80 20.65 -33.14 11.51
CA ALA D 80 19.57 -33.49 12.48
C ALA D 80 18.33 -32.62 12.16
N ALA D 81 18.53 -31.33 11.87
CA ALA D 81 17.45 -30.38 11.53
C ALA D 81 16.80 -30.81 10.21
N ARG D 82 17.60 -31.09 9.20
CA ARG D 82 17.08 -31.48 7.85
C ARG D 82 16.23 -32.73 8.00
N ARG D 83 16.78 -33.76 8.68
CA ARG D 83 16.07 -35.07 8.80
C ARG D 83 14.75 -34.85 9.51
N GLN D 84 14.76 -34.09 10.63
CA GLN D 84 13.50 -33.94 11.39
C GLN D 84 12.53 -33.10 10.58
N MET D 85 13.01 -32.06 9.89
CA MET D 85 12.09 -31.16 9.15
C MET D 85 11.46 -31.92 8.00
N GLU D 86 12.14 -32.88 7.37
CA GLU D 86 11.52 -33.68 6.31
C GLU D 86 10.49 -34.64 6.93
N GLU D 87 10.75 -35.23 8.08
CA GLU D 87 9.88 -36.29 8.67
C GLU D 87 8.61 -35.65 9.24
N LEU D 88 8.78 -34.68 10.13
CA LEU D 88 7.63 -34.01 10.79
C LEU D 88 8.12 -32.66 11.24
N PRO D 89 7.85 -31.62 10.42
CA PRO D 89 8.45 -30.31 10.70
C PRO D 89 7.83 -29.71 11.95
N PHE D 90 6.53 -29.97 12.16
CA PHE D 90 5.79 -29.42 13.29
C PHE D 90 4.59 -30.32 13.61
N TYR D 91 4.37 -30.54 14.87
CA TYR D 91 3.03 -30.88 15.38
C TYR D 91 2.94 -30.29 16.78
N ASN D 92 1.74 -30.01 17.20
CA ASN D 92 1.52 -29.33 18.47
C ASN D 92 1.46 -30.34 19.64
N THR D 93 1.75 -29.88 20.85
CA THR D 93 1.70 -30.64 22.09
C THR D 93 0.49 -30.26 22.93
N PHE D 94 -0.53 -29.65 22.30
CA PHE D 94 -1.76 -29.18 22.96
C PHE D 94 -2.86 -30.21 22.92
N PHE D 95 -3.01 -31.04 21.85
CA PHE D 95 -4.27 -31.80 21.60
C PHE D 95 -4.21 -33.21 22.24
N LYS D 96 -3.64 -33.31 23.45
CA LYS D 96 -3.33 -34.65 24.08
C LYS D 96 -2.32 -35.35 23.18
N THR D 97 -1.45 -34.58 22.53
CA THR D 97 -0.49 -35.07 21.49
C THR D 97 0.95 -34.80 21.92
N THR D 98 1.83 -35.65 21.42
CA THR D 98 3.30 -35.50 21.57
C THR D 98 3.91 -35.99 20.27
N HIS D 99 5.26 -35.92 20.20
CA HIS D 99 6.00 -36.42 19.05
C HIS D 99 7.34 -36.94 19.56
N PRO D 100 7.98 -37.84 18.79
CA PRO D 100 9.21 -38.48 19.29
C PRO D 100 10.32 -37.51 19.66
N ALA D 101 10.57 -36.44 18.89
CA ALA D 101 11.71 -35.54 19.18
C ALA D 101 11.55 -34.89 20.57
N VAL D 102 10.37 -34.45 20.94
CA VAL D 102 10.18 -33.77 22.23
C VAL D 102 10.24 -34.83 23.34
N VAL D 103 9.74 -36.02 23.13
CA VAL D 103 9.85 -37.10 24.16
C VAL D 103 11.32 -37.45 24.39
N GLU D 104 12.07 -37.66 23.31
CA GLU D 104 13.51 -38.06 23.43
C GLU D 104 14.31 -36.93 24.09
N LEU D 105 14.06 -35.67 23.73
CA LEU D 105 14.75 -34.56 24.41
C LEU D 105 14.40 -34.53 25.90
N SER D 106 13.15 -34.76 26.25
CA SER D 106 12.69 -34.66 27.66
C SER D 106 13.42 -35.74 28.43
N SER D 107 13.57 -36.94 27.84
CA SER D 107 14.24 -38.07 28.51
C SER D 107 15.74 -37.73 28.67
N LEU D 108 16.39 -37.19 27.64
CA LEU D 108 17.83 -36.86 27.72
C LEU D 108 18.06 -35.74 28.76
N LEU D 109 17.20 -34.73 28.80
CA LEU D 109 17.34 -33.59 29.74
C LEU D 109 17.23 -34.08 31.18
N ALA D 110 16.36 -35.05 31.48
CA ALA D 110 16.26 -35.62 32.84
C ALA D 110 17.62 -36.23 33.23
N GLU D 111 18.36 -36.83 32.30
CA GLU D 111 19.68 -37.44 32.60
C GLU D 111 20.74 -36.39 32.94
N VAL D 112 20.75 -35.21 32.35
CA VAL D 112 21.88 -34.26 32.51
C VAL D 112 21.53 -33.24 33.60
N THR D 113 20.28 -33.16 34.00
CA THR D 113 19.88 -32.24 35.10
C THR D 113 20.03 -32.98 36.42
N PRO D 114 20.12 -32.25 37.57
CA PRO D 114 20.13 -32.90 38.88
C PRO D 114 18.88 -33.74 39.16
N ALA D 115 19.03 -34.64 40.12
CA ALA D 115 17.97 -35.50 40.68
C ALA D 115 16.76 -34.63 41.01
N GLY D 116 15.55 -35.08 40.70
CA GLY D 116 14.36 -34.32 41.15
C GLY D 116 13.90 -33.32 40.11
N PHE D 117 14.64 -33.15 39.02
CA PHE D 117 14.20 -32.36 37.85
C PHE D 117 13.95 -33.39 36.75
N ASP D 118 12.75 -33.92 36.77
CA ASP D 118 12.33 -34.96 35.80
C ASP D 118 11.50 -34.29 34.73
N ARG D 119 10.81 -33.21 35.07
CA ARG D 119 9.73 -32.67 34.19
C ARG D 119 10.12 -31.31 33.62
N VAL D 120 9.83 -31.12 32.34
CA VAL D 120 10.23 -29.94 31.57
C VAL D 120 9.03 -29.42 30.81
N PHE D 121 8.89 -28.10 30.82
CA PHE D 121 7.95 -27.37 29.99
C PHE D 121 8.73 -26.58 28.97
N TYR D 122 8.31 -26.65 27.71
CA TYR D 122 9.11 -26.06 26.60
C TYR D 122 8.52 -24.73 26.16
N THR D 123 9.43 -23.89 25.68
CA THR D 123 9.17 -22.54 25.15
C THR D 123 10.08 -22.31 23.95
N ASN D 124 10.01 -21.13 23.38
CA ASN D 124 10.86 -20.72 22.24
C ASN D 124 12.02 -19.90 22.72
N SER D 125 11.99 -19.34 23.94
CA SER D 125 12.99 -18.34 24.34
C SER D 125 13.18 -18.38 25.85
N GLY D 126 14.28 -17.75 26.30
CA GLY D 126 14.46 -17.45 27.71
C GLY D 126 13.37 -16.61 28.32
N SER D 127 12.87 -15.59 27.58
CA SER D 127 11.83 -14.65 28.03
C SER D 127 10.54 -15.43 28.24
N GLU D 128 10.17 -16.30 27.29
CA GLU D 128 8.95 -17.09 27.50
C GLU D 128 9.13 -18.08 28.64
N SER D 129 10.32 -18.63 28.87
CA SER D 129 10.58 -19.52 30.03
C SER D 129 10.34 -18.72 31.32
N VAL D 130 10.78 -17.48 31.38
CA VAL D 130 10.57 -16.63 32.55
C VAL D 130 9.07 -16.37 32.77
N ASP D 131 8.32 -16.01 31.74
CA ASP D 131 6.87 -15.81 31.91
C ASP D 131 6.22 -17.09 32.37
N THR D 132 6.63 -18.25 31.80
CA THR D 132 6.10 -19.57 32.20
C THR D 132 6.31 -19.78 33.69
N MET D 133 7.56 -19.55 34.12
CA MET D 133 7.92 -19.73 35.54
C MET D 133 7.06 -18.82 36.42
N ILE D 134 6.83 -17.58 36.03
CA ILE D 134 5.99 -16.67 36.86
C ILE D 134 4.57 -17.24 37.01
N ARG D 135 3.96 -17.67 35.89
CA ARG D 135 2.60 -18.24 35.97
C ARG D 135 2.62 -19.54 36.76
N MET D 136 3.63 -20.40 36.59
CA MET D 136 3.76 -21.64 37.38
C MET D 136 3.83 -21.32 38.88
N VAL D 137 4.65 -20.37 39.30
CA VAL D 137 4.87 -20.06 40.71
C VAL D 137 3.53 -19.56 41.30
N ARG D 138 2.86 -18.67 40.58
CA ARG D 138 1.58 -18.13 41.12
C ARG D 138 0.51 -19.22 41.13
N ARG D 139 0.49 -20.08 40.09
CA ARG D 139 -0.51 -21.18 40.06
C ARG D 139 -0.25 -22.13 41.23
N TYR D 140 1.02 -22.42 41.47
CA TYR D 140 1.43 -23.37 42.52
C TYR D 140 0.83 -22.87 43.85
N TRP D 141 1.04 -21.60 44.19
CA TRP D 141 0.52 -21.08 45.46
C TRP D 141 -1.01 -21.07 45.50
N ASP D 142 -1.69 -20.84 44.38
CA ASP D 142 -3.15 -20.97 44.35
C ASP D 142 -3.57 -22.40 44.71
N VAL D 143 -2.89 -23.37 44.14
CA VAL D 143 -3.20 -24.81 44.38
C VAL D 143 -2.97 -25.13 45.86
N GLN D 144 -1.97 -24.54 46.49
CA GLN D 144 -1.67 -24.73 47.92
C GLN D 144 -2.69 -24.02 48.80
N GLY D 145 -3.62 -23.26 48.21
CA GLY D 145 -4.61 -22.51 49.01
C GLY D 145 -4.01 -21.25 49.61
N LYS D 146 -2.96 -20.67 48.97
CA LYS D 146 -2.33 -19.42 49.46
C LYS D 146 -2.41 -18.35 48.38
N PRO D 147 -3.61 -17.85 48.07
CA PRO D 147 -3.78 -16.96 46.92
C PRO D 147 -3.10 -15.59 47.10
N GLU D 148 -2.67 -15.26 48.33
CA GLU D 148 -1.95 -13.97 48.53
C GLU D 148 -0.49 -14.14 48.16
N LYS D 149 0.01 -15.37 48.03
CA LYS D 149 1.49 -15.58 47.90
C LYS D 149 1.87 -15.46 46.42
N LYS D 150 2.06 -14.23 45.94
CA LYS D 150 2.13 -13.92 44.50
C LYS D 150 3.28 -13.02 44.12
N THR D 151 3.98 -12.40 45.05
CA THR D 151 5.04 -11.44 44.72
C THR D 151 6.35 -12.22 44.44
N LEU D 152 6.96 -11.94 43.35
CA LEU D 152 8.29 -12.46 43.01
C LEU D 152 9.32 -11.36 43.21
N ILE D 153 10.45 -11.73 43.82
CA ILE D 153 11.53 -10.79 44.15
C ILE D 153 12.69 -11.06 43.19
N GLY D 154 13.13 -10.04 42.51
CA GLY D 154 14.38 -10.04 41.73
C GLY D 154 15.38 -9.07 42.27
N ARG D 155 16.31 -8.64 41.44
CA ARG D 155 17.41 -7.74 41.80
C ARG D 155 17.56 -6.60 40.81
N TRP D 156 17.92 -5.44 41.30
CA TRP D 156 18.43 -4.33 40.47
C TRP D 156 19.62 -4.88 39.66
N ASN D 157 19.64 -4.58 38.37
CA ASN D 157 20.71 -5.03 37.43
C ASN D 157 20.63 -6.54 37.20
N GLY D 158 19.58 -7.26 37.67
CA GLY D 158 19.25 -8.59 37.15
C GLY D 158 18.59 -8.52 35.76
N TYR D 159 18.79 -9.54 34.94
CA TYR D 159 18.14 -9.62 33.62
C TYR D 159 17.43 -10.94 33.51
N HIS D 160 16.12 -10.91 33.16
CA HIS D 160 15.28 -12.10 33.10
C HIS D 160 14.44 -12.02 31.80
N GLY D 161 14.95 -11.33 30.80
CA GLY D 161 14.35 -11.34 29.46
C GLY D 161 13.52 -10.09 29.19
N SER D 162 12.69 -10.14 28.11
CA SER D 162 12.17 -8.95 27.48
C SER D 162 10.66 -9.11 27.16
N THR D 163 10.03 -10.14 27.70
CA THR D 163 8.53 -10.18 27.78
C THR D 163 8.19 -9.09 28.81
N ILE D 164 6.91 -8.69 28.89
CA ILE D 164 6.44 -7.84 30.00
C ILE D 164 6.76 -8.46 31.35
N GLY D 165 6.53 -9.76 31.52
CA GLY D 165 6.83 -10.46 32.79
C GLY D 165 8.34 -10.46 33.06
N GLY D 166 9.12 -10.84 32.09
CA GLY D 166 10.58 -10.95 32.27
C GLY D 166 11.22 -9.59 32.48
N ALA D 167 10.79 -8.56 31.78
CA ALA D 167 11.32 -7.20 31.93
C ALA D 167 10.96 -6.65 33.32
N SER D 168 9.78 -7.04 33.86
CA SER D 168 9.31 -6.60 35.20
C SER D 168 10.19 -7.24 36.29
N LEU D 169 10.52 -8.51 36.13
CA LEU D 169 11.25 -9.27 37.19
C LEU D 169 12.72 -8.87 37.12
N GLY D 170 13.22 -8.66 35.93
CA GLY D 170 14.52 -8.01 35.69
C GLY D 170 14.59 -6.68 36.40
N GLY D 171 15.78 -6.16 36.60
CA GLY D 171 15.98 -4.92 37.36
C GLY D 171 16.67 -3.89 36.52
N MET D 172 16.34 -3.79 35.22
CA MET D 172 16.91 -2.74 34.35
C MET D 172 15.92 -1.57 34.25
N LYS D 173 16.16 -0.49 34.98
CA LYS D 173 15.27 0.69 34.95
C LYS D 173 15.02 1.17 33.50
N TYR D 174 15.99 1.05 32.63
CA TYR D 174 15.85 1.50 31.22
C TYR D 174 14.82 0.61 30.50
N MET D 175 14.57 -0.61 30.96
CA MET D 175 13.46 -1.46 30.40
C MET D 175 12.16 -1.11 31.15
N HIS D 176 12.22 -0.89 32.46
CA HIS D 176 10.96 -0.59 33.22
C HIS D 176 10.26 0.63 32.64
N GLU D 177 11.02 1.63 32.23
CA GLU D 177 10.49 2.91 31.74
C GLU D 177 9.85 2.77 30.36
N GLN D 178 9.91 1.59 29.71
CA GLN D 178 9.28 1.36 28.38
C GLN D 178 8.27 0.23 28.53
N GLY D 179 7.01 0.58 28.76
CA GLY D 179 5.94 -0.41 28.98
C GLY D 179 5.19 -0.29 30.29
N ASP D 180 5.59 0.64 31.18
CA ASP D 180 4.95 0.89 32.48
C ASP D 180 5.17 -0.33 33.37
N LEU D 181 6.42 -0.71 33.55
CA LEU D 181 6.82 -1.89 34.31
C LEU D 181 7.51 -1.40 35.57
N PRO D 182 7.62 -2.21 36.64
CA PRO D 182 7.11 -3.57 36.66
C PRO D 182 5.59 -3.68 36.83
N ILE D 183 5.09 -4.80 36.37
CA ILE D 183 3.74 -5.28 36.68
C ILE D 183 3.62 -5.53 38.19
N PRO D 184 2.39 -5.67 38.69
CA PRO D 184 2.17 -5.85 40.13
C PRO D 184 2.75 -7.19 40.60
N GLY D 185 3.09 -7.25 41.89
CA GLY D 185 3.62 -8.48 42.48
C GLY D 185 5.03 -8.80 42.05
N MET D 186 5.81 -7.73 41.91
CA MET D 186 7.24 -7.76 41.56
C MET D 186 7.93 -6.82 42.55
N ALA D 187 9.06 -7.26 43.10
CA ALA D 187 9.87 -6.39 43.97
C ALA D 187 11.35 -6.67 43.67
N HIS D 188 12.23 -5.78 44.12
CA HIS D 188 13.64 -5.82 43.74
C HIS D 188 14.51 -5.49 44.95
N ILE D 189 15.59 -6.24 45.05
CA ILE D 189 16.64 -5.92 46.06
C ILE D 189 17.93 -5.55 45.32
N GLU D 190 18.86 -4.98 46.08
CA GLU D 190 20.15 -4.55 45.52
C GLU D 190 20.93 -5.80 45.10
N GLN D 191 21.82 -5.63 44.15
CA GLN D 191 22.64 -6.75 43.60
C GLN D 191 23.91 -6.91 44.44
N PRO D 192 24.43 -8.15 44.48
CA PRO D 192 25.66 -8.43 45.23
C PRO D 192 26.94 -8.01 44.50
N TRP D 193 27.05 -6.71 44.28
CA TRP D 193 28.19 -6.06 43.54
C TRP D 193 29.16 -5.49 44.58
N TRP D 194 30.14 -6.30 44.95
CA TRP D 194 31.08 -5.95 46.04
C TRP D 194 31.82 -4.64 45.69
N TYR D 195 32.29 -4.47 44.46
CA TYR D 195 33.18 -3.34 44.09
C TYR D 195 32.49 -2.02 44.46
N LYS D 196 31.18 -1.96 44.28
CA LYS D 196 30.39 -0.75 44.56
C LYS D 196 29.89 -0.73 46.01
N HIS D 197 29.31 -1.82 46.48
CA HIS D 197 28.52 -1.84 47.75
C HIS D 197 29.27 -2.50 48.89
N GLY D 198 30.51 -2.97 48.71
CA GLY D 198 31.14 -3.86 49.71
C GLY D 198 31.79 -3.07 50.84
N LYS D 199 31.92 -1.75 50.66
CA LYS D 199 32.53 -0.83 51.66
C LYS D 199 33.83 -1.46 52.18
N ASP D 200 33.91 -1.66 53.48
CA ASP D 200 35.13 -2.14 54.17
C ASP D 200 35.05 -3.64 54.43
N MET D 201 34.07 -4.34 53.89
CA MET D 201 33.90 -5.78 54.18
C MET D 201 34.84 -6.59 53.29
N THR D 202 35.17 -7.80 53.73
CA THR D 202 35.66 -8.88 52.84
C THR D 202 34.50 -9.34 51.94
N PRO D 203 34.79 -9.93 50.76
CA PRO D 203 33.73 -10.49 49.91
C PRO D 203 32.82 -11.44 50.72
N ASP D 204 33.38 -12.35 51.50
CA ASP D 204 32.58 -13.32 52.31
C ASP D 204 31.62 -12.57 53.26
N GLU D 205 32.07 -11.53 53.97
CA GLU D 205 31.17 -10.76 54.87
C GLU D 205 30.07 -10.15 54.01
N PHE D 206 30.47 -9.56 52.88
CA PHE D 206 29.52 -8.85 52.00
C PHE D 206 28.48 -9.84 51.46
N GLY D 207 28.87 -11.07 51.13
CA GLY D 207 27.88 -12.04 50.60
C GLY D 207 26.73 -12.26 51.57
N VAL D 208 27.02 -12.32 52.85
CA VAL D 208 25.99 -12.51 53.91
C VAL D 208 25.12 -11.25 53.98
N VAL D 209 25.72 -10.05 53.97
CA VAL D 209 24.95 -8.78 54.02
C VAL D 209 24.05 -8.66 52.79
N ALA D 210 24.59 -8.94 51.61
CA ALA D 210 23.82 -8.79 50.35
C ALA D 210 22.69 -9.82 50.33
N ALA D 211 22.92 -11.03 50.82
CA ALA D 211 21.83 -12.06 50.86
C ALA D 211 20.77 -11.59 51.87
N ARG D 212 21.15 -10.98 52.98
CA ARG D 212 20.16 -10.59 54.00
C ARG D 212 19.27 -9.44 53.53
N TRP D 213 19.66 -8.72 52.48
CA TRP D 213 18.74 -7.75 51.84
C TRP D 213 17.49 -8.51 51.40
N LEU D 214 17.62 -9.80 51.04
CA LEU D 214 16.40 -10.57 50.65
C LEU D 214 15.49 -10.77 51.88
N GLU D 215 16.07 -11.09 53.00
CA GLU D 215 15.28 -11.25 54.24
C GLU D 215 14.59 -9.92 54.58
N GLU D 216 15.31 -8.81 54.48
CA GLU D 216 14.72 -7.48 54.78
C GLU D 216 13.49 -7.23 53.88
N LYS D 217 13.64 -7.53 52.60
CA LYS D 217 12.54 -7.28 51.63
C LYS D 217 11.37 -8.23 51.91
N ILE D 218 11.63 -9.50 52.19
CA ILE D 218 10.56 -10.49 52.52
C ILE D 218 9.77 -9.97 53.73
N LEU D 219 10.47 -9.52 54.78
CA LEU D 219 9.79 -9.05 55.99
C LEU D 219 9.02 -7.74 55.73
N GLU D 220 9.52 -6.87 54.85
CA GLU D 220 8.86 -5.58 54.50
C GLU D 220 7.53 -5.92 53.80
N ILE D 221 7.55 -6.85 52.85
CA ILE D 221 6.34 -7.20 52.05
C ILE D 221 5.41 -8.04 52.91
N GLY D 222 5.97 -8.95 53.69
CA GLY D 222 5.23 -10.00 54.42
C GLY D 222 5.44 -11.32 53.75
N ALA D 223 6.01 -12.32 54.44
CA ALA D 223 6.33 -13.61 53.79
C ALA D 223 5.07 -14.24 53.18
N ASP D 224 3.92 -14.04 53.83
CA ASP D 224 2.64 -14.62 53.34
C ASP D 224 2.26 -14.05 51.96
N LYS D 225 2.91 -13.00 51.48
CA LYS D 225 2.65 -12.38 50.17
C LYS D 225 3.74 -12.70 49.16
N VAL D 226 4.79 -13.39 49.58
CA VAL D 226 5.95 -13.62 48.69
C VAL D 226 5.94 -15.03 48.16
N ALA D 227 5.92 -15.14 46.85
CA ALA D 227 5.90 -16.43 46.11
C ALA D 227 7.30 -16.98 45.89
N ALA D 228 8.23 -16.15 45.44
CA ALA D 228 9.53 -16.66 44.99
C ALA D 228 10.59 -15.56 44.98
N PHE D 229 11.86 -16.00 45.10
CA PHE D 229 13.02 -15.19 44.75
C PHE D 229 13.64 -15.78 43.50
N VAL D 230 14.00 -14.94 42.55
CA VAL D 230 14.53 -15.37 41.23
C VAL D 230 15.88 -14.69 41.01
N GLY D 231 16.93 -15.47 40.67
CA GLY D 231 18.19 -14.88 40.30
C GLY D 231 19.00 -15.70 39.35
N GLU D 232 19.76 -15.00 38.55
CA GLU D 232 20.87 -15.56 37.75
C GLU D 232 22.00 -15.98 38.71
N PRO D 233 22.56 -17.22 38.65
CA PRO D 233 23.68 -17.57 39.52
C PRO D 233 24.80 -16.51 39.43
N ILE D 234 25.15 -16.15 38.21
CA ILE D 234 26.01 -15.00 37.85
C ILE D 234 25.18 -14.07 36.98
N GLN D 235 25.09 -12.80 37.34
CA GLN D 235 24.35 -11.79 36.54
C GLN D 235 25.10 -11.59 35.21
N GLY D 236 24.49 -11.85 34.07
CA GLY D 236 25.17 -11.80 32.78
C GLY D 236 25.12 -10.42 32.20
N ALA D 237 23.95 -10.01 31.66
CA ALA D 237 23.76 -8.71 31.05
C ALA D 237 24.11 -7.57 31.98
N GLY D 238 24.02 -7.77 33.28
CA GLY D 238 24.37 -6.78 34.30
C GLY D 238 25.89 -6.57 34.40
N GLY D 239 26.66 -7.49 33.82
CA GLY D 239 28.15 -7.32 33.79
C GLY D 239 28.92 -8.47 34.39
N VAL D 240 28.44 -9.70 34.41
CA VAL D 240 29.15 -10.87 34.98
C VAL D 240 29.48 -10.54 36.43
N ILE D 241 28.44 -10.23 37.18
CA ILE D 241 28.55 -9.94 38.62
C ILE D 241 28.57 -11.31 39.31
N VAL D 242 29.72 -11.68 39.83
CA VAL D 242 29.99 -13.01 40.43
C VAL D 242 29.87 -12.83 41.92
N PRO D 243 28.86 -13.43 42.56
CA PRO D 243 28.67 -13.15 43.97
C PRO D 243 29.69 -13.86 44.81
N PRO D 244 29.94 -13.40 46.04
CA PRO D 244 30.82 -14.13 46.96
C PRO D 244 30.26 -15.51 47.26
N ALA D 245 31.14 -16.40 47.71
CA ALA D 245 30.86 -17.82 48.02
C ALA D 245 29.80 -17.95 49.12
N THR D 246 29.65 -16.97 50.00
CA THR D 246 28.67 -17.04 51.11
C THR D 246 27.25 -16.64 50.66
N TYR D 247 27.10 -16.01 49.50
CA TYR D 247 25.83 -15.38 49.08
C TYR D 247 24.72 -16.41 48.84
N TRP D 248 24.88 -17.31 47.86
CA TRP D 248 23.76 -18.21 47.48
C TRP D 248 23.35 -19.12 48.64
N PRO D 249 24.26 -19.68 49.49
CA PRO D 249 23.79 -20.51 50.59
C PRO D 249 22.92 -19.71 51.57
N GLU D 250 23.18 -18.42 51.74
CA GLU D 250 22.42 -17.57 52.67
C GLU D 250 21.08 -17.26 51.97
N ILE D 251 21.10 -16.90 50.70
CA ILE D 251 19.81 -16.74 49.94
C ILE D 251 18.95 -18.00 50.16
N GLU D 252 19.52 -19.18 49.96
CA GLU D 252 18.72 -20.43 50.05
C GLU D 252 18.20 -20.58 51.46
N ARG D 253 19.02 -20.33 52.47
CA ARG D 253 18.55 -20.46 53.85
C ARG D 253 17.36 -19.51 54.11
N ILE D 254 17.44 -18.32 53.58
CA ILE D 254 16.40 -17.28 53.76
C ILE D 254 15.14 -17.74 53.02
N CYS D 255 15.27 -18.24 51.81
CA CYS D 255 14.06 -18.65 51.06
C CYS D 255 13.38 -19.79 51.82
N ARG D 256 14.14 -20.79 52.29
CA ARG D 256 13.53 -21.90 53.04
C ARG D 256 12.87 -21.39 54.30
N LYS D 257 13.53 -20.47 55.04
CA LYS D 257 13.00 -19.97 56.31
C LYS D 257 11.59 -19.37 56.14
N TYR D 258 11.37 -18.65 55.07
CA TYR D 258 10.11 -17.88 54.85
C TYR D 258 9.18 -18.61 53.90
N ASP D 259 9.47 -19.87 53.51
CA ASP D 259 8.58 -20.67 52.64
C ASP D 259 8.39 -19.92 51.32
N VAL D 260 9.50 -19.49 50.75
CA VAL D 260 9.53 -18.77 49.47
C VAL D 260 10.25 -19.68 48.46
N LEU D 261 9.66 -19.91 47.30
CA LEU D 261 10.33 -20.73 46.29
C LEU D 261 11.59 -20.05 45.80
N LEU D 262 12.55 -20.87 45.39
CA LEU D 262 13.89 -20.40 44.95
C LEU D 262 14.01 -20.75 43.49
N VAL D 263 14.21 -19.76 42.63
CA VAL D 263 14.28 -19.99 41.16
C VAL D 263 15.65 -19.52 40.66
N ALA D 264 16.39 -20.42 39.98
CA ALA D 264 17.62 -20.00 39.27
C ALA D 264 17.25 -19.66 37.84
N ASP D 265 17.73 -18.53 37.33
CA ASP D 265 17.63 -18.23 35.89
C ASP D 265 18.96 -18.71 35.25
N GLU D 266 18.92 -19.86 34.62
CA GLU D 266 20.10 -20.56 34.03
C GLU D 266 20.19 -20.28 32.54
N VAL D 267 19.54 -19.24 32.07
CA VAL D 267 19.53 -19.01 30.60
C VAL D 267 20.97 -18.81 30.10
N ILE D 268 21.83 -18.14 30.86
CA ILE D 268 23.29 -18.00 30.48
C ILE D 268 24.09 -19.11 31.14
N CYS D 269 23.94 -19.33 32.45
CA CYS D 269 24.91 -20.20 33.18
C CYS D 269 24.68 -21.66 32.79
N GLY D 270 23.52 -21.99 32.18
CA GLY D 270 23.18 -23.40 31.95
C GLY D 270 23.97 -24.01 30.80
N PHE D 271 24.04 -25.30 30.78
CA PHE D 271 24.64 -26.10 29.68
C PHE D 271 26.16 -25.82 29.60
N GLY D 272 26.77 -25.69 30.76
CA GLY D 272 28.22 -25.89 30.90
C GLY D 272 29.05 -24.62 31.08
N ARG D 273 28.44 -23.45 31.11
CA ARG D 273 29.14 -22.16 31.01
C ARG D 273 30.10 -22.00 32.20
N THR D 274 29.75 -22.50 33.39
CA THR D 274 30.58 -22.37 34.61
C THR D 274 31.50 -23.58 34.78
N GLY D 275 31.41 -24.61 33.94
CA GLY D 275 32.09 -25.88 34.14
C GLY D 275 31.22 -26.92 34.83
N GLU D 276 30.21 -26.50 35.56
CA GLU D 276 29.16 -27.44 35.99
C GLU D 276 28.10 -27.43 34.88
N TRP D 277 27.21 -28.38 34.87
CA TRP D 277 26.07 -28.31 33.91
C TRP D 277 25.26 -27.00 34.14
N PHE D 278 25.02 -26.64 35.40
CA PHE D 278 24.21 -25.47 35.76
C PHE D 278 24.92 -24.60 36.78
N GLY D 279 24.73 -23.29 36.67
CA GLY D 279 25.36 -22.34 37.60
C GLY D 279 25.01 -22.64 39.04
N HIS D 280 23.79 -23.05 39.35
CA HIS D 280 23.41 -23.31 40.76
C HIS D 280 24.23 -24.46 41.34
N GLN D 281 24.76 -25.35 40.52
CA GLN D 281 25.59 -26.47 41.01
C GLN D 281 26.96 -25.90 41.40
N HIS D 282 27.47 -24.95 40.65
CA HIS D 282 28.77 -24.34 40.99
C HIS D 282 28.65 -23.63 42.34
N PHE D 283 27.59 -22.85 42.53
CA PHE D 283 27.41 -22.01 43.75
C PHE D 283 26.80 -22.83 44.90
N GLY D 284 26.33 -24.04 44.64
CA GLY D 284 25.91 -25.00 45.67
C GLY D 284 24.57 -24.68 46.26
N PHE D 285 23.56 -24.31 45.45
CA PHE D 285 22.20 -24.12 45.99
C PHE D 285 21.25 -25.00 45.17
N GLN D 286 20.08 -25.29 45.74
CA GLN D 286 19.10 -26.22 45.12
C GLN D 286 17.82 -25.44 44.84
N PRO D 287 17.61 -24.95 43.61
CA PRO D 287 16.37 -24.24 43.28
C PRO D 287 15.19 -25.21 43.10
N ASP D 288 13.99 -24.66 43.28
CA ASP D 288 12.70 -25.38 43.09
C ASP D 288 12.36 -25.47 41.60
N LEU D 289 12.84 -24.52 40.81
CA LEU D 289 12.63 -24.48 39.35
C LEU D 289 13.79 -23.73 38.76
N PHE D 290 14.08 -23.94 37.48
CA PHE D 290 15.06 -23.05 36.81
C PHE D 290 14.72 -22.93 35.35
N THR D 291 15.06 -21.77 34.79
CA THR D 291 14.74 -21.38 33.40
C THR D 291 16.00 -21.56 32.52
N ALA D 292 15.81 -21.94 31.28
CA ALA D 292 16.90 -22.25 30.36
C ALA D 292 16.57 -21.77 28.95
N ALA D 293 17.61 -21.56 28.15
CA ALA D 293 17.50 -21.34 26.69
C ALA D 293 18.93 -21.33 26.16
N LYS D 294 19.29 -20.43 25.26
CA LYS D 294 20.70 -20.27 24.79
C LYS D 294 21.42 -21.63 24.62
N GLY D 295 22.30 -21.99 25.54
CA GLY D 295 23.17 -23.17 25.42
C GLY D 295 22.40 -24.45 25.25
N LEU D 296 21.10 -24.47 25.58
CA LEU D 296 20.24 -25.68 25.42
C LEU D 296 20.37 -26.20 23.98
N SER D 297 20.45 -25.33 22.97
CA SER D 297 20.61 -25.70 21.56
C SER D 297 21.84 -25.05 20.93
N SER D 298 22.74 -24.53 21.77
CA SER D 298 23.88 -23.70 21.28
C SER D 298 23.41 -22.57 20.34
N GLY D 299 22.14 -22.13 20.50
CA GLY D 299 21.58 -21.10 19.63
C GLY D 299 21.30 -21.57 18.21
N TYR D 300 21.49 -22.86 17.90
CA TYR D 300 21.35 -23.32 16.50
C TYR D 300 19.87 -23.22 16.06
N LEU D 301 18.92 -23.35 16.99
CA LEU D 301 17.48 -23.08 16.73
C LEU D 301 16.87 -22.60 18.03
N PRO D 302 15.78 -21.82 17.97
CA PRO D 302 15.19 -21.28 19.17
C PRO D 302 14.43 -22.33 19.97
N ILE D 303 14.78 -22.45 21.23
CA ILE D 303 14.11 -23.33 22.20
C ILE D 303 14.48 -22.88 23.60
N GLY D 304 13.51 -22.89 24.50
CA GLY D 304 13.77 -22.65 25.93
C GLY D 304 13.06 -23.69 26.74
N ALA D 305 13.25 -23.65 28.04
CA ALA D 305 12.59 -24.63 28.92
C ALA D 305 12.50 -24.07 30.33
N VAL D 306 11.51 -24.57 31.06
CA VAL D 306 11.40 -24.47 32.50
C VAL D 306 11.58 -25.88 33.04
N PHE D 307 12.60 -26.06 33.89
CA PHE D 307 12.86 -27.33 34.57
C PHE D 307 12.16 -27.26 35.91
N VAL D 308 11.22 -28.18 36.14
CA VAL D 308 10.31 -28.07 37.29
C VAL D 308 10.67 -29.15 38.31
N GLY D 309 11.07 -28.75 39.53
CA GLY D 309 11.41 -29.69 40.58
C GLY D 309 10.17 -30.42 41.06
N LYS D 310 10.35 -31.45 41.86
CA LYS D 310 9.27 -32.35 42.26
C LYS D 310 8.16 -31.62 43.02
N ARG D 311 8.48 -30.76 43.99
CA ARG D 311 7.48 -30.09 44.83
C ARG D 311 6.56 -29.25 43.93
N VAL D 312 7.12 -28.39 43.08
CA VAL D 312 6.29 -27.51 42.23
C VAL D 312 5.58 -28.36 41.18
N ALA D 313 6.21 -29.36 40.60
CA ALA D 313 5.57 -30.23 39.59
C ALA D 313 4.31 -30.87 40.18
N GLU D 314 4.41 -31.42 41.38
CA GLU D 314 3.27 -32.10 42.04
C GLU D 314 2.14 -31.10 42.26
N GLY D 315 2.47 -29.88 42.68
CA GLY D 315 1.44 -28.84 42.86
C GLY D 315 0.77 -28.48 41.56
N LEU D 316 1.52 -28.32 40.47
CA LEU D 316 0.90 -27.96 39.16
C LEU D 316 0.00 -29.10 38.72
N ILE D 317 0.48 -30.34 38.89
CA ILE D 317 -0.27 -31.53 38.43
C ILE D 317 -1.57 -31.63 39.27
N ALA D 318 -1.51 -31.38 40.57
CA ALA D 318 -2.71 -31.40 41.45
C ALA D 318 -3.70 -30.28 41.08
N GLY D 319 -3.31 -29.28 40.31
CA GLY D 319 -4.20 -28.18 39.92
C GLY D 319 -5.03 -28.42 38.67
N GLY D 320 -4.93 -29.57 38.02
CA GLY D 320 -5.69 -29.82 36.80
C GLY D 320 -5.15 -29.01 35.64
N ASP D 321 -5.98 -28.33 34.86
CA ASP D 321 -5.53 -27.65 33.62
C ASP D 321 -4.51 -26.54 33.96
N PHE D 322 -3.42 -26.48 33.20
CA PHE D 322 -2.45 -25.37 33.25
C PHE D 322 -2.62 -24.59 31.94
N ASN D 323 -3.27 -23.42 32.02
CA ASN D 323 -3.83 -22.72 30.85
C ASN D 323 -2.77 -21.80 30.25
N HIS D 324 -1.73 -22.39 29.74
CA HIS D 324 -0.49 -21.74 29.40
C HIS D 324 0.23 -22.55 28.31
N GLY D 325 0.93 -21.83 27.44
CA GLY D 325 1.87 -22.45 26.51
C GLY D 325 1.83 -21.78 25.14
N PHE D 326 2.76 -22.20 24.29
CA PHE D 326 3.09 -21.53 23.00
C PHE D 326 2.91 -22.53 21.87
N THR D 327 2.42 -22.06 20.73
CA THR D 327 2.20 -22.90 19.54
C THR D 327 3.43 -23.78 19.28
N TYR D 328 4.64 -23.23 19.34
CA TYR D 328 5.87 -23.91 18.97
C TYR D 328 6.51 -24.59 20.19
N SER D 329 5.85 -24.60 21.35
CA SER D 329 6.32 -25.38 22.52
C SER D 329 6.61 -26.83 22.06
N GLY D 330 7.87 -27.25 22.23
CA GLY D 330 8.33 -28.62 21.92
C GLY D 330 8.65 -28.80 20.47
N HIS D 331 8.76 -27.71 19.69
CA HIS D 331 8.88 -27.79 18.23
C HIS D 331 9.77 -28.95 17.83
N PRO D 332 9.34 -29.90 16.97
CA PRO D 332 10.16 -31.08 16.69
C PRO D 332 11.56 -30.83 16.16
N VAL D 333 11.70 -29.85 15.26
CA VAL D 333 13.04 -29.59 14.64
C VAL D 333 13.94 -28.97 15.69
N CYS D 334 13.43 -27.98 16.45
CA CYS D 334 14.20 -27.39 17.54
C CYS D 334 14.59 -28.47 18.55
N ALA D 335 13.67 -29.36 18.90
CA ALA D 335 13.91 -30.43 19.91
C ALA D 335 15.00 -31.37 19.38
N ALA D 336 14.98 -31.68 18.10
CA ALA D 336 15.96 -32.62 17.52
C ALA D 336 17.35 -31.98 17.60
N VAL D 337 17.45 -30.68 17.28
CA VAL D 337 18.76 -29.96 17.35
C VAL D 337 19.19 -29.89 18.82
N ALA D 338 18.29 -29.52 19.74
CA ALA D 338 18.67 -29.43 21.18
C ALA D 338 19.19 -30.79 21.64
N HIS D 339 18.57 -31.88 21.18
CA HIS D 339 18.94 -33.26 21.56
C HIS D 339 20.39 -33.50 21.08
N ALA D 340 20.67 -33.16 19.82
CA ALA D 340 22.04 -33.37 19.24
C ALA D 340 23.02 -32.54 20.08
N ASN D 341 22.63 -31.31 20.42
CA ASN D 341 23.52 -30.38 21.14
C ASN D 341 23.82 -30.91 22.56
N VAL D 342 22.81 -31.30 23.32
CA VAL D 342 23.00 -31.78 24.71
C VAL D 342 23.79 -33.08 24.68
N ALA D 343 23.48 -33.97 23.74
CA ALA D 343 24.25 -35.22 23.58
C ALA D 343 25.71 -34.88 23.32
N ALA D 344 26.01 -33.88 22.48
CA ALA D 344 27.41 -33.52 22.17
C ALA D 344 28.09 -32.94 23.42
N LEU D 345 27.39 -32.06 24.15
CA LEU D 345 27.95 -31.45 25.37
C LEU D 345 28.37 -32.55 26.34
N ARG D 346 27.57 -33.59 26.51
CA ARG D 346 27.91 -34.72 27.40
C ARG D 346 28.93 -35.68 26.73
N ASP D 347 28.59 -36.23 25.57
CA ASP D 347 29.27 -37.41 25.02
C ASP D 347 30.64 -37.01 24.48
N GLU D 348 30.81 -35.78 23.99
CA GLU D 348 32.12 -35.30 23.53
C GLU D 348 32.90 -34.65 24.67
N GLY D 349 32.40 -34.70 25.91
CA GLY D 349 33.16 -34.23 27.08
C GLY D 349 33.37 -32.73 27.10
N ILE D 350 32.50 -31.96 26.46
CA ILE D 350 32.66 -30.47 26.32
C ILE D 350 32.51 -29.81 27.69
N VAL D 351 31.51 -30.19 28.47
CA VAL D 351 31.24 -29.56 29.79
C VAL D 351 32.39 -29.99 30.71
N GLN D 352 32.74 -31.27 30.71
CA GLN D 352 33.84 -31.79 31.56
C GLN D 352 35.11 -30.99 31.24
N ARG D 353 35.37 -30.70 29.97
CA ARG D 353 36.60 -30.01 29.55
C ARG D 353 36.58 -28.58 30.11
N VAL D 354 35.41 -27.96 30.21
CA VAL D 354 35.35 -26.62 30.83
C VAL D 354 35.78 -26.75 32.29
N LYS D 355 35.24 -27.71 33.01
CA LYS D 355 35.54 -27.87 34.45
C LYS D 355 37.05 -28.14 34.64
N ASP D 356 37.63 -29.04 33.85
CA ASP D 356 38.96 -29.66 34.13
C ASP D 356 40.11 -28.95 33.42
N ASP D 357 39.86 -28.33 32.29
CA ASP D 357 40.94 -27.96 31.35
C ASP D 357 40.77 -26.49 30.95
N ILE D 358 39.81 -26.17 30.08
CA ILE D 358 39.82 -24.85 29.40
C ILE D 358 39.34 -23.78 30.40
N GLY D 359 38.43 -24.11 31.33
CA GLY D 359 37.92 -23.14 32.32
C GLY D 359 39.08 -22.63 33.18
N PRO D 360 39.79 -23.52 33.88
CA PRO D 360 40.95 -23.09 34.69
C PRO D 360 42.02 -22.33 33.90
N TYR D 361 42.29 -22.75 32.67
CA TYR D 361 43.27 -22.07 31.79
C TYR D 361 42.77 -20.66 31.48
N MET D 362 41.52 -20.51 31.06
CA MET D 362 40.96 -19.18 30.74
C MET D 362 41.06 -18.31 31.99
N GLN D 363 40.69 -18.83 33.14
CA GLN D 363 40.54 -17.96 34.35
C GLN D 363 41.95 -17.46 34.72
N LYS D 364 42.93 -18.33 34.62
CA LYS D 364 44.35 -17.96 34.91
C LYS D 364 44.83 -16.91 33.91
N ARG D 365 44.69 -17.16 32.62
CA ARG D 365 45.21 -16.30 31.55
C ARG D 365 44.44 -14.96 31.54
N TRP D 366 43.13 -14.98 31.80
CA TRP D 366 42.30 -13.75 31.89
C TRP D 366 42.88 -12.82 32.97
N ARG D 367 43.07 -13.37 34.15
CA ARG D 367 43.65 -12.61 35.30
C ARG D 367 45.08 -12.18 34.97
N GLU D 368 45.87 -13.03 34.32
CA GLU D 368 47.27 -12.67 33.99
C GLU D 368 47.26 -11.51 32.99
N THR D 369 46.31 -11.47 32.07
CA THR D 369 46.31 -10.50 30.96
C THR D 369 45.86 -9.14 31.49
N PHE D 370 44.78 -9.06 32.28
CA PHE D 370 44.13 -7.75 32.55
C PHE D 370 44.61 -7.12 33.89
N SER D 371 45.10 -7.89 34.84
CA SER D 371 45.24 -7.38 36.23
C SER D 371 46.25 -6.22 36.28
N ARG D 372 47.13 -6.08 35.30
CA ARG D 372 48.22 -5.05 35.33
C ARG D 372 47.73 -3.66 34.89
N PHE D 373 46.61 -3.54 34.18
CA PHE D 373 46.22 -2.26 33.54
C PHE D 373 45.75 -1.27 34.61
N GLU D 374 46.20 -0.03 34.46
CA GLU D 374 45.95 1.10 35.38
C GLU D 374 44.43 1.37 35.54
N HIS D 375 43.64 1.17 34.49
CA HIS D 375 42.21 1.52 34.50
C HIS D 375 41.35 0.25 34.44
N VAL D 376 41.86 -0.88 34.89
CA VAL D 376 41.12 -2.17 34.99
C VAL D 376 41.13 -2.65 36.43
N ASP D 377 39.98 -3.05 36.95
CA ASP D 377 39.93 -3.68 38.30
C ASP D 377 38.84 -4.75 38.33
N ASP D 378 38.78 -5.48 39.43
CA ASP D 378 37.71 -6.47 39.71
C ASP D 378 37.72 -7.52 38.58
N VAL D 379 38.89 -8.01 38.23
CA VAL D 379 39.06 -9.07 37.20
C VAL D 379 38.49 -10.35 37.80
N ARG D 380 37.58 -11.03 37.09
CA ARG D 380 36.73 -12.07 37.71
C ARG D 380 36.25 -13.05 36.65
N GLY D 381 35.64 -14.14 37.08
CA GLY D 381 35.05 -15.14 36.18
C GLY D 381 35.10 -16.53 36.78
N VAL D 382 34.37 -17.45 36.13
CA VAL D 382 34.31 -18.87 36.51
C VAL D 382 34.14 -19.61 35.18
N GLY D 383 34.86 -20.71 34.97
CA GLY D 383 34.60 -21.56 33.80
C GLY D 383 34.92 -20.82 32.52
N MET D 384 33.91 -20.52 31.69
CA MET D 384 34.11 -19.78 30.45
C MET D 384 33.27 -18.51 30.41
N VAL D 385 32.97 -17.94 31.57
CA VAL D 385 32.42 -16.56 31.62
C VAL D 385 33.38 -15.72 32.50
N GLN D 386 33.81 -14.59 31.98
CA GLN D 386 34.78 -13.75 32.71
C GLN D 386 34.56 -12.28 32.34
N ALA D 387 35.13 -11.40 33.16
CA ALA D 387 34.85 -9.95 33.03
C ALA D 387 35.91 -9.16 33.79
N PHE D 388 35.85 -7.84 33.58
CA PHE D 388 36.54 -6.87 34.44
C PHE D 388 35.75 -5.57 34.35
N THR D 389 36.12 -4.61 35.18
CA THR D 389 35.51 -3.26 35.19
C THR D 389 36.58 -2.24 34.84
N LEU D 390 36.24 -1.30 33.97
CA LEU D 390 37.05 -0.11 33.68
C LEU D 390 36.82 0.90 34.80
N VAL D 391 37.91 1.34 35.45
CA VAL D 391 37.80 2.26 36.62
C VAL D 391 38.68 3.49 36.42
N LYS D 392 38.29 4.59 37.03
CA LYS D 392 39.02 5.87 36.95
C LYS D 392 40.25 5.80 37.85
N ASN D 393 40.13 5.25 39.05
CA ASN D 393 41.25 5.18 40.03
C ASN D 393 41.13 3.87 40.81
N LYS D 394 42.02 2.93 40.54
CA LYS D 394 42.03 1.58 41.16
C LYS D 394 42.26 1.71 42.68
N ALA D 395 43.20 2.55 43.05
CA ALA D 395 43.56 2.74 44.47
C ALA D 395 42.26 3.08 45.26
N LYS D 396 41.42 3.98 44.73
CA LYS D 396 40.24 4.50 45.47
C LYS D 396 39.02 3.66 45.15
N ARG D 397 39.14 2.69 44.24
CA ARG D 397 37.97 1.97 43.65
C ARG D 397 36.94 3.02 43.17
N GLU D 398 37.42 4.05 42.49
CA GLU D 398 36.56 5.11 41.91
C GLU D 398 36.18 4.71 40.48
N LEU D 399 34.88 4.61 40.19
CA LEU D 399 34.33 4.37 38.84
C LEU D 399 34.34 5.67 38.04
N PHE D 400 34.30 5.56 36.72
CA PHE D 400 34.07 6.69 35.81
C PHE D 400 32.65 7.22 36.01
N PRO D 401 32.45 8.54 35.82
CA PRO D 401 31.12 9.13 35.82
C PRO D 401 30.38 8.62 34.57
N ASP D 402 29.06 8.73 34.54
CA ASP D 402 28.26 8.41 33.32
C ASP D 402 28.58 6.96 32.92
N PHE D 403 28.58 6.07 33.93
CA PHE D 403 28.91 4.62 33.81
C PHE D 403 28.32 4.12 32.50
N GLY D 404 29.16 3.60 31.60
CA GLY D 404 28.70 3.14 30.28
C GLY D 404 29.45 3.86 29.16
N GLU D 405 29.72 5.16 29.31
CA GLU D 405 30.42 5.91 28.23
C GLU D 405 31.81 5.34 28.01
N ILE D 406 32.54 5.04 29.07
CA ILE D 406 33.94 4.56 28.91
C ILE D 406 33.92 3.12 28.42
N GLY D 407 32.97 2.31 28.86
CA GLY D 407 32.78 0.93 28.39
C GLY D 407 32.49 0.90 26.90
N THR D 408 31.69 1.84 26.40
CA THR D 408 31.39 1.96 24.95
C THR D 408 32.66 2.27 24.16
N LEU D 409 33.51 3.19 24.64
CA LEU D 409 34.78 3.53 23.98
C LEU D 409 35.62 2.25 23.84
N CYS D 410 35.70 1.45 24.91
CA CYS D 410 36.59 0.27 24.96
C CYS D 410 36.02 -0.81 24.02
N ARG D 411 34.70 -1.01 24.08
CA ARG D 411 34.03 -2.03 23.25
C ARG D 411 34.24 -1.69 21.77
N ASP D 412 34.12 -0.42 21.40
CA ASP D 412 34.30 0.06 20.00
C ASP D 412 35.72 -0.25 19.51
N ILE D 413 36.72 -0.12 20.37
CA ILE D 413 38.11 -0.45 20.00
C ILE D 413 38.17 -1.94 19.67
N PHE D 414 37.66 -2.78 20.54
CA PHE D 414 37.63 -4.25 20.32
C PHE D 414 36.99 -4.53 18.95
N PHE D 415 35.80 -3.98 18.70
CA PHE D 415 34.97 -4.33 17.51
C PHE D 415 35.74 -3.92 16.24
N ARG D 416 36.38 -2.75 16.23
CA ARG D 416 37.23 -2.27 15.12
C ARG D 416 38.45 -3.17 14.94
N ASN D 417 38.92 -3.84 15.99
CA ASN D 417 40.05 -4.80 15.92
C ASN D 417 39.54 -6.26 15.80
N ASN D 418 38.29 -6.45 15.36
CA ASN D 418 37.79 -7.78 14.93
C ASN D 418 37.69 -8.72 16.15
N LEU D 419 37.37 -8.17 17.32
CA LEU D 419 37.19 -8.96 18.55
C LEU D 419 35.84 -8.56 19.15
N ILE D 420 34.99 -9.53 19.42
N ILE D 420 35.03 -9.55 19.49
CA ILE D 420 33.66 -9.26 20.03
CA ILE D 420 33.66 -9.32 20.05
C ILE D 420 33.67 -9.59 21.53
C ILE D 420 33.58 -9.64 21.56
N MET D 421 33.73 -8.54 22.34
CA MET D 421 33.52 -8.60 23.79
C MET D 421 32.63 -7.41 24.04
N ARG D 422 31.71 -7.57 24.98
CA ARG D 422 30.60 -6.62 25.16
C ARG D 422 30.91 -5.72 26.36
N ALA D 423 30.38 -4.51 26.33
CA ALA D 423 30.35 -3.61 27.46
C ALA D 423 28.96 -3.65 28.10
N CYS D 424 28.91 -3.83 29.39
CA CYS D 424 27.68 -3.70 30.19
C CYS D 424 27.97 -2.57 31.15
N GLY D 425 27.50 -1.36 30.86
CA GLY D 425 28.05 -0.15 31.50
C GLY D 425 29.56 -0.12 31.27
N ASP D 426 30.39 0.00 32.32
CA ASP D 426 31.86 0.00 32.18
C ASP D 426 32.44 -1.37 32.51
N HIS D 427 31.60 -2.40 32.67
CA HIS D 427 32.06 -3.80 32.73
C HIS D 427 32.36 -4.25 31.28
N ILE D 428 33.46 -4.96 31.11
CA ILE D 428 33.75 -5.69 29.85
C ILE D 428 33.60 -7.17 30.13
N VAL D 429 32.88 -7.87 29.27
CA VAL D 429 32.46 -9.26 29.52
C VAL D 429 32.78 -10.11 28.29
N SER D 430 33.01 -11.39 28.54
CA SER D 430 33.35 -12.39 27.53
C SER D 430 32.72 -13.72 27.92
N ALA D 431 32.19 -14.42 26.93
CA ALA D 431 31.58 -15.76 27.08
C ALA D 431 31.77 -16.49 25.74
N PRO D 432 33.01 -16.94 25.40
CA PRO D 432 33.27 -17.54 24.08
C PRO D 432 32.75 -18.95 23.98
N PRO D 433 32.74 -19.56 22.80
CA PRO D 433 32.30 -20.95 22.71
C PRO D 433 33.10 -21.82 23.68
N LEU D 434 32.46 -22.82 24.27
CA LEU D 434 33.08 -23.67 25.31
C LEU D 434 34.22 -24.54 24.72
N VAL D 435 34.15 -24.78 23.41
CA VAL D 435 35.11 -25.62 22.65
C VAL D 435 36.37 -24.80 22.31
N MET D 436 36.45 -23.50 22.64
CA MET D 436 37.63 -22.68 22.33
C MET D 436 38.90 -23.42 22.84
N THR D 437 39.94 -23.45 22.03
CA THR D 437 41.23 -24.13 22.38
C THR D 437 42.08 -23.19 23.24
N ARG D 438 43.07 -23.74 23.90
CA ARG D 438 44.02 -22.89 24.67
C ARG D 438 44.67 -21.87 23.71
N ALA D 439 45.03 -22.31 22.52
CA ALA D 439 45.69 -21.45 21.51
C ALA D 439 44.74 -20.30 21.12
N GLU D 440 43.47 -20.64 20.93
CA GLU D 440 42.50 -19.59 20.61
C GLU D 440 42.49 -18.60 21.82
N VAL D 441 42.49 -19.11 23.05
CA VAL D 441 42.30 -18.25 24.26
C VAL D 441 43.46 -17.24 24.25
N ASP D 442 44.66 -17.73 23.94
CA ASP D 442 45.85 -16.85 23.90
C ASP D 442 45.69 -15.85 22.74
N GLU D 443 45.21 -16.28 21.59
CA GLU D 443 45.02 -15.37 20.42
C GLU D 443 44.02 -14.24 20.82
N MET D 444 42.88 -14.63 21.39
CA MET D 444 41.84 -13.65 21.85
C MET D 444 42.45 -12.66 22.85
N LEU D 445 43.17 -13.17 23.85
CA LEU D 445 43.73 -12.30 24.91
C LEU D 445 44.84 -11.39 24.35
N ALA D 446 45.59 -11.84 23.36
CA ALA D 446 46.63 -10.99 22.72
C ALA D 446 45.98 -9.81 22.00
N VAL D 447 44.86 -10.02 21.29
CA VAL D 447 44.15 -8.90 20.63
C VAL D 447 43.55 -7.99 21.74
N ALA D 448 42.93 -8.57 22.76
CA ALA D 448 42.33 -7.77 23.86
C ALA D 448 43.40 -6.91 24.53
N GLU D 449 44.58 -7.46 24.76
CA GLU D 449 45.67 -6.74 25.46
C GLU D 449 46.08 -5.51 24.62
N ARG D 450 46.29 -5.69 23.32
CA ARG D 450 46.67 -4.58 22.41
C ARG D 450 45.54 -3.53 22.41
N CYS D 451 44.28 -3.96 22.44
CA CYS D 451 43.12 -3.02 22.47
C CYS D 451 43.13 -2.23 23.78
N LEU D 452 43.46 -2.86 24.90
CA LEU D 452 43.50 -2.13 26.21
C LEU D 452 44.65 -1.14 26.22
N GLU D 453 45.78 -1.47 25.62
CA GLU D 453 46.92 -0.51 25.52
C GLU D 453 46.44 0.73 24.74
N GLU D 454 45.75 0.52 23.62
CA GLU D 454 45.18 1.64 22.82
C GLU D 454 44.18 2.41 23.69
N PHE D 455 43.35 1.69 24.44
CA PHE D 455 42.32 2.30 25.32
C PHE D 455 43.02 3.22 26.35
N GLU D 456 44.06 2.73 27.02
CA GLU D 456 44.80 3.53 28.03
C GLU D 456 45.41 4.76 27.33
N GLN D 457 45.99 4.61 26.14
CA GLN D 457 46.58 5.76 25.40
C GLN D 457 45.46 6.76 25.09
N THR D 458 44.26 6.33 24.70
CA THR D 458 43.17 7.26 24.28
C THR D 458 42.58 7.97 25.50
N LEU D 459 42.44 7.27 26.63
CA LEU D 459 42.04 7.87 27.93
C LEU D 459 42.94 9.06 28.26
N LYS D 460 44.24 8.81 28.26
CA LYS D 460 45.29 9.81 28.58
C LYS D 460 45.20 10.94 27.56
N ALA D 461 45.16 10.62 26.27
CA ALA D 461 45.12 11.62 25.16
C ALA D 461 43.93 12.57 25.39
N ARG D 462 42.81 12.06 25.88
CA ARG D 462 41.55 12.83 25.99
C ARG D 462 41.41 13.47 27.37
N GLY D 463 42.37 13.29 28.27
CA GLY D 463 42.24 13.66 29.71
C GLY D 463 41.33 12.69 30.45
N LEU D 464 41.91 11.62 31.02
CA LEU D 464 41.37 10.83 32.18
C LEU D 464 42.33 9.67 32.49
#